data_1UM1
#
_entry.id   1UM1
#
_entity_poly.entity_id   1
_entity_poly.type   'polypeptide(L)'
_entity_poly.pdbx_seq_one_letter_code
;GSSGSSGYVFTVELERGPSGLGMGLIDGMHTHLGAPGLYIQTLLPGSPAAADGRLSLGDRILEVNGSSLLGLGYLRAVDL
IRHGGKKMRFLVAKSDVETAKKIHSGPSSG
;
_entity_poly.pdbx_strand_id   A
#
# COMPACT_ATOMS: atom_id res chain seq x y z
N GLY A 1 2.81 -24.25 -1.86
CA GLY A 1 2.17 -24.17 -0.56
C GLY A 1 0.84 -23.43 -0.66
N SER A 2 0.39 -22.94 0.49
CA SER A 2 -0.86 -22.21 0.55
C SER A 2 -0.77 -21.07 1.56
N SER A 3 -0.46 -21.43 2.78
CA SER A 3 -0.32 -20.45 3.85
C SER A 3 -1.66 -19.74 4.08
N GLY A 4 -1.82 -19.20 5.28
CA GLY A 4 -3.04 -18.50 5.63
C GLY A 4 -2.89 -17.79 6.98
N SER A 5 -4.00 -17.27 7.46
CA SER A 5 -4.02 -16.57 8.73
C SER A 5 -3.20 -15.28 8.64
N SER A 6 -3.68 -14.26 9.32
CA SER A 6 -3.00 -12.97 9.32
C SER A 6 -1.71 -13.05 10.13
N GLY A 7 -0.96 -11.97 10.10
CA GLY A 7 0.30 -11.90 10.82
C GLY A 7 0.37 -10.65 11.70
N TYR A 8 1.40 -9.85 11.46
CA TYR A 8 1.59 -8.63 12.22
C TYR A 8 1.59 -7.40 11.29
N VAL A 9 1.22 -6.27 11.86
CA VAL A 9 1.17 -5.03 11.11
C VAL A 9 2.35 -4.15 11.52
N PHE A 10 2.74 -3.28 10.59
CA PHE A 10 3.85 -2.38 10.84
C PHE A 10 3.55 -0.98 10.28
N THR A 11 3.93 0.02 11.05
CA THR A 11 3.72 1.41 10.64
C THR A 11 4.85 1.87 9.72
N VAL A 12 4.58 2.95 9.00
CA VAL A 12 5.56 3.50 8.08
C VAL A 12 5.52 5.03 8.16
N GLU A 13 6.59 5.59 8.69
CA GLU A 13 6.68 7.04 8.83
C GLU A 13 7.67 7.61 7.81
N LEU A 14 7.13 8.34 6.85
CA LEU A 14 7.94 8.94 5.81
C LEU A 14 7.68 10.45 5.75
N GLU A 15 8.50 11.13 4.98
CA GLU A 15 8.36 12.57 4.83
C GLU A 15 8.03 12.94 3.38
N ARG A 16 6.84 13.49 3.20
CA ARG A 16 6.40 13.87 1.86
C ARG A 16 7.56 14.47 1.07
N GLY A 17 8.06 13.69 0.12
CA GLY A 17 9.17 14.13 -0.70
C GLY A 17 8.73 15.24 -1.66
N PRO A 18 9.67 15.63 -2.57
CA PRO A 18 9.39 16.67 -3.54
C PRO A 18 8.47 16.16 -4.65
N SER A 19 8.27 14.84 -4.64
CA SER A 19 7.42 14.22 -5.64
C SER A 19 6.12 13.74 -5.01
N GLY A 20 6.03 13.93 -3.70
CA GLY A 20 4.85 13.54 -2.96
C GLY A 20 4.89 12.04 -2.62
N LEU A 21 6.03 11.61 -2.11
CA LEU A 21 6.21 10.21 -1.75
C LEU A 21 6.57 9.41 -3.00
N GLY A 22 5.95 8.25 -3.11
CA GLY A 22 6.19 7.38 -4.25
C GLY A 22 5.65 5.96 -3.99
N MET A 23 4.34 5.88 -3.87
CA MET A 23 3.69 4.61 -3.62
C MET A 23 2.54 4.37 -4.60
N GLY A 24 2.82 3.57 -5.61
CA GLY A 24 1.82 3.25 -6.63
C GLY A 24 0.73 2.34 -6.05
N LEU A 25 -0.12 2.93 -5.23
CA LEU A 25 -1.21 2.19 -4.61
C LEU A 25 -2.35 2.06 -5.61
N ILE A 26 -2.98 0.89 -5.58
CA ILE A 26 -4.10 0.61 -6.47
C ILE A 26 -5.20 -0.11 -5.71
N ASP A 27 -6.42 0.07 -6.19
CA ASP A 27 -7.57 -0.56 -5.56
C ASP A 27 -7.52 -2.07 -5.80
N GLY A 28 -7.53 -2.82 -4.71
CA GLY A 28 -7.49 -4.27 -4.80
C GLY A 28 -8.47 -4.79 -5.84
N MET A 29 -9.53 -4.02 -6.04
CA MET A 29 -10.56 -4.39 -7.00
C MET A 29 -10.00 -4.37 -8.42
N HIS A 30 -9.08 -3.44 -8.64
CA HIS A 30 -8.46 -3.30 -9.96
C HIS A 30 -7.48 -4.45 -10.18
N THR A 31 -6.80 -4.82 -9.11
CA THR A 31 -5.83 -5.90 -9.18
C THR A 31 -6.54 -7.26 -9.10
N HIS A 32 -5.87 -8.27 -9.64
CA HIS A 32 -6.42 -9.61 -9.64
C HIS A 32 -7.04 -9.91 -8.27
N LEU A 33 -6.42 -9.37 -7.24
CA LEU A 33 -6.89 -9.56 -5.88
C LEU A 33 -8.42 -9.49 -5.87
N GLY A 34 -8.94 -8.58 -6.69
CA GLY A 34 -10.39 -8.41 -6.78
C GLY A 34 -11.00 -8.19 -5.40
N ALA A 35 -10.16 -7.79 -4.47
CA ALA A 35 -10.60 -7.54 -3.11
C ALA A 35 -10.57 -6.04 -2.83
N PRO A 36 -11.44 -5.61 -1.86
CA PRO A 36 -11.52 -4.21 -1.49
C PRO A 36 -10.31 -3.79 -0.65
N GLY A 37 -9.92 -2.54 -0.80
CA GLY A 37 -8.79 -2.01 -0.06
C GLY A 37 -7.66 -1.59 -1.00
N LEU A 38 -6.75 -0.80 -0.46
CA LEU A 38 -5.62 -0.31 -1.24
C LEU A 38 -4.43 -1.26 -1.06
N TYR A 39 -3.56 -1.28 -2.05
CA TYR A 39 -2.38 -2.12 -2.00
C TYR A 39 -1.23 -1.51 -2.81
N ILE A 40 -0.03 -1.79 -2.35
CA ILE A 40 1.17 -1.27 -3.01
C ILE A 40 1.33 -1.97 -4.37
N GLN A 41 1.53 -1.17 -5.40
CA GLN A 41 1.71 -1.70 -6.74
C GLN A 41 3.15 -1.48 -7.22
N THR A 42 3.65 -0.28 -6.93
CA THR A 42 5.00 0.07 -7.32
C THR A 42 5.69 0.87 -6.22
N LEU A 43 6.96 1.14 -6.42
CA LEU A 43 7.74 1.90 -5.45
C LEU A 43 8.76 2.78 -6.20
N LEU A 44 8.35 4.01 -6.44
CA LEU A 44 9.20 4.96 -7.14
C LEU A 44 10.63 4.82 -6.62
N PRO A 45 11.60 5.13 -7.52
CA PRO A 45 13.01 5.05 -7.16
C PRO A 45 13.42 6.22 -6.26
N GLY A 46 13.22 7.41 -6.78
CA GLY A 46 13.57 8.62 -6.03
C GLY A 46 12.41 9.05 -5.12
N SER A 47 11.94 8.09 -4.34
CA SER A 47 10.84 8.34 -3.42
C SER A 47 11.21 7.85 -2.01
N PRO A 48 10.50 8.43 -1.00
CA PRO A 48 10.75 8.06 0.38
C PRO A 48 10.16 6.69 0.70
N ALA A 49 9.02 6.41 0.08
CA ALA A 49 8.34 5.14 0.28
C ALA A 49 9.30 4.00 -0.07
N ALA A 50 10.03 4.20 -1.15
CA ALA A 50 10.99 3.20 -1.61
C ALA A 50 12.23 3.26 -0.73
N ALA A 51 12.73 4.47 -0.53
CA ALA A 51 13.92 4.67 0.28
C ALA A 51 13.73 3.96 1.62
N ASP A 52 12.48 3.77 1.99
CA ASP A 52 12.16 3.10 3.24
C ASP A 52 12.67 1.65 3.19
N GLY A 53 12.23 0.94 2.17
CA GLY A 53 12.63 -0.44 1.99
C GLY A 53 11.50 -1.40 2.39
N ARG A 54 11.07 -1.27 3.64
CA ARG A 54 10.01 -2.11 4.16
C ARG A 54 8.89 -2.23 3.13
N LEU A 55 8.34 -1.08 2.75
CA LEU A 55 7.26 -1.05 1.77
C LEU A 55 7.59 -2.01 0.63
N SER A 56 6.78 -3.06 0.54
CA SER A 56 6.98 -4.06 -0.50
C SER A 56 5.78 -4.04 -1.46
N LEU A 57 6.03 -4.49 -2.68
CA LEU A 57 5.00 -4.54 -3.69
C LEU A 57 3.91 -5.53 -3.27
N GLY A 58 2.67 -5.07 -3.33
CA GLY A 58 1.54 -5.90 -2.95
C GLY A 58 1.02 -5.52 -1.56
N ASP A 59 1.90 -4.94 -0.78
CA ASP A 59 1.54 -4.52 0.58
C ASP A 59 0.14 -3.92 0.56
N ARG A 60 -0.50 -3.96 1.72
CA ARG A 60 -1.85 -3.42 1.85
C ARG A 60 -1.88 -2.35 2.94
N ILE A 61 -2.35 -1.17 2.55
CA ILE A 61 -2.45 -0.06 3.48
C ILE A 61 -3.68 -0.25 4.36
N LEU A 62 -3.62 0.35 5.55
CA LEU A 62 -4.71 0.26 6.49
C LEU A 62 -5.09 1.67 6.96
N GLU A 63 -4.07 2.44 7.30
CA GLU A 63 -4.28 3.81 7.77
C GLU A 63 -3.37 4.77 7.00
N VAL A 64 -3.75 6.04 7.05
CA VAL A 64 -2.97 7.07 6.37
C VAL A 64 -3.01 8.35 7.20
N ASN A 65 -1.87 8.66 7.80
CA ASN A 65 -1.75 9.86 8.62
C ASN A 65 -2.78 9.79 9.75
N GLY A 66 -2.98 8.58 10.26
CA GLY A 66 -3.92 8.37 11.35
C GLY A 66 -5.36 8.47 10.85
N SER A 67 -5.55 8.12 9.58
CA SER A 67 -6.86 8.17 8.97
C SER A 67 -7.29 6.76 8.53
N SER A 68 -8.21 6.19 9.28
CA SER A 68 -8.71 4.86 8.97
C SER A 68 -9.15 4.79 7.52
N LEU A 69 -8.60 3.82 6.80
CA LEU A 69 -8.93 3.64 5.39
C LEU A 69 -9.85 2.43 5.25
N LEU A 70 -10.86 2.39 6.11
CA LEU A 70 -11.82 1.30 6.09
C LEU A 70 -13.15 1.80 5.52
N GLY A 71 -13.24 1.78 4.20
CA GLY A 71 -14.45 2.22 3.52
C GLY A 71 -14.18 3.49 2.70
N LEU A 72 -13.11 4.18 3.07
CA LEU A 72 -12.72 5.40 2.38
C LEU A 72 -12.47 5.08 0.90
N GLY A 73 -13.28 5.69 0.05
CA GLY A 73 -13.15 5.49 -1.38
C GLY A 73 -11.71 5.71 -1.84
N TYR A 74 -11.30 4.89 -2.79
CA TYR A 74 -9.95 4.99 -3.33
C TYR A 74 -9.52 6.45 -3.49
N LEU A 75 -10.41 7.23 -4.08
CA LEU A 75 -10.14 8.63 -4.29
C LEU A 75 -9.88 9.31 -2.95
N ARG A 76 -10.82 9.14 -2.03
CA ARG A 76 -10.70 9.73 -0.71
C ARG A 76 -9.33 9.40 -0.11
N ALA A 77 -8.98 8.12 -0.19
CA ALA A 77 -7.71 7.66 0.34
C ALA A 77 -6.57 8.39 -0.38
N VAL A 78 -6.61 8.32 -1.70
CA VAL A 78 -5.59 8.95 -2.51
C VAL A 78 -5.47 10.43 -2.12
N ASP A 79 -6.63 11.05 -1.91
CA ASP A 79 -6.68 12.44 -1.52
C ASP A 79 -5.91 12.64 -0.21
N LEU A 80 -6.24 11.81 0.76
CA LEU A 80 -5.59 11.87 2.06
C LEU A 80 -4.08 11.96 1.86
N ILE A 81 -3.53 10.95 1.21
CA ILE A 81 -2.10 10.91 0.95
C ILE A 81 -1.70 12.14 0.13
N ARG A 82 -2.52 12.46 -0.86
CA ARG A 82 -2.26 13.61 -1.71
C ARG A 82 -2.11 14.87 -0.87
N HIS A 83 -3.14 15.15 -0.08
CA HIS A 83 -3.12 16.33 0.78
C HIS A 83 -2.55 15.94 2.16
N GLY A 84 -1.57 15.06 2.13
CA GLY A 84 -0.94 14.60 3.35
C GLY A 84 -0.24 15.76 4.07
N GLY A 85 0.88 15.45 4.68
CA GLY A 85 1.65 16.46 5.40
C GLY A 85 3.14 16.11 5.39
N LYS A 86 3.92 17.00 5.99
CA LYS A 86 5.36 16.81 6.06
C LYS A 86 5.66 15.40 6.57
N LYS A 87 4.81 14.95 7.49
CA LYS A 87 4.98 13.62 8.07
C LYS A 87 3.82 12.74 7.63
N MET A 88 4.15 11.76 6.79
CA MET A 88 3.14 10.84 6.29
C MET A 88 3.23 9.49 7.00
N ARG A 89 2.11 9.10 7.60
CA ARG A 89 2.06 7.84 8.32
C ARG A 89 1.13 6.86 7.60
N PHE A 90 1.57 5.61 7.54
CA PHE A 90 0.79 4.57 6.88
C PHE A 90 0.84 3.27 7.69
N LEU A 91 -0.32 2.63 7.77
CA LEU A 91 -0.43 1.37 8.50
C LEU A 91 -0.64 0.24 7.50
N VAL A 92 0.47 -0.37 7.11
CA VAL A 92 0.42 -1.47 6.17
C VAL A 92 0.64 -2.79 6.92
N ALA A 93 0.14 -3.86 6.32
CA ALA A 93 0.28 -5.18 6.92
C ALA A 93 1.20 -6.04 6.05
N LYS A 94 2.08 -6.77 6.72
CA LYS A 94 3.02 -7.63 6.03
C LYS A 94 2.26 -8.77 5.36
N SER A 95 1.99 -8.58 4.07
CA SER A 95 1.27 -9.57 3.30
C SER A 95 2.25 -10.61 2.73
N ASP A 96 1.69 -11.64 2.10
CA ASP A 96 2.49 -12.69 1.52
C ASP A 96 2.87 -12.30 0.09
N VAL A 97 3.62 -13.18 -0.55
CA VAL A 97 4.06 -12.94 -1.91
C VAL A 97 2.86 -13.07 -2.86
N GLU A 98 2.17 -14.19 -2.72
CA GLU A 98 1.01 -14.44 -3.56
C GLU A 98 0.14 -13.18 -3.67
N THR A 99 -0.06 -12.54 -2.52
CA THR A 99 -0.86 -11.33 -2.48
C THR A 99 -0.36 -10.32 -3.52
N ALA A 100 0.95 -10.19 -3.59
CA ALA A 100 1.57 -9.27 -4.52
C ALA A 100 1.39 -9.80 -5.95
N LYS A 101 1.60 -11.10 -6.09
CA LYS A 101 1.46 -11.75 -7.39
C LYS A 101 0.19 -11.24 -8.07
N LYS A 102 -0.91 -11.31 -7.34
CA LYS A 102 -2.19 -10.86 -7.86
C LYS A 102 -2.07 -9.40 -8.29
N ILE A 103 -1.33 -8.64 -7.49
CA ILE A 103 -1.14 -7.23 -7.76
C ILE A 103 -0.29 -7.07 -9.03
N HIS A 104 0.70 -7.92 -9.14
CA HIS A 104 1.60 -7.90 -10.29
C HIS A 104 1.73 -9.30 -10.87
N SER A 105 0.93 -9.56 -11.90
CA SER A 105 0.95 -10.86 -12.56
C SER A 105 0.61 -11.96 -11.55
N GLY A 106 -0.67 -12.27 -11.46
CA GLY A 106 -1.13 -13.29 -10.54
C GLY A 106 -0.94 -14.69 -11.14
N PRO A 107 -1.56 -15.69 -10.46
CA PRO A 107 -1.47 -17.06 -10.91
C PRO A 107 -2.37 -17.30 -12.14
N SER A 108 -2.21 -18.48 -12.72
CA SER A 108 -2.99 -18.84 -13.89
C SER A 108 -2.74 -17.84 -15.02
N SER A 109 -2.11 -18.35 -16.08
CA SER A 109 -1.79 -17.52 -17.23
C SER A 109 -3.06 -16.82 -17.73
N GLY A 110 -3.02 -15.50 -17.70
CA GLY A 110 -4.15 -14.70 -18.15
C GLY A 110 -4.57 -13.70 -17.07
N GLY A 1 8.59 -24.39 -0.20
CA GLY A 1 7.41 -23.87 0.48
C GLY A 1 6.48 -25.01 0.91
N SER A 2 5.68 -24.71 1.92
CA SER A 2 4.75 -25.70 2.45
C SER A 2 3.58 -25.00 3.15
N SER A 3 3.92 -24.19 4.14
CA SER A 3 2.91 -23.46 4.89
C SER A 3 3.58 -22.54 5.91
N GLY A 4 2.79 -21.62 6.43
CA GLY A 4 3.29 -20.68 7.42
C GLY A 4 2.88 -19.24 7.07
N SER A 5 2.64 -18.46 8.12
CA SER A 5 2.24 -17.07 7.93
C SER A 5 2.10 -16.39 9.30
N SER A 6 1.99 -15.07 9.24
CA SER A 6 1.85 -14.29 10.47
C SER A 6 0.73 -13.26 10.31
N GLY A 7 0.28 -12.74 11.43
CA GLY A 7 -0.78 -11.75 11.43
C GLY A 7 -0.37 -10.50 12.21
N TYR A 8 0.61 -9.80 11.68
CA TYR A 8 1.11 -8.59 12.31
C TYR A 8 1.10 -7.41 11.33
N VAL A 9 1.11 -6.21 11.89
CA VAL A 9 1.10 -5.01 11.07
C VAL A 9 2.29 -4.12 11.47
N PHE A 10 2.60 -3.19 10.58
CA PHE A 10 3.71 -2.29 10.83
C PHE A 10 3.42 -0.89 10.27
N THR A 11 3.78 0.12 11.06
CA THR A 11 3.55 1.49 10.64
C THR A 11 4.72 2.00 9.79
N VAL A 12 4.41 2.94 8.91
CA VAL A 12 5.41 3.51 8.03
C VAL A 12 5.33 5.04 8.10
N GLU A 13 6.36 5.63 8.68
CA GLU A 13 6.43 7.08 8.80
C GLU A 13 7.53 7.65 7.90
N LEU A 14 7.10 8.27 6.82
CA LEU A 14 8.03 8.86 5.87
C LEU A 14 7.82 10.37 5.84
N GLU A 15 8.71 11.04 5.11
CA GLU A 15 8.64 12.49 4.99
C GLU A 15 8.50 12.89 3.52
N ARG A 16 7.42 13.61 3.23
CA ARG A 16 7.15 14.06 1.87
C ARG A 16 8.46 14.47 1.19
N GLY A 17 8.58 14.07 -0.06
CA GLY A 17 9.77 14.38 -0.84
C GLY A 17 9.47 15.45 -1.89
N PRO A 18 10.47 15.67 -2.79
CA PRO A 18 10.32 16.66 -3.84
C PRO A 18 9.40 16.15 -4.95
N SER A 19 9.02 14.89 -4.83
CA SER A 19 8.15 14.26 -5.80
C SER A 19 6.81 13.89 -5.14
N GLY A 20 6.77 14.05 -3.84
CA GLY A 20 5.56 13.73 -3.08
C GLY A 20 5.52 12.26 -2.71
N LEU A 21 6.63 11.78 -2.16
CA LEU A 21 6.73 10.39 -1.76
C LEU A 21 7.07 9.53 -2.98
N GLY A 22 6.38 8.41 -3.09
CA GLY A 22 6.60 7.50 -4.20
C GLY A 22 5.93 6.14 -3.94
N MET A 23 4.61 6.14 -4.04
CA MET A 23 3.84 4.92 -3.82
C MET A 23 2.63 4.86 -4.76
N GLY A 24 2.63 3.86 -5.61
CA GLY A 24 1.54 3.67 -6.56
C GLY A 24 0.48 2.73 -5.99
N LEU A 25 -0.36 3.27 -5.13
CA LEU A 25 -1.41 2.49 -4.51
C LEU A 25 -2.48 2.17 -5.56
N ILE A 26 -3.03 0.96 -5.45
CA ILE A 26 -4.07 0.54 -6.38
C ILE A 26 -5.19 -0.16 -5.59
N ASP A 27 -6.34 -0.24 -6.24
CA ASP A 27 -7.50 -0.87 -5.62
C ASP A 27 -7.43 -2.38 -5.83
N GLY A 28 -7.43 -3.10 -4.73
CA GLY A 28 -7.36 -4.55 -4.77
C GLY A 28 -8.31 -5.11 -5.84
N MET A 29 -9.37 -4.35 -6.09
CA MET A 29 -10.36 -4.75 -7.07
C MET A 29 -9.79 -4.69 -8.49
N HIS A 30 -9.02 -3.62 -8.73
CA HIS A 30 -8.42 -3.42 -10.03
C HIS A 30 -7.36 -4.51 -10.28
N THR A 31 -6.74 -4.93 -9.19
CA THR A 31 -5.71 -5.97 -9.28
C THR A 31 -6.36 -7.35 -9.32
N HIS A 32 -5.60 -8.30 -9.85
CA HIS A 32 -6.07 -9.67 -9.95
C HIS A 32 -6.71 -10.10 -8.63
N LEU A 33 -6.20 -9.53 -7.55
CA LEU A 33 -6.70 -9.84 -6.23
C LEU A 33 -8.23 -9.83 -6.25
N GLY A 34 -8.77 -8.78 -6.84
CA GLY A 34 -10.21 -8.64 -6.95
C GLY A 34 -10.84 -8.50 -5.57
N ALA A 35 -10.04 -8.03 -4.63
CA ALA A 35 -10.51 -7.84 -3.26
C ALA A 35 -10.54 -6.34 -2.94
N PRO A 36 -11.47 -5.97 -2.01
CA PRO A 36 -11.60 -4.58 -1.60
C PRO A 36 -10.45 -4.17 -0.69
N GLY A 37 -9.90 -2.99 -0.98
CA GLY A 37 -8.81 -2.46 -0.19
C GLY A 37 -7.72 -1.87 -1.09
N LEU A 38 -6.84 -1.09 -0.48
CA LEU A 38 -5.75 -0.46 -1.20
C LEU A 38 -4.45 -1.21 -0.92
N TYR A 39 -3.59 -1.25 -1.94
CA TYR A 39 -2.32 -1.93 -1.81
C TYR A 39 -1.25 -1.24 -2.66
N ILE A 40 0.00 -1.51 -2.32
CA ILE A 40 1.13 -0.93 -3.04
C ILE A 40 1.28 -1.62 -4.38
N GLN A 41 1.23 -0.83 -5.45
CA GLN A 41 1.36 -1.36 -6.79
C GLN A 41 2.77 -1.12 -7.31
N THR A 42 3.30 0.07 -7.03
CA THR A 42 4.63 0.43 -7.46
C THR A 42 5.37 1.18 -6.35
N LEU A 43 6.66 1.35 -6.56
CA LEU A 43 7.49 2.05 -5.58
C LEU A 43 8.56 2.85 -6.32
N LEU A 44 8.30 4.15 -6.45
CA LEU A 44 9.23 5.04 -7.12
C LEU A 44 10.64 4.80 -6.58
N PRO A 45 11.64 5.13 -7.44
CA PRO A 45 13.04 4.96 -7.06
C PRO A 45 13.48 6.04 -6.07
N GLY A 46 13.64 7.25 -6.60
CA GLY A 46 14.05 8.37 -5.77
C GLY A 46 12.91 8.85 -4.89
N SER A 47 12.36 7.92 -4.11
CA SER A 47 11.26 8.24 -3.22
C SER A 47 11.57 7.73 -1.81
N PRO A 48 10.83 8.31 -0.82
CA PRO A 48 11.02 7.92 0.57
C PRO A 48 10.39 6.56 0.85
N ALA A 49 9.25 6.33 0.20
CA ALA A 49 8.54 5.07 0.37
C ALA A 49 9.47 3.91 0.03
N ALA A 50 10.24 4.10 -1.03
CA ALA A 50 11.18 3.08 -1.47
C ALA A 50 12.43 3.13 -0.58
N ALA A 51 12.97 4.33 -0.43
CA ALA A 51 14.16 4.52 0.38
C ALA A 51 13.98 3.79 1.71
N ASP A 52 12.75 3.82 2.21
CA ASP A 52 12.44 3.18 3.48
C ASP A 52 12.91 1.72 3.43
N GLY A 53 12.36 0.99 2.48
CA GLY A 53 12.72 -0.41 2.32
C GLY A 53 11.52 -1.32 2.58
N ARG A 54 11.03 -1.26 3.82
CA ARG A 54 9.90 -2.06 4.22
C ARG A 54 8.84 -2.07 3.12
N LEU A 55 8.32 -0.88 2.84
CA LEU A 55 7.31 -0.73 1.81
C LEU A 55 7.64 -1.64 0.62
N SER A 56 6.78 -2.61 0.38
CA SER A 56 6.98 -3.54 -0.71
C SER A 56 5.73 -3.58 -1.59
N LEU A 57 5.92 -4.09 -2.81
CA LEU A 57 4.82 -4.19 -3.76
C LEU A 57 3.85 -5.26 -3.28
N GLY A 58 2.57 -4.92 -3.29
CA GLY A 58 1.53 -5.84 -2.87
C GLY A 58 1.01 -5.47 -1.48
N ASP A 59 1.85 -4.79 -0.72
CA ASP A 59 1.48 -4.37 0.62
C ASP A 59 0.05 -3.84 0.62
N ARG A 60 -0.59 -3.93 1.78
CA ARG A 60 -1.95 -3.46 1.91
C ARG A 60 -2.04 -2.37 2.98
N ILE A 61 -2.44 -1.18 2.55
CA ILE A 61 -2.55 -0.05 3.45
C ILE A 61 -3.83 -0.21 4.28
N LEU A 62 -3.79 0.34 5.49
CA LEU A 62 -4.93 0.26 6.38
C LEU A 62 -5.32 1.68 6.83
N GLU A 63 -4.29 2.45 7.18
CA GLU A 63 -4.50 3.82 7.62
C GLU A 63 -3.56 4.77 6.89
N VAL A 64 -3.88 6.05 6.95
CA VAL A 64 -3.07 7.07 6.29
C VAL A 64 -3.04 8.32 7.17
N ASN A 65 -1.87 8.59 7.72
CA ASN A 65 -1.68 9.75 8.59
C ASN A 65 -2.63 9.64 9.79
N GLY A 66 -2.90 8.40 10.18
CA GLY A 66 -3.77 8.15 11.30
C GLY A 66 -5.24 8.38 10.92
N SER A 67 -5.58 7.95 9.72
CA SER A 67 -6.94 8.09 9.23
C SER A 67 -7.44 6.77 8.65
N SER A 68 -8.39 6.18 9.36
CA SER A 68 -8.97 4.91 8.94
C SER A 68 -9.17 4.90 7.42
N LEU A 69 -8.57 3.91 6.78
CA LEU A 69 -8.68 3.78 5.33
C LEU A 69 -9.68 2.67 5.00
N LEU A 70 -9.50 1.54 5.68
CA LEU A 70 -10.37 0.39 5.46
C LEU A 70 -11.82 0.87 5.38
N GLY A 71 -12.37 0.78 4.17
CA GLY A 71 -13.75 1.20 3.94
C GLY A 71 -13.79 2.52 3.17
N LEU A 72 -13.06 3.50 3.70
CA LEU A 72 -13.02 4.81 3.08
C LEU A 72 -12.88 4.65 1.56
N GLY A 73 -13.80 5.30 0.85
CA GLY A 73 -13.79 5.24 -0.60
C GLY A 73 -12.37 5.46 -1.16
N TYR A 74 -12.04 4.66 -2.16
CA TYR A 74 -10.73 4.76 -2.78
C TYR A 74 -10.27 6.21 -2.89
N LEU A 75 -11.16 7.04 -3.43
CA LEU A 75 -10.87 8.46 -3.58
C LEU A 75 -10.48 9.05 -2.23
N ARG A 76 -11.40 8.92 -1.28
CA ARG A 76 -11.16 9.44 0.05
C ARG A 76 -9.78 9.03 0.55
N ALA A 77 -9.45 7.77 0.32
CA ALA A 77 -8.17 7.24 0.73
C ALA A 77 -7.05 8.00 0.00
N VAL A 78 -7.27 8.23 -1.29
CA VAL A 78 -6.29 8.93 -2.10
C VAL A 78 -6.16 10.37 -1.58
N ASP A 79 -7.31 11.01 -1.42
CA ASP A 79 -7.35 12.38 -0.94
C ASP A 79 -6.52 12.49 0.35
N LEU A 80 -6.74 11.53 1.24
CA LEU A 80 -6.03 11.50 2.50
C LEU A 80 -4.54 11.73 2.25
N ILE A 81 -3.98 10.88 1.40
CA ILE A 81 -2.57 10.97 1.06
C ILE A 81 -2.31 12.26 0.29
N ARG A 82 -3.20 12.53 -0.67
CA ARG A 82 -3.08 13.72 -1.48
C ARG A 82 -2.75 14.93 -0.61
N HIS A 83 -3.55 15.10 0.44
CA HIS A 83 -3.36 16.22 1.35
C HIS A 83 -2.45 15.77 2.50
N GLY A 84 -1.49 14.92 2.17
CA GLY A 84 -0.56 14.42 3.15
C GLY A 84 0.88 14.78 2.79
N GLY A 85 1.42 15.76 3.49
CA GLY A 85 2.77 16.21 3.25
C GLY A 85 3.56 16.32 4.56
N LYS A 86 4.84 16.66 4.42
CA LYS A 86 5.70 16.80 5.59
C LYS A 86 5.86 15.43 6.25
N LYS A 87 4.84 15.06 7.00
CA LYS A 87 4.85 13.78 7.71
C LYS A 87 3.72 12.90 7.17
N MET A 88 4.11 11.77 6.59
CA MET A 88 3.15 10.85 6.04
C MET A 88 3.26 9.48 6.73
N ARG A 89 2.15 9.07 7.33
CA ARG A 89 2.10 7.80 8.03
C ARG A 89 1.11 6.86 7.35
N PHE A 90 1.45 5.58 7.35
CA PHE A 90 0.59 4.57 6.74
C PHE A 90 0.64 3.26 7.53
N LEU A 91 -0.53 2.66 7.67
CA LEU A 91 -0.64 1.40 8.40
C LEU A 91 -0.77 0.25 7.40
N VAL A 92 0.37 -0.29 7.01
CA VAL A 92 0.39 -1.40 6.07
C VAL A 92 0.71 -2.69 6.81
N ALA A 93 -0.05 -3.74 6.48
CA ALA A 93 0.15 -5.02 7.11
C ALA A 93 1.22 -5.80 6.35
N LYS A 94 1.47 -7.02 6.82
CA LYS A 94 2.47 -7.87 6.19
C LYS A 94 1.83 -8.64 5.04
N SER A 95 2.04 -8.12 3.83
CA SER A 95 1.48 -8.75 2.63
C SER A 95 2.19 -10.08 2.37
N ASP A 96 1.60 -10.85 1.47
CA ASP A 96 2.17 -12.14 1.11
C ASP A 96 2.51 -12.14 -0.38
N VAL A 97 3.43 -13.03 -0.74
CA VAL A 97 3.86 -13.15 -2.13
C VAL A 97 2.63 -13.24 -3.02
N GLU A 98 1.80 -14.24 -2.74
CA GLU A 98 0.60 -14.45 -3.52
C GLU A 98 -0.14 -13.12 -3.72
N THR A 99 -0.47 -12.48 -2.62
CA THR A 99 -1.17 -11.20 -2.66
C THR A 99 -0.51 -10.26 -3.66
N ALA A 100 0.81 -10.18 -3.56
CA ALA A 100 1.58 -9.32 -4.45
C ALA A 100 1.43 -9.82 -5.88
N LYS A 101 1.60 -11.12 -6.05
CA LYS A 101 1.49 -11.74 -7.36
C LYS A 101 0.25 -11.18 -8.07
N LYS A 102 -0.88 -11.28 -7.38
CA LYS A 102 -2.13 -10.80 -7.93
C LYS A 102 -1.99 -9.33 -8.30
N ILE A 103 -1.31 -8.59 -7.42
CA ILE A 103 -1.10 -7.18 -7.63
C ILE A 103 -0.22 -6.97 -8.87
N HIS A 104 0.60 -7.97 -9.14
CA HIS A 104 1.50 -7.92 -10.28
C HIS A 104 0.79 -8.51 -11.51
N SER A 105 1.01 -7.86 -12.65
CA SER A 105 0.41 -8.30 -13.89
C SER A 105 1.45 -9.00 -14.76
N GLY A 106 1.11 -10.20 -15.20
CA GLY A 106 2.00 -10.97 -16.04
C GLY A 106 1.81 -10.63 -17.52
N PRO A 107 2.94 -10.20 -18.16
CA PRO A 107 2.90 -9.82 -19.56
C PRO A 107 2.82 -11.07 -20.45
N SER A 108 1.81 -11.08 -21.31
CA SER A 108 1.63 -12.19 -22.22
C SER A 108 2.50 -12.02 -23.47
N SER A 109 3.29 -13.05 -23.74
CA SER A 109 4.18 -13.03 -24.89
C SER A 109 3.38 -12.71 -26.17
N GLY A 110 3.70 -11.56 -26.74
CA GLY A 110 3.03 -11.12 -27.95
C GLY A 110 3.45 -11.98 -29.15
N GLY A 1 -7.41 -29.12 14.10
CA GLY A 1 -8.32 -28.43 13.19
C GLY A 1 -7.79 -27.04 12.84
N SER A 2 -6.97 -26.99 11.81
CA SER A 2 -6.39 -25.73 11.37
C SER A 2 -5.51 -25.15 12.46
N SER A 3 -4.27 -24.86 12.10
CA SER A 3 -3.33 -24.28 13.04
C SER A 3 -3.31 -22.76 12.91
N GLY A 4 -3.01 -22.30 11.70
CA GLY A 4 -2.96 -20.88 11.43
C GLY A 4 -1.54 -20.34 11.61
N SER A 5 -1.21 -19.33 10.81
CA SER A 5 0.10 -18.72 10.87
C SER A 5 0.02 -17.40 11.63
N SER A 6 1.20 -16.83 11.89
CA SER A 6 1.28 -15.57 12.60
C SER A 6 1.37 -14.41 11.62
N GLY A 7 0.53 -13.41 11.85
CA GLY A 7 0.49 -12.24 10.99
C GLY A 7 0.45 -10.95 11.82
N TYR A 8 1.27 -9.99 11.40
CA TYR A 8 1.33 -8.71 12.09
C TYR A 8 1.38 -7.55 11.09
N VAL A 9 1.20 -6.35 11.61
CA VAL A 9 1.23 -5.16 10.79
C VAL A 9 2.34 -4.23 11.28
N PHE A 10 2.69 -3.27 10.43
CA PHE A 10 3.72 -2.31 10.76
C PHE A 10 3.44 -0.95 10.12
N THR A 11 3.72 0.09 10.90
CA THR A 11 3.50 1.45 10.41
C THR A 11 4.73 1.95 9.66
N VAL A 12 4.49 2.90 8.77
CA VAL A 12 5.56 3.48 7.98
C VAL A 12 5.42 5.00 7.97
N GLU A 13 6.38 5.65 8.62
CA GLU A 13 6.38 7.10 8.70
C GLU A 13 7.43 7.68 7.74
N LEU A 14 6.93 8.29 6.68
CA LEU A 14 7.81 8.89 5.68
C LEU A 14 7.53 10.39 5.60
N GLU A 15 8.29 11.05 4.76
CA GLU A 15 8.13 12.49 4.57
C GLU A 15 7.76 12.80 3.12
N ARG A 16 6.57 13.35 2.94
CA ARG A 16 6.09 13.70 1.62
C ARG A 16 7.23 14.26 0.77
N GLY A 17 7.75 13.40 -0.10
CA GLY A 17 8.85 13.81 -0.97
C GLY A 17 8.51 15.10 -1.71
N PRO A 18 9.44 15.49 -2.62
CA PRO A 18 9.26 16.71 -3.39
C PRO A 18 8.22 16.51 -4.49
N SER A 19 7.99 15.25 -4.82
CA SER A 19 7.01 14.91 -5.85
C SER A 19 5.73 14.39 -5.21
N GLY A 20 5.82 14.12 -3.91
CA GLY A 20 4.67 13.62 -3.16
C GLY A 20 4.80 12.12 -2.91
N LEU A 21 5.96 11.74 -2.37
CA LEU A 21 6.22 10.34 -2.07
C LEU A 21 6.57 9.60 -3.37
N GLY A 22 6.44 8.29 -3.31
CA GLY A 22 6.74 7.46 -4.47
C GLY A 22 6.11 6.07 -4.33
N MET A 23 4.80 6.06 -4.20
CA MET A 23 4.06 4.82 -4.06
C MET A 23 2.81 4.81 -4.93
N GLY A 24 2.79 3.88 -5.87
CA GLY A 24 1.66 3.76 -6.77
C GLY A 24 0.64 2.74 -6.25
N LEU A 25 -0.22 3.22 -5.35
CA LEU A 25 -1.24 2.37 -4.77
C LEU A 25 -2.29 2.03 -5.83
N ILE A 26 -2.77 0.80 -5.78
CA ILE A 26 -3.78 0.35 -6.72
C ILE A 26 -4.99 -0.17 -5.95
N ASP A 27 -6.15 -0.12 -6.61
CA ASP A 27 -7.38 -0.58 -6.00
C ASP A 27 -7.40 -2.11 -6.02
N GLY A 28 -7.51 -2.68 -4.83
CA GLY A 28 -7.55 -4.13 -4.69
C GLY A 28 -8.58 -4.75 -5.65
N MET A 29 -9.63 -3.98 -5.90
CA MET A 29 -10.68 -4.44 -6.80
C MET A 29 -10.19 -4.50 -8.25
N HIS A 30 -9.10 -3.79 -8.49
CA HIS A 30 -8.52 -3.75 -9.83
C HIS A 30 -7.57 -4.93 -10.00
N THR A 31 -6.90 -5.28 -8.91
CA THR A 31 -5.96 -6.38 -8.93
C THR A 31 -6.70 -7.71 -8.82
N HIS A 32 -6.08 -8.75 -9.39
CA HIS A 32 -6.66 -10.08 -9.37
C HIS A 32 -7.23 -10.37 -7.97
N LEU A 33 -6.64 -9.72 -6.98
CA LEU A 33 -7.06 -9.90 -5.60
C LEU A 33 -8.59 -9.79 -5.54
N GLY A 34 -9.12 -8.89 -6.34
CA GLY A 34 -10.56 -8.67 -6.38
C GLY A 34 -11.10 -8.38 -4.98
N ALA A 35 -10.24 -7.79 -4.16
CA ALA A 35 -10.63 -7.45 -2.80
C ALA A 35 -10.56 -5.93 -2.62
N PRO A 36 -11.40 -5.42 -1.68
CA PRO A 36 -11.45 -4.00 -1.42
C PRO A 36 -10.23 -3.55 -0.60
N GLY A 37 -9.72 -2.38 -0.96
CA GLY A 37 -8.55 -1.84 -0.28
C GLY A 37 -7.43 -1.53 -1.28
N LEU A 38 -6.52 -0.67 -0.84
CA LEU A 38 -5.40 -0.29 -1.67
C LEU A 38 -4.16 -1.09 -1.27
N TYR A 39 -3.34 -1.41 -2.26
CA TYR A 39 -2.12 -2.18 -2.01
C TYR A 39 -0.97 -1.66 -2.87
N ILE A 40 0.21 -1.67 -2.28
CA ILE A 40 1.40 -1.21 -2.98
C ILE A 40 1.56 -2.00 -4.28
N GLN A 41 1.55 -1.26 -5.39
CA GLN A 41 1.68 -1.87 -6.70
C GLN A 41 3.04 -1.50 -7.30
N THR A 42 3.52 -0.32 -6.96
CA THR A 42 4.80 0.15 -7.45
C THR A 42 5.52 0.97 -6.39
N LEU A 43 6.79 1.22 -6.65
CA LEU A 43 7.61 1.99 -5.72
C LEU A 43 8.62 2.83 -6.51
N LEU A 44 8.38 4.14 -6.52
CA LEU A 44 9.24 5.05 -7.23
C LEU A 44 10.68 4.88 -6.72
N PRO A 45 11.65 5.32 -7.57
CA PRO A 45 13.06 5.21 -7.22
C PRO A 45 13.44 6.27 -6.18
N GLY A 46 13.82 7.44 -6.68
CA GLY A 46 14.21 8.54 -5.81
C GLY A 46 13.02 9.06 -5.01
N SER A 47 12.47 8.18 -4.18
CA SER A 47 11.33 8.53 -3.36
C SER A 47 11.58 8.14 -1.90
N PRO A 48 10.68 8.62 -1.01
CA PRO A 48 10.81 8.32 0.41
C PRO A 48 10.39 6.88 0.71
N ALA A 49 9.36 6.44 0.01
CA ALA A 49 8.85 5.08 0.18
C ALA A 49 10.00 4.09 -0.02
N ALA A 50 10.47 4.02 -1.25
CA ALA A 50 11.55 3.11 -1.60
C ALA A 50 12.67 3.25 -0.56
N ALA A 51 12.91 4.48 -0.15
CA ALA A 51 13.93 4.76 0.83
C ALA A 51 13.76 3.82 2.03
N ASP A 52 12.56 3.84 2.59
CA ASP A 52 12.25 3.00 3.73
C ASP A 52 12.69 1.57 3.43
N GLY A 53 12.28 1.08 2.27
CA GLY A 53 12.63 -0.27 1.86
C GLY A 53 11.53 -1.26 2.25
N ARG A 54 11.08 -1.14 3.49
CA ARG A 54 10.04 -2.01 4.00
C ARG A 54 8.85 -2.05 3.02
N LEU A 55 8.50 -0.87 2.52
CA LEU A 55 7.41 -0.76 1.58
C LEU A 55 7.66 -1.68 0.38
N SER A 56 6.97 -2.82 0.39
CA SER A 56 7.11 -3.79 -0.67
C SER A 56 5.84 -3.82 -1.53
N LEU A 57 5.97 -4.39 -2.72
CA LEU A 57 4.86 -4.49 -3.64
C LEU A 57 3.90 -5.58 -3.16
N GLY A 58 2.63 -5.25 -3.15
CA GLY A 58 1.60 -6.19 -2.72
C GLY A 58 1.05 -5.81 -1.35
N ASP A 59 1.85 -5.03 -0.62
CA ASP A 59 1.46 -4.59 0.71
C ASP A 59 0.06 -3.97 0.65
N ARG A 60 -0.55 -3.86 1.82
CA ARG A 60 -1.88 -3.28 1.91
C ARG A 60 -1.92 -2.17 2.96
N ILE A 61 -2.55 -1.07 2.59
CA ILE A 61 -2.66 0.08 3.48
C ILE A 61 -3.92 -0.06 4.33
N LEU A 62 -3.75 0.09 5.63
CA LEU A 62 -4.87 -0.01 6.56
C LEU A 62 -5.21 1.38 7.08
N GLU A 63 -4.19 2.21 7.20
CA GLU A 63 -4.37 3.56 7.69
C GLU A 63 -3.37 4.51 7.02
N VAL A 64 -3.73 5.79 7.02
CA VAL A 64 -2.87 6.80 6.42
C VAL A 64 -2.85 8.03 7.32
N ASN A 65 -1.68 8.25 7.92
CA ASN A 65 -1.50 9.39 8.81
C ASN A 65 -2.45 9.26 10.00
N GLY A 66 -2.90 8.03 10.23
CA GLY A 66 -3.82 7.76 11.32
C GLY A 66 -5.27 8.00 10.90
N SER A 67 -5.56 7.62 9.67
CA SER A 67 -6.90 7.79 9.13
C SER A 67 -7.43 6.46 8.60
N SER A 68 -8.40 5.91 9.31
CA SER A 68 -8.99 4.65 8.92
C SER A 68 -9.34 4.66 7.43
N LEU A 69 -8.74 3.72 6.71
CA LEU A 69 -8.96 3.62 5.28
C LEU A 69 -9.84 2.40 5.00
N LEU A 70 -11.03 2.42 5.57
CA LEU A 70 -11.97 1.33 5.38
C LEU A 70 -13.07 1.75 4.41
N GLY A 71 -13.94 2.63 4.89
CA GLY A 71 -15.04 3.13 4.08
C GLY A 71 -14.64 4.43 3.37
N LEU A 72 -13.38 4.46 2.93
CA LEU A 72 -12.87 5.63 2.22
C LEU A 72 -12.72 5.30 0.74
N GLY A 73 -13.18 6.22 -0.10
CA GLY A 73 -13.10 6.04 -1.53
C GLY A 73 -11.67 6.23 -2.04
N TYR A 74 -11.37 5.57 -3.14
CA TYR A 74 -10.04 5.66 -3.73
C TYR A 74 -9.60 7.12 -3.86
N LEU A 75 -10.56 7.95 -4.26
CA LEU A 75 -10.29 9.37 -4.43
C LEU A 75 -10.13 10.03 -3.06
N ARG A 76 -10.72 9.40 -2.06
CA ARG A 76 -10.65 9.91 -0.70
C ARG A 76 -9.31 9.54 -0.07
N ALA A 77 -8.90 8.29 -0.29
CA ALA A 77 -7.65 7.80 0.25
C ALA A 77 -6.49 8.53 -0.41
N VAL A 78 -6.50 8.54 -1.73
CA VAL A 78 -5.45 9.20 -2.49
C VAL A 78 -5.28 10.62 -1.96
N ASP A 79 -6.40 11.32 -1.83
CA ASP A 79 -6.38 12.68 -1.35
C ASP A 79 -5.68 12.72 0.02
N LEU A 80 -6.19 11.92 0.93
CA LEU A 80 -5.63 11.84 2.27
C LEU A 80 -4.10 11.88 2.18
N ILE A 81 -3.57 11.00 1.34
CA ILE A 81 -2.13 10.92 1.15
C ILE A 81 -1.64 12.19 0.48
N ARG A 82 -2.37 12.60 -0.56
CA ARG A 82 -2.02 13.80 -1.29
C ARG A 82 -1.79 14.97 -0.33
N HIS A 83 -2.80 15.24 0.48
CA HIS A 83 -2.73 16.31 1.44
C HIS A 83 -2.18 15.79 2.77
N GLY A 84 -1.26 14.84 2.67
CA GLY A 84 -0.67 14.25 3.84
C GLY A 84 -0.45 15.29 4.94
N GLY A 85 0.72 15.89 4.93
CA GLY A 85 1.05 16.90 5.92
C GLY A 85 2.51 16.78 6.38
N LYS A 86 3.40 16.80 5.41
CA LYS A 86 4.82 16.68 5.69
C LYS A 86 5.13 15.27 6.18
N LYS A 87 4.51 14.91 7.29
CA LYS A 87 4.70 13.58 7.87
C LYS A 87 3.60 12.65 7.38
N MET A 88 3.99 11.74 6.50
CA MET A 88 3.04 10.78 5.94
C MET A 88 3.22 9.40 6.58
N ARG A 89 2.15 8.93 7.20
CA ARG A 89 2.18 7.63 7.85
C ARG A 89 1.25 6.66 7.12
N PHE A 90 1.62 5.38 7.18
CA PHE A 90 0.84 4.35 6.53
C PHE A 90 0.91 3.04 7.32
N LEU A 91 -0.27 2.49 7.61
CA LEU A 91 -0.36 1.25 8.35
C LEU A 91 -0.32 0.08 7.38
N VAL A 92 0.88 -0.42 7.15
CA VAL A 92 1.07 -1.55 6.25
C VAL A 92 0.99 -2.86 7.03
N ALA A 93 0.18 -3.77 6.52
CA ALA A 93 0.00 -5.06 7.17
C ALA A 93 0.85 -6.10 6.44
N LYS A 94 1.61 -6.86 7.23
CA LYS A 94 2.47 -7.89 6.68
C LYS A 94 1.60 -9.02 6.10
N SER A 95 1.38 -8.95 4.80
CA SER A 95 0.57 -9.95 4.13
C SER A 95 1.48 -11.01 3.50
N ASP A 96 0.86 -12.13 3.14
CA ASP A 96 1.60 -13.22 2.53
C ASP A 96 1.98 -12.84 1.09
N VAL A 97 2.79 -13.70 0.48
CA VAL A 97 3.23 -13.46 -0.88
C VAL A 97 2.03 -13.54 -1.82
N GLU A 98 1.22 -14.57 -1.62
CA GLU A 98 0.04 -14.76 -2.44
C GLU A 98 -0.64 -13.42 -2.72
N THR A 99 -0.97 -12.72 -1.65
CA THR A 99 -1.62 -11.42 -1.75
C THR A 99 -0.95 -10.59 -2.85
N ALA A 100 0.37 -10.62 -2.85
CA ALA A 100 1.14 -9.87 -3.83
C ALA A 100 0.90 -10.47 -5.22
N LYS A 101 1.03 -11.78 -5.29
CA LYS A 101 0.83 -12.49 -6.55
C LYS A 101 -0.39 -11.90 -7.27
N LYS A 102 -1.49 -11.85 -6.55
CA LYS A 102 -2.72 -11.32 -7.11
C LYS A 102 -2.46 -9.91 -7.65
N ILE A 103 -1.74 -9.13 -6.87
CA ILE A 103 -1.40 -7.77 -7.25
C ILE A 103 -0.58 -7.80 -8.54
N HIS A 104 0.07 -8.94 -8.78
CA HIS A 104 0.89 -9.10 -9.95
C HIS A 104 0.07 -9.75 -11.06
N SER A 105 0.34 -9.33 -12.30
CA SER A 105 -0.37 -9.86 -13.45
C SER A 105 0.64 -10.34 -14.50
N GLY A 106 0.76 -11.66 -14.60
CA GLY A 106 1.68 -12.25 -15.56
C GLY A 106 0.92 -13.11 -16.57
N PRO A 107 0.89 -14.44 -16.28
CA PRO A 107 0.21 -15.38 -17.16
C PRO A 107 -1.30 -15.27 -17.00
N SER A 108 -1.95 -14.85 -18.08
CA SER A 108 -3.40 -14.70 -18.08
C SER A 108 -4.04 -15.86 -18.84
N SER A 109 -3.79 -15.88 -20.14
CA SER A 109 -4.34 -16.93 -20.99
C SER A 109 -3.47 -18.18 -20.89
N GLY A 110 -4.02 -19.20 -20.25
CA GLY A 110 -3.31 -20.46 -20.08
C GLY A 110 -2.69 -20.56 -18.69
N GLY A 1 -4.01 -23.59 -1.81
CA GLY A 1 -3.64 -23.14 -0.47
C GLY A 1 -3.44 -21.62 -0.43
N SER A 2 -4.16 -20.98 0.47
CA SER A 2 -4.07 -19.54 0.62
C SER A 2 -4.86 -19.09 1.85
N SER A 3 -4.12 -18.58 2.83
CA SER A 3 -4.73 -18.11 4.06
C SER A 3 -3.66 -17.51 4.97
N GLY A 4 -2.71 -18.34 5.35
CA GLY A 4 -1.63 -17.92 6.22
C GLY A 4 -2.00 -18.12 7.69
N SER A 5 -1.02 -17.85 8.56
CA SER A 5 -1.24 -18.00 9.98
C SER A 5 -0.85 -16.72 10.71
N SER A 6 0.43 -16.37 10.62
CA SER A 6 0.93 -15.17 11.25
C SER A 6 0.79 -13.98 10.31
N GLY A 7 0.88 -12.79 10.90
CA GLY A 7 0.76 -11.57 10.11
C GLY A 7 0.70 -10.34 11.03
N TYR A 8 1.82 -9.64 11.12
CA TYR A 8 1.90 -8.46 11.95
C TYR A 8 1.88 -7.19 11.10
N VAL A 9 1.30 -6.14 11.66
CA VAL A 9 1.21 -4.87 10.96
C VAL A 9 2.41 -4.00 11.34
N PHE A 10 2.68 -3.02 10.48
CA PHE A 10 3.80 -2.12 10.71
C PHE A 10 3.53 -0.75 10.07
N THR A 11 3.91 0.29 10.80
CA THR A 11 3.71 1.65 10.33
C THR A 11 4.89 2.07 9.44
N VAL A 12 4.63 3.05 8.59
CA VAL A 12 5.64 3.56 7.70
C VAL A 12 5.58 5.09 7.67
N GLU A 13 6.62 5.71 8.22
CA GLU A 13 6.69 7.15 8.26
C GLU A 13 7.59 7.68 7.14
N LEU A 14 6.95 8.20 6.10
CA LEU A 14 7.68 8.73 4.96
C LEU A 14 7.58 10.25 4.97
N GLU A 15 8.58 10.88 4.37
CA GLU A 15 8.62 12.33 4.30
C GLU A 15 8.28 12.80 2.89
N ARG A 16 7.16 13.49 2.77
CA ARG A 16 6.72 14.01 1.49
C ARG A 16 7.90 14.60 0.72
N GLY A 17 8.36 13.83 -0.26
CA GLY A 17 9.49 14.27 -1.07
C GLY A 17 9.05 15.32 -2.09
N PRO A 18 9.99 15.64 -3.03
CA PRO A 18 9.71 16.63 -4.05
C PRO A 18 8.78 16.06 -5.13
N SER A 19 8.59 14.75 -5.06
CA SER A 19 7.73 14.08 -6.02
C SER A 19 6.42 13.67 -5.35
N GLY A 20 6.37 13.88 -4.04
CA GLY A 20 5.18 13.54 -3.27
C GLY A 20 5.17 12.07 -2.89
N LEU A 21 6.32 11.62 -2.38
CA LEU A 21 6.46 10.24 -1.96
C LEU A 21 6.72 9.36 -3.19
N GLY A 22 6.56 8.06 -3.00
CA GLY A 22 6.78 7.11 -4.08
C GLY A 22 6.07 5.79 -3.80
N MET A 23 4.75 5.85 -3.78
CA MET A 23 3.95 4.67 -3.51
C MET A 23 2.70 4.64 -4.41
N GLY A 24 2.75 3.76 -5.40
CA GLY A 24 1.63 3.62 -6.32
C GLY A 24 0.60 2.62 -5.80
N LEU A 25 -0.34 3.16 -5.03
CA LEU A 25 -1.38 2.32 -4.45
C LEU A 25 -2.46 2.06 -5.51
N ILE A 26 -3.00 0.86 -5.47
CA ILE A 26 -4.03 0.47 -6.42
C ILE A 26 -5.16 -0.24 -5.67
N ASP A 27 -6.36 -0.14 -6.24
CA ASP A 27 -7.53 -0.76 -5.64
C ASP A 27 -7.44 -2.28 -5.82
N GLY A 28 -7.45 -2.97 -4.70
CA GLY A 28 -7.37 -4.43 -4.72
C GLY A 28 -8.26 -5.01 -5.83
N MET A 29 -9.48 -4.49 -5.90
CA MET A 29 -10.43 -4.94 -6.90
C MET A 29 -9.83 -4.85 -8.31
N HIS A 30 -9.11 -3.76 -8.53
CA HIS A 30 -8.48 -3.54 -9.83
C HIS A 30 -7.50 -4.68 -10.12
N THR A 31 -6.76 -5.04 -9.08
CA THR A 31 -5.77 -6.12 -9.21
C THR A 31 -6.47 -7.48 -9.14
N HIS A 32 -5.82 -8.46 -9.75
CA HIS A 32 -6.35 -9.81 -9.76
C HIS A 32 -6.89 -10.16 -8.38
N LEU A 33 -6.31 -9.53 -7.37
CA LEU A 33 -6.72 -9.78 -6.00
C LEU A 33 -8.24 -9.89 -5.94
N GLY A 34 -8.90 -8.92 -6.55
CA GLY A 34 -10.36 -8.89 -6.57
C GLY A 34 -10.92 -8.62 -5.18
N ALA A 35 -10.04 -8.23 -4.27
CA ALA A 35 -10.43 -7.94 -2.91
C ALA A 35 -10.48 -6.43 -2.71
N PRO A 36 -11.31 -5.99 -1.72
CA PRO A 36 -11.44 -4.58 -1.42
C PRO A 36 -10.22 -4.06 -0.67
N GLY A 37 -9.95 -2.77 -0.85
CA GLY A 37 -8.82 -2.14 -0.19
C GLY A 37 -7.75 -1.75 -1.20
N LEU A 38 -6.84 -0.90 -0.76
CA LEU A 38 -5.76 -0.44 -1.61
C LEU A 38 -4.49 -1.21 -1.27
N TYR A 39 -3.59 -1.28 -2.26
CA TYR A 39 -2.33 -1.99 -2.08
C TYR A 39 -1.23 -1.35 -2.92
N ILE A 40 0.00 -1.48 -2.42
CA ILE A 40 1.15 -0.93 -3.11
C ILE A 40 1.35 -1.68 -4.43
N GLN A 41 1.23 -0.93 -5.53
CA GLN A 41 1.40 -1.51 -6.84
C GLN A 41 2.80 -1.21 -7.38
N THR A 42 3.32 -0.06 -6.99
CA THR A 42 4.64 0.35 -7.42
C THR A 42 5.36 1.10 -6.30
N LEU A 43 6.66 1.30 -6.50
CA LEU A 43 7.47 2.00 -5.51
C LEU A 43 8.54 2.82 -6.23
N LEU A 44 8.32 4.13 -6.25
CA LEU A 44 9.26 5.03 -6.89
C LEU A 44 10.65 4.85 -6.28
N PRO A 45 11.69 5.14 -7.10
CA PRO A 45 13.07 5.00 -6.66
C PRO A 45 13.45 6.14 -5.72
N GLY A 46 13.67 7.31 -6.32
CA GLY A 46 14.04 8.48 -5.55
C GLY A 46 12.86 8.98 -4.70
N SER A 47 12.37 8.09 -3.85
CA SER A 47 11.25 8.43 -2.99
C SER A 47 11.56 8.02 -1.55
N PRO A 48 10.69 8.48 -0.62
CA PRO A 48 10.86 8.17 0.79
C PRO A 48 10.43 6.72 1.08
N ALA A 49 9.35 6.32 0.43
CA ALA A 49 8.84 4.96 0.61
C ALA A 49 9.94 3.96 0.29
N ALA A 50 10.40 4.01 -0.94
CA ALA A 50 11.46 3.11 -1.40
C ALA A 50 12.65 3.21 -0.45
N ALA A 51 12.96 4.45 -0.07
CA ALA A 51 14.07 4.69 0.83
C ALA A 51 13.96 3.75 2.04
N ASP A 52 12.77 3.71 2.61
CA ASP A 52 12.52 2.87 3.77
C ASP A 52 12.93 1.44 3.45
N GLY A 53 12.39 0.93 2.34
CA GLY A 53 12.69 -0.42 1.91
C GLY A 53 11.53 -1.37 2.23
N ARG A 54 11.14 -1.37 3.51
CA ARG A 54 10.06 -2.23 3.95
C ARG A 54 8.95 -2.27 2.91
N LEU A 55 8.46 -1.08 2.56
CA LEU A 55 7.40 -0.97 1.57
C LEU A 55 7.65 -1.97 0.44
N SER A 56 6.70 -2.87 0.26
CA SER A 56 6.81 -3.87 -0.78
C SER A 56 5.58 -3.82 -1.69
N LEU A 57 5.75 -4.36 -2.89
CA LEU A 57 4.66 -4.38 -3.85
C LEU A 57 3.62 -5.41 -3.42
N GLY A 58 2.38 -4.95 -3.31
CA GLY A 58 1.30 -5.82 -2.90
C GLY A 58 0.86 -5.53 -1.47
N ASP A 59 1.55 -4.58 -0.85
CA ASP A 59 1.25 -4.20 0.52
C ASP A 59 -0.22 -3.76 0.60
N ARG A 60 -0.64 -3.49 1.82
CA ARG A 60 -2.01 -3.06 2.07
C ARG A 60 -2.04 -1.96 3.13
N ILE A 61 -2.64 -0.84 2.75
CA ILE A 61 -2.75 0.30 3.66
C ILE A 61 -3.99 0.11 4.55
N LEU A 62 -3.78 0.34 5.83
CA LEU A 62 -4.88 0.21 6.79
C LEU A 62 -5.24 1.59 7.33
N GLU A 63 -4.22 2.44 7.44
CA GLU A 63 -4.43 3.79 7.93
C GLU A 63 -3.44 4.75 7.26
N VAL A 64 -3.89 5.99 7.10
CA VAL A 64 -3.06 7.00 6.48
C VAL A 64 -3.09 8.27 7.34
N ASN A 65 -1.95 8.56 7.95
CA ASN A 65 -1.83 9.73 8.80
C ASN A 65 -2.73 9.56 10.02
N GLY A 66 -3.23 8.34 10.19
CA GLY A 66 -4.12 8.04 11.30
C GLY A 66 -5.59 8.14 10.88
N SER A 67 -5.82 7.86 9.61
CA SER A 67 -7.17 7.91 9.07
C SER A 67 -7.57 6.53 8.55
N SER A 68 -8.48 5.90 9.29
CA SER A 68 -8.96 4.58 8.90
C SER A 68 -9.37 4.57 7.42
N LEU A 69 -8.60 3.83 6.65
CA LEU A 69 -8.86 3.73 5.21
C LEU A 69 -9.77 2.51 4.95
N LEU A 70 -10.87 2.48 5.68
CA LEU A 70 -11.82 1.38 5.54
C LEU A 70 -13.00 1.84 4.67
N GLY A 71 -13.34 1.01 3.70
CA GLY A 71 -14.43 1.31 2.80
C GLY A 71 -14.31 2.73 2.26
N LEU A 72 -13.09 3.24 2.28
CA LEU A 72 -12.83 4.59 1.79
C LEU A 72 -12.59 4.54 0.28
N GLY A 73 -13.35 5.35 -0.43
CA GLY A 73 -13.24 5.41 -1.88
C GLY A 73 -11.80 5.72 -2.30
N TYR A 74 -11.37 5.03 -3.36
CA TYR A 74 -10.02 5.23 -3.87
C TYR A 74 -9.63 6.70 -3.85
N LEU A 75 -10.59 7.54 -4.22
CA LEU A 75 -10.36 8.97 -4.26
C LEU A 75 -10.06 9.47 -2.85
N ARG A 76 -10.99 9.19 -1.94
CA ARG A 76 -10.84 9.60 -0.56
C ARG A 76 -9.44 9.23 -0.05
N ALA A 77 -9.06 7.99 -0.31
CA ALA A 77 -7.76 7.51 0.11
C ALA A 77 -6.66 8.36 -0.52
N VAL A 78 -6.89 8.71 -1.78
CA VAL A 78 -5.94 9.53 -2.51
C VAL A 78 -5.90 10.93 -1.91
N ASP A 79 -7.09 11.48 -1.66
CA ASP A 79 -7.21 12.80 -1.10
C ASP A 79 -6.58 12.81 0.30
N LEU A 80 -6.55 11.64 0.91
CA LEU A 80 -5.98 11.50 2.24
C LEU A 80 -4.46 11.69 2.16
N ILE A 81 -3.83 10.87 1.34
CA ILE A 81 -2.40 10.94 1.16
C ILE A 81 -2.04 12.23 0.42
N ARG A 82 -2.90 12.58 -0.54
CA ARG A 82 -2.69 13.77 -1.33
C ARG A 82 -2.51 14.99 -0.42
N HIS A 83 -3.48 15.18 0.46
CA HIS A 83 -3.45 16.29 1.39
C HIS A 83 -2.76 15.86 2.69
N GLY A 84 -1.77 15.00 2.53
CA GLY A 84 -1.02 14.50 3.67
C GLY A 84 -0.34 15.64 4.43
N GLY A 85 0.86 15.36 4.92
CA GLY A 85 1.62 16.35 5.65
C GLY A 85 3.12 16.07 5.55
N LYS A 86 3.90 16.93 6.18
CA LYS A 86 5.35 16.79 6.17
C LYS A 86 5.72 15.36 6.52
N LYS A 87 4.95 14.79 7.44
CA LYS A 87 5.19 13.41 7.87
C LYS A 87 3.98 12.55 7.51
N MET A 88 4.20 11.65 6.57
CA MET A 88 3.13 10.76 6.12
C MET A 88 3.23 9.40 6.81
N ARG A 89 2.16 9.05 7.51
CA ARG A 89 2.12 7.78 8.22
C ARG A 89 1.16 6.81 7.52
N PHE A 90 1.62 5.58 7.37
CA PHE A 90 0.82 4.55 6.72
C PHE A 90 0.88 3.24 7.50
N LEU A 91 -0.31 2.69 7.75
CA LEU A 91 -0.40 1.43 8.48
C LEU A 91 -0.41 0.27 7.49
N VAL A 92 0.80 -0.20 7.17
CA VAL A 92 0.95 -1.31 6.24
C VAL A 92 0.91 -2.63 7.02
N ALA A 93 0.43 -3.66 6.34
CA ALA A 93 0.34 -4.97 6.95
C ALA A 93 1.17 -5.97 6.14
N LYS A 94 1.65 -7.00 6.83
CA LYS A 94 2.45 -8.02 6.19
C LYS A 94 1.56 -8.89 5.31
N SER A 95 1.60 -8.61 4.02
CA SER A 95 0.80 -9.36 3.06
C SER A 95 1.52 -10.65 2.68
N ASP A 96 0.92 -11.37 1.74
CA ASP A 96 1.49 -12.63 1.28
C ASP A 96 1.92 -12.48 -0.18
N VAL A 97 2.71 -13.44 -0.64
CA VAL A 97 3.21 -13.42 -2.00
C VAL A 97 2.02 -13.50 -2.96
N GLU A 98 1.23 -14.55 -2.80
CA GLU A 98 0.07 -14.75 -3.65
C GLU A 98 -0.65 -13.41 -3.90
N THR A 99 -0.99 -12.76 -2.80
CA THR A 99 -1.67 -11.47 -2.88
C THR A 99 -0.96 -10.55 -3.87
N ALA A 100 0.36 -10.55 -3.78
CA ALA A 100 1.17 -9.73 -4.66
C ALA A 100 1.07 -10.25 -6.09
N LYS A 101 1.20 -11.57 -6.21
CA LYS A 101 1.13 -12.21 -7.51
C LYS A 101 -0.03 -11.63 -8.30
N LYS A 102 -1.18 -11.53 -7.63
CA LYS A 102 -2.37 -11.00 -8.25
C LYS A 102 -2.17 -9.51 -8.53
N ILE A 103 -1.47 -8.85 -7.62
CA ILE A 103 -1.20 -7.43 -7.75
C ILE A 103 -0.37 -7.20 -9.02
N HIS A 104 0.49 -8.16 -9.31
CA HIS A 104 1.35 -8.07 -10.48
C HIS A 104 0.50 -8.12 -11.75
N SER A 105 0.97 -7.41 -12.77
CA SER A 105 0.27 -7.35 -14.03
C SER A 105 0.58 -8.60 -14.87
N GLY A 106 1.69 -9.24 -14.52
CA GLY A 106 2.13 -10.44 -15.22
C GLY A 106 3.51 -10.24 -15.85
N PRO A 107 4.55 -10.72 -15.12
CA PRO A 107 5.91 -10.60 -15.58
C PRO A 107 6.19 -11.60 -16.71
N SER A 108 5.69 -12.82 -16.51
CA SER A 108 5.89 -13.87 -17.48
C SER A 108 7.33 -13.87 -17.99
N SER A 109 8.16 -14.66 -17.33
CA SER A 109 9.56 -14.76 -17.70
C SER A 109 9.82 -16.07 -18.44
N GLY A 110 10.06 -15.95 -19.74
CA GLY A 110 10.32 -17.12 -20.56
C GLY A 110 9.35 -17.19 -21.75
N GLY A 1 -0.03 -27.80 8.99
CA GLY A 1 -1.17 -26.95 9.31
C GLY A 1 -2.45 -27.47 8.64
N SER A 2 -3.57 -26.91 9.07
CA SER A 2 -4.86 -27.30 8.52
C SER A 2 -5.37 -26.23 7.56
N SER A 3 -5.62 -25.05 8.11
CA SER A 3 -6.11 -23.94 7.32
C SER A 3 -6.19 -22.68 8.18
N GLY A 4 -5.16 -21.86 8.08
CA GLY A 4 -5.10 -20.63 8.85
C GLY A 4 -3.66 -20.10 8.93
N SER A 5 -3.56 -18.79 9.13
CA SER A 5 -2.26 -18.17 9.24
C SER A 5 -2.36 -16.91 10.11
N SER A 6 -1.19 -16.36 10.43
CA SER A 6 -1.13 -15.16 11.26
C SER A 6 0.09 -14.32 10.87
N GLY A 7 -0.08 -13.01 10.96
CA GLY A 7 1.00 -12.10 10.63
C GLY A 7 1.01 -10.89 11.58
N TYR A 8 1.79 -9.90 11.21
CA TYR A 8 1.90 -8.69 12.01
C TYR A 8 1.90 -7.44 11.13
N VAL A 9 1.36 -6.36 11.69
CA VAL A 9 1.28 -5.10 10.97
C VAL A 9 2.47 -4.23 11.37
N PHE A 10 2.73 -3.22 10.55
CA PHE A 10 3.83 -2.30 10.80
C PHE A 10 3.53 -0.92 10.20
N THR A 11 3.87 0.11 10.97
CA THR A 11 3.65 1.47 10.53
C THR A 11 4.79 1.92 9.61
N VAL A 12 4.47 2.90 8.79
CA VAL A 12 5.46 3.43 7.85
C VAL A 12 5.37 4.96 7.85
N GLU A 13 6.41 5.58 8.37
CA GLU A 13 6.46 7.04 8.43
C GLU A 13 7.38 7.58 7.32
N LEU A 14 6.75 8.09 6.28
CA LEU A 14 7.49 8.64 5.15
C LEU A 14 7.39 10.16 5.18
N GLU A 15 8.36 10.80 4.55
CA GLU A 15 8.39 12.25 4.49
C GLU A 15 8.07 12.73 3.07
N ARG A 16 6.89 13.32 2.94
CA ARG A 16 6.46 13.83 1.65
C ARG A 16 7.63 14.46 0.90
N GLY A 17 8.09 13.75 -0.12
CA GLY A 17 9.20 14.23 -0.92
C GLY A 17 8.76 15.38 -1.84
N PRO A 18 9.71 15.80 -2.71
CA PRO A 18 9.44 16.89 -3.65
C PRO A 18 8.54 16.41 -4.79
N SER A 19 8.25 15.12 -4.78
CA SER A 19 7.40 14.53 -5.81
C SER A 19 6.06 14.12 -5.20
N GLY A 20 6.08 13.90 -3.89
CA GLY A 20 4.88 13.50 -3.18
C GLY A 20 4.91 12.01 -2.84
N LEU A 21 5.99 11.61 -2.18
CA LEU A 21 6.16 10.23 -1.77
C LEU A 21 6.57 9.40 -3.00
N GLY A 22 5.92 8.26 -3.15
CA GLY A 22 6.19 7.38 -4.26
C GLY A 22 5.62 5.98 -4.01
N MET A 23 4.31 5.92 -3.85
CA MET A 23 3.64 4.67 -3.61
C MET A 23 2.50 4.45 -4.60
N GLY A 24 2.78 3.61 -5.60
CA GLY A 24 1.80 3.32 -6.62
C GLY A 24 0.68 2.43 -6.06
N LEU A 25 -0.07 3.01 -5.14
CA LEU A 25 -1.18 2.29 -4.52
C LEU A 25 -2.32 2.14 -5.53
N ILE A 26 -2.94 0.97 -5.49
CA ILE A 26 -4.05 0.69 -6.40
C ILE A 26 -5.18 0.02 -5.62
N ASP A 27 -6.40 0.22 -6.12
CA ASP A 27 -7.56 -0.36 -5.48
C ASP A 27 -7.56 -1.88 -5.68
N GLY A 28 -7.63 -2.59 -4.56
CA GLY A 28 -7.63 -4.04 -4.60
C GLY A 28 -8.62 -4.56 -5.63
N MET A 29 -9.77 -3.91 -5.69
CA MET A 29 -10.81 -4.30 -6.63
C MET A 29 -10.32 -4.16 -8.07
N HIS A 30 -9.26 -3.38 -8.24
CA HIS A 30 -8.69 -3.16 -9.56
C HIS A 30 -7.69 -4.28 -9.86
N THR A 31 -6.98 -4.71 -8.82
CA THR A 31 -5.99 -5.76 -8.97
C THR A 31 -6.66 -7.13 -8.93
N HIS A 32 -5.99 -8.10 -9.54
CA HIS A 32 -6.51 -9.46 -9.58
C HIS A 32 -7.03 -9.86 -8.21
N LEU A 33 -6.38 -9.31 -7.18
CA LEU A 33 -6.77 -9.59 -5.81
C LEU A 33 -8.30 -9.61 -5.71
N GLY A 34 -8.92 -8.75 -6.51
CA GLY A 34 -10.37 -8.66 -6.52
C GLY A 34 -10.92 -8.47 -5.10
N ALA A 35 -10.04 -8.00 -4.23
CA ALA A 35 -10.43 -7.76 -2.84
C ALA A 35 -10.48 -6.26 -2.58
N PRO A 36 -11.35 -5.87 -1.60
CA PRO A 36 -11.51 -4.48 -1.24
C PRO A 36 -10.32 -3.98 -0.43
N GLY A 37 -9.97 -2.73 -0.66
CA GLY A 37 -8.86 -2.12 0.05
C GLY A 37 -7.76 -1.69 -0.93
N LEU A 38 -6.81 -0.93 -0.40
CA LEU A 38 -5.71 -0.44 -1.21
C LEU A 38 -4.48 -1.33 -0.96
N TYR A 39 -3.62 -1.38 -1.98
CA TYR A 39 -2.41 -2.17 -1.88
C TYR A 39 -1.27 -1.55 -2.70
N ILE A 40 -0.06 -1.85 -2.27
CA ILE A 40 1.12 -1.32 -2.96
C ILE A 40 1.30 -2.05 -4.29
N GLN A 41 1.56 -1.27 -5.32
CA GLN A 41 1.76 -1.82 -6.65
C GLN A 41 3.17 -1.53 -7.15
N THR A 42 3.65 -0.33 -6.83
CA THR A 42 4.97 0.09 -7.23
C THR A 42 5.61 0.97 -6.15
N LEU A 43 6.89 1.26 -6.34
CA LEU A 43 7.61 2.09 -5.40
C LEU A 43 8.64 2.94 -6.16
N LEU A 44 8.29 4.22 -6.30
CA LEU A 44 9.16 5.15 -7.01
C LEU A 44 10.58 5.02 -6.46
N PRO A 45 11.56 5.42 -7.32
CA PRO A 45 12.96 5.36 -6.92
C PRO A 45 13.31 6.47 -5.95
N GLY A 46 13.22 7.70 -6.44
CA GLY A 46 13.52 8.86 -5.62
C GLY A 46 12.34 9.22 -4.71
N SER A 47 11.86 8.21 -3.99
CA SER A 47 10.74 8.40 -3.10
C SER A 47 11.10 7.89 -1.70
N PRO A 48 10.30 8.36 -0.69
CA PRO A 48 10.54 7.95 0.68
C PRO A 48 10.05 6.52 0.93
N ALA A 49 8.88 6.23 0.37
CA ALA A 49 8.29 4.91 0.51
C ALA A 49 9.32 3.85 0.08
N ALA A 50 10.19 4.25 -0.84
CA ALA A 50 11.21 3.35 -1.34
C ALA A 50 12.46 3.49 -0.48
N ALA A 51 12.77 4.72 -0.11
CA ALA A 51 13.93 5.00 0.71
C ALA A 51 13.88 4.12 1.97
N ASP A 52 12.70 4.08 2.57
CA ASP A 52 12.52 3.29 3.78
C ASP A 52 13.08 1.88 3.56
N GLY A 53 12.52 1.21 2.56
CA GLY A 53 12.97 -0.14 2.24
C GLY A 53 11.98 -1.17 2.76
N ARG A 54 10.97 -0.69 3.46
CA ARG A 54 9.95 -1.57 4.01
C ARG A 54 8.80 -1.75 3.00
N LEU A 55 8.16 -0.64 2.67
CA LEU A 55 7.06 -0.67 1.73
C LEU A 55 7.38 -1.66 0.60
N SER A 56 6.68 -2.77 0.63
CA SER A 56 6.88 -3.80 -0.38
C SER A 56 5.71 -3.80 -1.36
N LEU A 57 5.95 -4.40 -2.53
CA LEU A 57 4.92 -4.48 -3.55
C LEU A 57 3.87 -5.51 -3.14
N GLY A 58 2.61 -5.09 -3.24
CA GLY A 58 1.50 -5.96 -2.88
C GLY A 58 0.96 -5.62 -1.49
N ASP A 59 1.82 -4.99 -0.69
CA ASP A 59 1.44 -4.59 0.65
C ASP A 59 0.01 -4.04 0.63
N ARG A 60 -0.60 -4.03 1.82
CA ARG A 60 -1.96 -3.53 1.94
C ARG A 60 -2.01 -2.44 3.02
N ILE A 61 -2.40 -1.25 2.59
CA ILE A 61 -2.51 -0.13 3.51
C ILE A 61 -3.78 -0.28 4.35
N LEU A 62 -3.70 0.22 5.57
CA LEU A 62 -4.83 0.14 6.49
C LEU A 62 -5.18 1.56 6.97
N GLU A 63 -4.15 2.31 7.30
CA GLU A 63 -4.33 3.67 7.78
C GLU A 63 -3.40 4.63 7.04
N VAL A 64 -3.73 5.90 7.09
CA VAL A 64 -2.94 6.92 6.44
C VAL A 64 -2.88 8.18 7.32
N ASN A 65 -1.69 8.44 7.82
CA ASN A 65 -1.49 9.61 8.67
C ASN A 65 -2.35 9.45 9.93
N GLY A 66 -2.75 8.22 10.19
CA GLY A 66 -3.56 7.93 11.36
C GLY A 66 -5.05 8.15 11.07
N SER A 67 -5.41 7.91 9.81
CA SER A 67 -6.78 8.08 9.39
C SER A 67 -7.32 6.77 8.79
N SER A 68 -8.17 6.11 9.55
CA SER A 68 -8.75 4.85 9.10
C SER A 68 -9.14 4.95 7.62
N LEU A 69 -8.66 3.99 6.86
CA LEU A 69 -8.96 3.95 5.43
C LEU A 69 -9.89 2.78 5.14
N LEU A 70 -10.82 2.56 6.05
CA LEU A 70 -11.78 1.48 5.91
C LEU A 70 -13.10 2.04 5.39
N GLY A 71 -13.33 1.87 4.10
CA GLY A 71 -14.55 2.36 3.48
C GLY A 71 -14.25 3.49 2.49
N LEU A 72 -13.29 4.33 2.87
CA LEU A 72 -12.90 5.45 2.04
C LEU A 72 -12.57 4.94 0.64
N GLY A 73 -13.20 5.56 -0.35
CA GLY A 73 -12.98 5.18 -1.74
C GLY A 73 -11.50 5.29 -2.10
N TYR A 74 -11.24 5.29 -3.41
CA TYR A 74 -9.89 5.39 -3.91
C TYR A 74 -9.49 6.85 -4.11
N LEU A 75 -10.45 7.63 -4.59
CA LEU A 75 -10.21 9.05 -4.83
C LEU A 75 -10.14 9.78 -3.49
N ARG A 76 -10.76 9.18 -2.48
CA ARG A 76 -10.77 9.77 -1.16
C ARG A 76 -9.50 9.38 -0.39
N ALA A 77 -9.08 8.14 -0.59
CA ALA A 77 -7.89 7.63 0.07
C ALA A 77 -6.65 8.28 -0.56
N VAL A 78 -6.67 8.34 -1.89
CA VAL A 78 -5.56 8.92 -2.62
C VAL A 78 -5.37 10.38 -2.20
N ASP A 79 -6.49 11.10 -2.18
CA ASP A 79 -6.46 12.50 -1.79
C ASP A 79 -5.77 12.64 -0.43
N LEU A 80 -6.23 11.82 0.51
CA LEU A 80 -5.66 11.84 1.85
C LEU A 80 -4.13 11.92 1.76
N ILE A 81 -3.56 10.90 1.13
CA ILE A 81 -2.12 10.85 0.97
C ILE A 81 -1.65 12.08 0.21
N ARG A 82 -2.35 12.36 -0.88
CA ARG A 82 -2.01 13.51 -1.71
C ARG A 82 -1.84 14.76 -0.85
N HIS A 83 -2.88 15.04 -0.06
CA HIS A 83 -2.86 16.20 0.81
C HIS A 83 -2.33 15.79 2.19
N GLY A 84 -1.37 14.88 2.17
CA GLY A 84 -0.76 14.40 3.40
C GLY A 84 -0.10 15.55 4.16
N GLY A 85 1.10 15.27 4.65
CA GLY A 85 1.85 16.27 5.39
C GLY A 85 3.34 15.91 5.45
N LYS A 86 4.13 16.85 5.96
CA LYS A 86 5.56 16.65 6.07
C LYS A 86 5.84 15.21 6.51
N LYS A 87 4.99 14.74 7.42
CA LYS A 87 5.12 13.38 7.93
C LYS A 87 3.93 12.54 7.48
N MET A 88 4.23 11.52 6.69
CA MET A 88 3.21 10.64 6.18
C MET A 88 3.30 9.25 6.83
N ARG A 89 2.21 8.88 7.49
CA ARG A 89 2.17 7.58 8.16
C ARG A 89 1.21 6.65 7.43
N PHE A 90 1.56 5.37 7.42
CA PHE A 90 0.75 4.37 6.76
C PHE A 90 0.79 3.03 7.52
N LEU A 91 -0.39 2.49 7.75
CA LEU A 91 -0.50 1.23 8.47
C LEU A 91 -0.65 0.09 7.46
N VAL A 92 0.48 -0.47 7.07
CA VAL A 92 0.49 -1.57 6.11
C VAL A 92 0.76 -2.88 6.85
N ALA A 93 0.17 -3.95 6.31
CA ALA A 93 0.34 -5.27 6.90
C ALA A 93 1.21 -6.13 5.99
N LYS A 94 2.04 -6.94 6.62
CA LYS A 94 2.94 -7.81 5.88
C LYS A 94 2.12 -8.93 5.23
N SER A 95 1.88 -8.77 3.93
CA SER A 95 1.12 -9.75 3.19
C SER A 95 2.07 -10.79 2.58
N ASP A 96 1.46 -11.79 1.95
CA ASP A 96 2.23 -12.86 1.33
C ASP A 96 2.66 -12.41 -0.07
N VAL A 97 3.39 -13.30 -0.75
CA VAL A 97 3.86 -13.00 -2.09
C VAL A 97 2.68 -13.06 -3.06
N GLU A 98 1.84 -14.05 -2.87
CA GLU A 98 0.67 -14.23 -3.71
C GLU A 98 -0.08 -12.90 -3.87
N THR A 99 -0.44 -12.33 -2.73
CA THR A 99 -1.16 -11.07 -2.72
C THR A 99 -0.52 -10.09 -3.72
N ALA A 100 0.80 -10.11 -3.76
CA ALA A 100 1.52 -9.23 -4.66
C ALA A 100 1.36 -9.73 -6.10
N LYS A 101 1.44 -11.05 -6.25
CA LYS A 101 1.30 -11.66 -7.56
C LYS A 101 0.03 -11.14 -8.23
N LYS A 102 -1.07 -11.24 -7.50
CA LYS A 102 -2.35 -10.78 -8.00
C LYS A 102 -2.26 -9.28 -8.33
N ILE A 103 -1.54 -8.57 -7.47
CA ILE A 103 -1.37 -7.14 -7.65
C ILE A 103 -0.63 -6.88 -8.97
N HIS A 104 0.24 -7.82 -9.31
CA HIS A 104 1.00 -7.70 -10.54
C HIS A 104 1.31 -9.09 -11.09
N SER A 105 0.69 -9.40 -12.23
CA SER A 105 0.88 -10.69 -12.85
C SER A 105 0.73 -11.81 -11.82
N GLY A 106 -0.47 -12.38 -11.79
CA GLY A 106 -0.77 -13.46 -10.86
C GLY A 106 -1.03 -14.76 -11.61
N PRO A 107 -0.72 -15.89 -10.93
CA PRO A 107 -0.92 -17.21 -11.51
C PRO A 107 -2.41 -17.58 -11.51
N SER A 108 -2.69 -18.74 -12.11
CA SER A 108 -4.06 -19.21 -12.19
C SER A 108 -4.13 -20.65 -11.68
N SER A 109 -4.79 -20.82 -10.55
CA SER A 109 -4.94 -22.14 -9.95
C SER A 109 -6.38 -22.62 -10.12
N GLY A 110 -6.52 -23.72 -10.84
CA GLY A 110 -7.83 -24.30 -11.08
C GLY A 110 -7.87 -25.04 -12.42
N GLY A 1 -14.79 -10.00 21.09
CA GLY A 1 -14.09 -11.28 21.21
C GLY A 1 -12.66 -11.17 20.70
N SER A 2 -12.27 -12.15 19.89
CA SER A 2 -10.92 -12.17 19.35
C SER A 2 -10.98 -12.51 17.85
N SER A 3 -10.13 -11.83 17.09
CA SER A 3 -10.08 -12.05 15.66
C SER A 3 -8.82 -12.85 15.30
N GLY A 4 -9.03 -13.88 14.48
CA GLY A 4 -7.93 -14.73 14.06
C GLY A 4 -7.33 -14.23 12.75
N SER A 5 -6.28 -13.43 12.88
CA SER A 5 -5.59 -12.88 11.73
C SER A 5 -4.10 -13.13 11.83
N SER A 6 -3.65 -14.17 11.13
CA SER A 6 -2.24 -14.53 11.14
C SER A 6 -1.42 -13.42 10.50
N GLY A 7 -0.35 -13.04 11.19
CA GLY A 7 0.53 -11.99 10.71
C GLY A 7 0.45 -10.76 11.61
N TYR A 8 1.47 -9.92 11.48
CA TYR A 8 1.53 -8.70 12.27
C TYR A 8 1.57 -7.47 11.38
N VAL A 9 1.17 -6.34 11.95
CA VAL A 9 1.15 -5.08 11.22
C VAL A 9 2.37 -4.25 11.61
N PHE A 10 2.69 -3.29 10.76
CA PHE A 10 3.82 -2.41 11.02
C PHE A 10 3.58 -1.02 10.43
N THR A 11 3.93 -0.02 11.22
CA THR A 11 3.76 1.36 10.80
C THR A 11 4.92 1.79 9.89
N VAL A 12 4.63 2.76 9.03
CA VAL A 12 5.64 3.26 8.10
C VAL A 12 5.64 4.79 8.16
N GLU A 13 6.72 5.32 8.70
CA GLU A 13 6.87 6.76 8.81
C GLU A 13 7.81 7.29 7.73
N LEU A 14 7.22 8.01 6.78
CA LEU A 14 7.99 8.57 5.69
C LEU A 14 7.81 10.09 5.67
N GLU A 15 8.62 10.75 4.85
CA GLU A 15 8.55 12.19 4.72
C GLU A 15 8.21 12.58 3.29
N ARG A 16 7.35 13.59 3.17
CA ARG A 16 6.93 14.06 1.86
C ARG A 16 8.14 14.57 1.08
N GLY A 17 8.53 13.82 0.06
CA GLY A 17 9.66 14.18 -0.76
C GLY A 17 9.32 15.37 -1.68
N PRO A 18 10.24 15.67 -2.62
CA PRO A 18 10.06 16.77 -3.54
C PRO A 18 9.03 16.40 -4.62
N SER A 19 8.73 15.12 -4.70
CA SER A 19 7.78 14.63 -5.67
C SER A 19 6.46 14.27 -4.98
N GLY A 20 6.54 14.14 -3.67
CA GLY A 20 5.37 13.80 -2.88
C GLY A 20 5.33 12.30 -2.58
N LEU A 21 6.42 11.80 -2.03
CA LEU A 21 6.53 10.39 -1.70
C LEU A 21 6.87 9.60 -2.96
N GLY A 22 6.24 8.44 -3.10
CA GLY A 22 6.46 7.59 -4.24
C GLY A 22 5.83 6.21 -4.03
N MET A 23 4.51 6.18 -4.12
CA MET A 23 3.78 4.94 -3.94
C MET A 23 2.58 4.86 -4.90
N GLY A 24 2.57 3.80 -5.69
CA GLY A 24 1.50 3.60 -6.65
C GLY A 24 0.46 2.62 -6.11
N LEU A 25 -0.44 3.16 -5.30
CA LEU A 25 -1.50 2.35 -4.71
C LEU A 25 -2.55 2.04 -5.77
N ILE A 26 -3.26 0.93 -5.56
CA ILE A 26 -4.30 0.51 -6.48
C ILE A 26 -5.38 -0.23 -5.72
N ASP A 27 -6.61 -0.11 -6.22
CA ASP A 27 -7.74 -0.78 -5.60
C ASP A 27 -7.65 -2.28 -5.85
N GLY A 28 -7.64 -3.03 -4.76
CA GLY A 28 -7.56 -4.48 -4.84
C GLY A 28 -8.54 -5.02 -5.88
N MET A 29 -9.59 -4.24 -6.13
CA MET A 29 -10.60 -4.62 -7.10
C MET A 29 -10.06 -4.56 -8.52
N HIS A 30 -9.14 -3.63 -8.73
CA HIS A 30 -8.54 -3.44 -10.04
C HIS A 30 -7.50 -4.55 -10.28
N THR A 31 -6.84 -4.93 -9.21
CA THR A 31 -5.81 -5.96 -9.29
C THR A 31 -6.47 -7.35 -9.26
N HIS A 32 -5.79 -8.30 -9.89
CA HIS A 32 -6.29 -9.67 -9.93
C HIS A 32 -6.86 -10.06 -8.57
N LEU A 33 -6.29 -9.46 -7.54
CA LEU A 33 -6.73 -9.74 -6.18
C LEU A 33 -8.25 -9.82 -6.15
N GLY A 34 -8.88 -8.89 -6.85
CA GLY A 34 -10.33 -8.86 -6.91
C GLY A 34 -10.94 -8.72 -5.51
N ALA A 35 -10.16 -8.13 -4.61
CA ALA A 35 -10.61 -7.94 -3.25
C ALA A 35 -10.60 -6.45 -2.92
N PRO A 36 -11.48 -6.06 -1.95
CA PRO A 36 -11.58 -4.68 -1.54
C PRO A 36 -10.39 -4.27 -0.67
N GLY A 37 -9.89 -3.08 -0.95
CA GLY A 37 -8.74 -2.56 -0.20
C GLY A 37 -7.64 -2.08 -1.15
N LEU A 38 -6.83 -1.17 -0.64
CA LEU A 38 -5.74 -0.62 -1.42
C LEU A 38 -4.46 -1.41 -1.13
N TYR A 39 -3.68 -1.61 -2.20
CA TYR A 39 -2.43 -2.35 -2.07
C TYR A 39 -1.33 -1.72 -2.94
N ILE A 40 -0.14 -1.66 -2.37
CA ILE A 40 0.99 -1.10 -3.08
C ILE A 40 1.15 -1.80 -4.43
N GLN A 41 1.38 -0.99 -5.45
CA GLN A 41 1.54 -1.53 -6.80
C GLN A 41 2.95 -1.22 -7.32
N THR A 42 3.41 -0.01 -7.01
CA THR A 42 4.73 0.41 -7.43
C THR A 42 5.42 1.22 -6.32
N LEU A 43 6.72 1.42 -6.51
CA LEU A 43 7.49 2.17 -5.53
C LEU A 43 8.56 3.00 -6.25
N LEU A 44 8.28 4.28 -6.38
CA LEU A 44 9.21 5.19 -7.04
C LEU A 44 10.63 4.92 -6.53
N PRO A 45 11.62 5.24 -7.41
CA PRO A 45 13.02 5.04 -7.06
C PRO A 45 13.50 6.11 -6.09
N GLY A 46 13.52 7.34 -6.57
CA GLY A 46 13.96 8.47 -5.77
C GLY A 46 12.82 8.95 -4.86
N SER A 47 12.22 8.01 -4.16
CA SER A 47 11.12 8.32 -3.25
C SER A 47 11.46 7.83 -1.85
N PRO A 48 10.72 8.40 -0.85
CA PRO A 48 10.93 8.03 0.54
C PRO A 48 10.32 6.65 0.83
N ALA A 49 9.18 6.41 0.21
CA ALA A 49 8.48 5.14 0.39
C ALA A 49 9.41 3.99 0.02
N ALA A 50 10.27 4.26 -0.95
CA ALA A 50 11.22 3.27 -1.41
C ALA A 50 12.46 3.29 -0.51
N ALA A 51 12.89 4.50 -0.20
CA ALA A 51 14.07 4.68 0.65
C ALA A 51 13.90 3.84 1.92
N ASP A 52 12.67 3.78 2.41
CA ASP A 52 12.36 3.03 3.60
C ASP A 52 12.83 1.58 3.41
N GLY A 53 12.25 0.94 2.41
CA GLY A 53 12.60 -0.44 2.11
C GLY A 53 11.44 -1.38 2.43
N ARG A 54 10.95 -1.28 3.67
CA ARG A 54 9.85 -2.11 4.12
C ARG A 54 8.74 -2.11 3.06
N LEU A 55 8.18 -0.94 2.83
CA LEU A 55 7.11 -0.79 1.86
C LEU A 55 7.42 -1.64 0.63
N SER A 56 6.61 -2.68 0.45
CA SER A 56 6.78 -3.58 -0.68
C SER A 56 5.55 -3.53 -1.59
N LEU A 57 5.70 -4.11 -2.76
CA LEU A 57 4.62 -4.14 -3.73
C LEU A 57 3.60 -5.22 -3.31
N GLY A 58 2.35 -4.78 -3.19
CA GLY A 58 1.29 -5.69 -2.81
C GLY A 58 0.85 -5.44 -1.36
N ASP A 59 1.67 -4.67 -0.66
CA ASP A 59 1.39 -4.35 0.74
C ASP A 59 0.04 -3.63 0.83
N ARG A 60 -0.73 -4.00 1.83
CA ARG A 60 -2.04 -3.41 2.03
C ARG A 60 -1.96 -2.34 3.13
N ILE A 61 -2.62 -1.22 2.87
CA ILE A 61 -2.64 -0.12 3.83
C ILE A 61 -3.85 -0.27 4.74
N LEU A 62 -3.73 0.30 5.94
CA LEU A 62 -4.80 0.23 6.91
C LEU A 62 -5.17 1.65 7.35
N GLU A 63 -4.14 2.44 7.61
CA GLU A 63 -4.33 3.81 8.04
C GLU A 63 -3.36 4.74 7.31
N VAL A 64 -3.79 5.98 7.16
CA VAL A 64 -2.96 6.98 6.49
C VAL A 64 -2.91 8.25 7.32
N ASN A 65 -1.78 8.47 7.97
CA ASN A 65 -1.61 9.64 8.80
C ASN A 65 -2.60 9.59 9.96
N GLY A 66 -3.09 8.39 10.23
CA GLY A 66 -4.04 8.19 11.30
C GLY A 66 -5.48 8.29 10.80
N SER A 67 -5.72 7.67 9.65
CA SER A 67 -7.03 7.67 9.05
C SER A 67 -7.42 6.26 8.61
N SER A 68 -8.43 5.72 9.29
CA SER A 68 -8.90 4.38 8.98
C SER A 68 -9.30 4.30 7.51
N LEU A 69 -8.55 3.52 6.76
CA LEU A 69 -8.82 3.35 5.34
C LEU A 69 -9.72 2.12 5.15
N LEU A 70 -10.84 2.14 5.85
CA LEU A 70 -11.80 1.04 5.76
C LEU A 70 -12.89 1.42 4.75
N GLY A 71 -13.00 0.60 3.72
CA GLY A 71 -14.01 0.83 2.69
C GLY A 71 -13.98 2.27 2.20
N LEU A 72 -12.81 2.89 2.34
CA LEU A 72 -12.63 4.27 1.93
C LEU A 72 -12.44 4.32 0.41
N GLY A 73 -13.22 5.19 -0.22
CA GLY A 73 -13.14 5.34 -1.67
C GLY A 73 -11.72 5.69 -2.11
N TYR A 74 -11.33 5.13 -3.24
CA TYR A 74 -10.00 5.37 -3.77
C TYR A 74 -9.69 6.87 -3.83
N LEU A 75 -10.75 7.66 -3.97
CA LEU A 75 -10.62 9.10 -4.04
C LEU A 75 -10.43 9.65 -2.63
N ARG A 76 -11.04 8.97 -1.67
CA ARG A 76 -10.94 9.38 -0.28
C ARG A 76 -9.54 9.08 0.27
N ALA A 77 -9.06 7.90 -0.06
CA ALA A 77 -7.74 7.48 0.39
C ALA A 77 -6.67 8.31 -0.33
N VAL A 78 -6.75 8.30 -1.65
CA VAL A 78 -5.80 9.04 -2.46
C VAL A 78 -5.77 10.50 -1.99
N ASP A 79 -6.94 11.01 -1.67
CA ASP A 79 -7.07 12.38 -1.22
C ASP A 79 -6.27 12.56 0.08
N LEU A 80 -6.34 11.53 0.92
CA LEU A 80 -5.63 11.56 2.19
C LEU A 80 -4.12 11.65 1.92
N ILE A 81 -3.64 10.68 1.17
CA ILE A 81 -2.22 10.62 0.83
C ILE A 81 -1.88 11.82 -0.06
N ARG A 82 -2.90 12.34 -0.73
CA ARG A 82 -2.72 13.47 -1.62
C ARG A 82 -2.57 14.76 -0.82
N HIS A 83 -3.53 14.98 0.07
CA HIS A 83 -3.52 16.17 0.91
C HIS A 83 -2.77 15.88 2.21
N GLY A 84 -1.73 15.07 2.08
CA GLY A 84 -0.91 14.70 3.23
C GLY A 84 -0.29 15.95 3.87
N GLY A 85 0.96 15.78 4.31
CA GLY A 85 1.68 16.87 4.94
C GLY A 85 3.19 16.63 4.88
N LYS A 86 3.90 17.43 5.65
CA LYS A 86 5.36 17.32 5.70
C LYS A 86 5.75 15.84 5.68
N LYS A 87 5.14 15.09 6.59
CA LYS A 87 5.42 13.67 6.70
C LYS A 87 4.15 12.88 6.37
N MET A 88 4.33 11.59 6.13
CA MET A 88 3.21 10.72 5.81
C MET A 88 3.34 9.37 6.53
N ARG A 89 2.34 9.06 7.32
CA ARG A 89 2.33 7.81 8.07
C ARG A 89 1.31 6.84 7.47
N PHE A 90 1.71 5.58 7.38
CA PHE A 90 0.84 4.56 6.83
C PHE A 90 0.90 3.28 7.67
N LEU A 91 -0.26 2.67 7.83
CA LEU A 91 -0.35 1.44 8.61
C LEU A 91 -0.58 0.26 7.67
N VAL A 92 0.51 -0.34 7.24
CA VAL A 92 0.44 -1.47 6.33
C VAL A 92 0.66 -2.76 7.13
N ALA A 93 0.12 -3.85 6.58
CA ALA A 93 0.24 -5.14 7.24
C ALA A 93 1.29 -5.98 6.49
N LYS A 94 1.57 -7.15 7.04
CA LYS A 94 2.54 -8.05 6.44
C LYS A 94 1.86 -8.86 5.33
N SER A 95 2.09 -8.42 4.10
CA SER A 95 1.51 -9.09 2.95
C SER A 95 2.34 -10.32 2.60
N ASP A 96 1.87 -11.04 1.59
CA ASP A 96 2.55 -12.24 1.15
C ASP A 96 2.94 -12.10 -0.33
N VAL A 97 3.57 -13.13 -0.85
CA VAL A 97 4.00 -13.12 -2.25
C VAL A 97 2.78 -13.26 -3.15
N GLU A 98 2.01 -14.31 -2.90
CA GLU A 98 0.82 -14.57 -3.68
C GLU A 98 0.02 -13.27 -3.88
N THR A 99 -0.20 -12.57 -2.79
CA THR A 99 -0.93 -11.31 -2.83
C THR A 99 -0.39 -10.41 -3.95
N ALA A 100 0.92 -10.24 -3.93
CA ALA A 100 1.57 -9.41 -4.94
C ALA A 100 1.36 -10.04 -6.32
N LYS A 101 1.57 -11.34 -6.39
CA LYS A 101 1.41 -12.07 -7.63
C LYS A 101 0.11 -11.62 -8.31
N LYS A 102 -0.89 -11.36 -7.49
CA LYS A 102 -2.19 -10.92 -8.00
C LYS A 102 -2.09 -9.44 -8.39
N ILE A 103 -1.37 -8.69 -7.57
CA ILE A 103 -1.20 -7.26 -7.82
C ILE A 103 -0.44 -7.07 -9.13
N HIS A 104 0.42 -8.03 -9.43
CA HIS A 104 1.21 -7.97 -10.65
C HIS A 104 0.30 -8.16 -11.86
N SER A 105 0.61 -7.41 -12.91
CA SER A 105 -0.18 -7.48 -14.13
C SER A 105 -1.57 -6.89 -13.90
N GLY A 106 -2.16 -6.39 -14.97
CA GLY A 106 -3.48 -5.80 -14.90
C GLY A 106 -4.22 -5.95 -16.23
N PRO A 107 -4.95 -7.09 -16.35
CA PRO A 107 -5.70 -7.38 -17.56
C PRO A 107 -6.97 -6.53 -17.63
N SER A 108 -7.36 -6.19 -18.86
CA SER A 108 -8.54 -5.38 -19.06
C SER A 108 -9.79 -6.25 -19.00
N SER A 109 -10.42 -6.26 -17.83
CA SER A 109 -11.62 -7.05 -17.63
C SER A 109 -12.72 -6.58 -18.59
N GLY A 110 -13.30 -7.56 -19.28
CA GLY A 110 -14.37 -7.26 -20.23
C GLY A 110 -15.40 -8.39 -20.26
N GLY A 1 -3.58 -28.00 6.27
CA GLY A 1 -3.37 -26.58 6.53
C GLY A 1 -4.05 -25.72 5.46
N SER A 2 -4.58 -24.59 5.91
CA SER A 2 -5.26 -23.68 5.00
C SER A 2 -4.26 -22.69 4.41
N SER A 3 -3.59 -21.96 5.31
CA SER A 3 -2.62 -20.97 4.88
C SER A 3 -1.86 -20.44 6.10
N GLY A 4 -2.62 -19.91 7.06
CA GLY A 4 -2.03 -19.37 8.26
C GLY A 4 -3.10 -18.73 9.16
N SER A 5 -2.63 -18.07 10.20
CA SER A 5 -3.53 -17.42 11.14
C SER A 5 -2.86 -16.17 11.71
N SER A 6 -1.63 -16.35 12.16
CA SER A 6 -0.88 -15.25 12.74
C SER A 6 -0.66 -14.16 11.70
N GLY A 7 -0.29 -12.99 12.19
CA GLY A 7 -0.06 -11.85 11.32
C GLY A 7 0.12 -10.56 12.12
N TYR A 8 1.20 -9.86 11.82
CA TYR A 8 1.49 -8.61 12.50
C TYR A 8 1.56 -7.44 11.52
N VAL A 9 1.12 -6.29 12.00
CA VAL A 9 1.11 -5.09 11.17
C VAL A 9 2.31 -4.22 11.55
N PHE A 10 2.64 -3.30 10.63
CA PHE A 10 3.75 -2.40 10.86
C PHE A 10 3.47 -1.02 10.26
N THR A 11 3.83 0.00 11.02
CA THR A 11 3.62 1.37 10.59
C THR A 11 4.77 1.83 9.69
N VAL A 12 4.47 2.79 8.82
CA VAL A 12 5.47 3.32 7.91
C VAL A 12 5.41 4.85 7.93
N GLU A 13 6.46 5.44 8.48
CA GLU A 13 6.54 6.89 8.57
C GLU A 13 7.51 7.43 7.51
N LEU A 14 6.95 8.13 6.54
CA LEU A 14 7.76 8.71 5.47
C LEU A 14 7.51 10.21 5.41
N GLU A 15 8.32 10.88 4.59
CA GLU A 15 8.20 12.31 4.44
C GLU A 15 7.90 12.67 2.98
N ARG A 16 7.19 13.77 2.80
CA ARG A 16 6.83 14.23 1.47
C ARG A 16 8.06 14.80 0.75
N GLY A 17 8.30 14.28 -0.43
CA GLY A 17 9.44 14.73 -1.23
C GLY A 17 9.00 15.75 -2.28
N PRO A 18 9.98 16.15 -3.13
CA PRO A 18 9.71 17.13 -4.18
C PRO A 18 8.93 16.48 -5.33
N SER A 19 8.70 15.19 -5.19
CA SER A 19 7.96 14.46 -6.21
C SER A 19 6.59 14.03 -5.66
N GLY A 20 6.52 13.95 -4.34
CA GLY A 20 5.28 13.56 -3.68
C GLY A 20 5.32 12.08 -3.29
N LEU A 21 6.35 11.73 -2.54
CA LEU A 21 6.51 10.36 -2.09
C LEU A 21 6.94 9.48 -3.27
N GLY A 22 6.41 8.28 -3.30
CA GLY A 22 6.72 7.34 -4.37
C GLY A 22 6.04 5.99 -4.13
N MET A 23 4.71 6.04 -4.09
CA MET A 23 3.93 4.83 -3.87
C MET A 23 2.76 4.75 -4.85
N GLY A 24 2.73 3.67 -5.61
CA GLY A 24 1.68 3.46 -6.59
C GLY A 24 0.59 2.53 -6.04
N LEU A 25 -0.35 3.12 -5.32
CA LEU A 25 -1.43 2.35 -4.74
C LEU A 25 -2.45 2.01 -5.82
N ILE A 26 -3.02 0.82 -5.71
CA ILE A 26 -4.02 0.37 -6.67
C ILE A 26 -5.19 -0.28 -5.92
N ASP A 27 -6.36 -0.15 -6.51
CA ASP A 27 -7.56 -0.73 -5.92
C ASP A 27 -7.44 -2.26 -5.91
N GLY A 28 -7.44 -2.81 -4.72
CA GLY A 28 -7.34 -4.26 -4.57
C GLY A 28 -8.24 -4.98 -5.56
N MET A 29 -9.30 -4.29 -5.96
CA MET A 29 -10.25 -4.85 -6.91
C MET A 29 -9.67 -4.85 -8.32
N HIS A 30 -8.98 -3.76 -8.65
CA HIS A 30 -8.38 -3.62 -9.97
C HIS A 30 -7.46 -4.82 -10.24
N THR A 31 -6.77 -5.25 -9.18
CA THR A 31 -5.86 -6.37 -9.30
C THR A 31 -6.63 -7.70 -9.23
N HIS A 32 -6.03 -8.72 -9.80
CA HIS A 32 -6.65 -10.04 -9.82
C HIS A 32 -7.14 -10.39 -8.41
N LEU A 33 -6.51 -9.78 -7.43
CA LEU A 33 -6.87 -10.02 -6.04
C LEU A 33 -8.39 -9.94 -5.89
N GLY A 34 -8.98 -9.04 -6.67
CA GLY A 34 -10.42 -8.86 -6.63
C GLY A 34 -10.91 -8.63 -5.20
N ALA A 35 -9.98 -8.22 -4.35
CA ALA A 35 -10.30 -7.96 -2.96
C ALA A 35 -10.31 -6.45 -2.71
N PRO A 36 -11.13 -6.04 -1.70
CA PRO A 36 -11.22 -4.63 -1.35
C PRO A 36 -9.97 -4.16 -0.59
N GLY A 37 -9.78 -2.85 -0.60
CA GLY A 37 -8.64 -2.26 0.08
C GLY A 37 -7.59 -1.79 -0.92
N LEU A 38 -6.69 -0.95 -0.44
CA LEU A 38 -5.63 -0.42 -1.28
C LEU A 38 -4.31 -1.11 -0.93
N TYR A 39 -3.59 -1.51 -1.97
CA TYR A 39 -2.32 -2.18 -1.79
C TYR A 39 -1.23 -1.52 -2.65
N ILE A 40 0.01 -1.75 -2.23
CA ILE A 40 1.15 -1.19 -2.94
C ILE A 40 1.32 -1.93 -4.27
N GLN A 41 1.47 -1.13 -5.33
CA GLN A 41 1.64 -1.69 -6.66
C GLN A 41 3.04 -1.37 -7.19
N THR A 42 3.49 -0.16 -6.90
CA THR A 42 4.81 0.27 -7.34
C THR A 42 5.46 1.15 -6.27
N LEU A 43 6.73 1.45 -6.49
CA LEU A 43 7.48 2.26 -5.55
C LEU A 43 8.47 3.14 -6.32
N LEU A 44 8.05 4.40 -6.52
CA LEU A 44 8.88 5.34 -7.25
C LEU A 44 10.33 5.21 -6.78
N PRO A 45 11.27 5.32 -7.76
CA PRO A 45 12.68 5.22 -7.45
C PRO A 45 13.20 6.49 -6.79
N GLY A 46 14.17 6.31 -5.89
CA GLY A 46 14.74 7.43 -5.18
C GLY A 46 13.70 8.11 -4.29
N SER A 47 12.56 7.46 -4.17
CA SER A 47 11.48 8.00 -3.35
C SER A 47 11.68 7.60 -1.89
N PRO A 48 10.84 8.21 -1.01
CA PRO A 48 10.93 7.93 0.41
C PRO A 48 10.32 6.55 0.74
N ALA A 49 9.28 6.20 -0.01
CA ALA A 49 8.61 4.93 0.19
C ALA A 49 9.57 3.80 -0.15
N ALA A 50 10.50 4.09 -1.05
CA ALA A 50 11.49 3.11 -1.47
C ALA A 50 12.70 3.20 -0.55
N ALA A 51 13.08 4.43 -0.22
CA ALA A 51 14.22 4.65 0.64
C ALA A 51 14.02 3.90 1.96
N ASP A 52 12.75 3.75 2.33
CA ASP A 52 12.42 3.06 3.56
C ASP A 52 12.88 1.60 3.46
N GLY A 53 12.34 0.91 2.47
CA GLY A 53 12.69 -0.49 2.26
C GLY A 53 11.49 -1.40 2.56
N ARG A 54 11.04 -1.34 3.79
CA ARG A 54 9.91 -2.16 4.22
C ARG A 54 8.84 -2.18 3.13
N LEU A 55 8.31 -1.00 2.85
CA LEU A 55 7.27 -0.87 1.83
C LEU A 55 7.62 -1.77 0.64
N SER A 56 6.77 -2.77 0.43
CA SER A 56 6.99 -3.70 -0.67
C SER A 56 5.74 -3.75 -1.55
N LEU A 57 5.91 -4.30 -2.74
CA LEU A 57 4.81 -4.41 -3.68
C LEU A 57 3.86 -5.52 -3.21
N GLY A 58 2.58 -5.17 -3.16
CA GLY A 58 1.57 -6.11 -2.72
C GLY A 58 1.05 -5.75 -1.33
N ASP A 59 1.84 -4.96 -0.62
CA ASP A 59 1.47 -4.53 0.72
C ASP A 59 0.04 -3.99 0.71
N ARG A 60 -0.58 -4.03 1.87
CA ARG A 60 -1.94 -3.53 2.02
C ARG A 60 -2.01 -2.45 3.09
N ILE A 61 -2.41 -1.26 2.66
CA ILE A 61 -2.52 -0.14 3.58
C ILE A 61 -3.77 -0.32 4.45
N LEU A 62 -3.69 0.22 5.66
CA LEU A 62 -4.80 0.13 6.59
C LEU A 62 -5.23 1.53 7.02
N GLU A 63 -4.22 2.34 7.31
CA GLU A 63 -4.46 3.72 7.74
C GLU A 63 -3.52 4.68 7.02
N VAL A 64 -3.90 5.95 7.02
CA VAL A 64 -3.10 6.97 6.37
C VAL A 64 -3.05 8.22 7.26
N ASN A 65 -1.91 8.43 7.89
CA ASN A 65 -1.72 9.57 8.75
C ASN A 65 -2.70 9.48 9.93
N GLY A 66 -3.08 8.25 10.24
CA GLY A 66 -4.01 8.00 11.34
C GLY A 66 -5.45 8.16 10.87
N SER A 67 -5.72 7.64 9.68
CA SER A 67 -7.06 7.71 9.12
C SER A 67 -7.48 6.35 8.57
N SER A 68 -8.48 5.77 9.22
CA SER A 68 -8.99 4.47 8.81
C SER A 68 -9.36 4.50 7.32
N LEU A 69 -8.65 3.68 6.55
CA LEU A 69 -8.88 3.60 5.13
C LEU A 69 -9.63 2.29 4.82
N LEU A 70 -10.80 2.16 5.41
CA LEU A 70 -11.61 0.96 5.19
C LEU A 70 -12.67 1.26 4.14
N GLY A 71 -13.72 1.96 4.57
CA GLY A 71 -14.81 2.30 3.68
C GLY A 71 -14.52 3.63 2.95
N LEU A 72 -13.28 3.78 2.52
CA LEU A 72 -12.87 4.98 1.82
C LEU A 72 -12.49 4.62 0.38
N GLY A 73 -13.03 5.39 -0.55
CA GLY A 73 -12.76 5.17 -1.96
C GLY A 73 -11.29 5.45 -2.28
N TYR A 74 -11.03 5.62 -3.57
CA TYR A 74 -9.67 5.89 -4.03
C TYR A 74 -9.40 7.39 -4.09
N LEU A 75 -10.49 8.15 -4.26
CA LEU A 75 -10.39 9.60 -4.33
C LEU A 75 -10.32 10.18 -2.92
N ARG A 76 -10.92 9.44 -1.98
CA ARG A 76 -10.93 9.87 -0.60
C ARG A 76 -9.60 9.52 0.08
N ALA A 77 -9.10 8.35 -0.27
CA ALA A 77 -7.84 7.87 0.30
C ALA A 77 -6.69 8.71 -0.26
N VAL A 78 -6.69 8.84 -1.58
CA VAL A 78 -5.66 9.61 -2.26
C VAL A 78 -5.59 11.01 -1.65
N ASP A 79 -6.74 11.64 -1.57
CA ASP A 79 -6.83 12.99 -1.00
C ASP A 79 -6.12 13.01 0.35
N LEU A 80 -6.44 12.02 1.17
CA LEU A 80 -5.85 11.91 2.49
C LEU A 80 -4.32 11.96 2.36
N ILE A 81 -3.81 11.11 1.48
CA ILE A 81 -2.38 11.03 1.25
C ILE A 81 -1.90 12.34 0.61
N ARG A 82 -2.81 12.98 -0.10
CA ARG A 82 -2.49 14.23 -0.77
C ARG A 82 -2.39 15.36 0.25
N HIS A 83 -3.44 15.50 1.05
CA HIS A 83 -3.48 16.54 2.06
C HIS A 83 -2.95 15.97 3.38
N GLY A 84 -1.96 15.10 3.26
CA GLY A 84 -1.36 14.49 4.44
C GLY A 84 -0.97 15.54 5.48
N GLY A 85 0.32 15.83 5.53
CA GLY A 85 0.84 16.82 6.46
C GLY A 85 2.35 16.68 6.63
N LYS A 86 3.07 17.16 5.63
CA LYS A 86 4.52 17.09 5.66
C LYS A 86 4.96 15.63 5.59
N LYS A 87 4.78 14.93 6.70
CA LYS A 87 5.15 13.53 6.78
C LYS A 87 3.94 12.66 6.42
N MET A 88 4.23 11.48 5.91
CA MET A 88 3.18 10.55 5.53
C MET A 88 3.32 9.23 6.29
N ARG A 89 2.26 8.91 7.04
CA ARG A 89 2.25 7.69 7.82
C ARG A 89 1.20 6.73 7.27
N PHE A 90 1.61 5.48 7.09
CA PHE A 90 0.71 4.46 6.58
C PHE A 90 0.79 3.19 7.43
N LEU A 91 -0.38 2.59 7.62
CA LEU A 91 -0.46 1.37 8.41
C LEU A 91 -0.65 0.17 7.48
N VAL A 92 0.47 -0.38 7.04
CA VAL A 92 0.44 -1.53 6.15
C VAL A 92 0.73 -2.80 6.95
N ALA A 93 0.11 -3.89 6.51
CA ALA A 93 0.29 -5.17 7.18
C ALA A 93 1.32 -6.00 6.40
N LYS A 94 1.57 -7.20 6.91
CA LYS A 94 2.53 -8.08 6.29
C LYS A 94 1.81 -8.98 5.29
N SER A 95 1.88 -8.59 4.03
CA SER A 95 1.24 -9.34 2.97
C SER A 95 2.14 -10.51 2.54
N ASP A 96 1.73 -11.17 1.46
CA ASP A 96 2.48 -12.29 0.94
C ASP A 96 2.89 -12.00 -0.50
N VAL A 97 3.67 -12.93 -1.06
CA VAL A 97 4.14 -12.79 -2.42
C VAL A 97 2.96 -12.97 -3.38
N GLU A 98 2.17 -13.99 -3.10
CA GLU A 98 1.02 -14.29 -3.93
C GLU A 98 0.20 -13.02 -4.19
N THR A 99 -0.21 -12.39 -3.10
CA THR A 99 -0.99 -11.16 -3.20
C THR A 99 -0.37 -10.22 -4.22
N ALA A 100 0.95 -10.06 -4.12
CA ALA A 100 1.66 -9.19 -5.02
C ALA A 100 1.43 -9.64 -6.47
N LYS A 101 1.61 -10.93 -6.68
CA LYS A 101 1.41 -11.50 -8.01
C LYS A 101 0.16 -10.89 -8.64
N LYS A 102 -0.95 -11.00 -7.92
CA LYS A 102 -2.21 -10.47 -8.39
C LYS A 102 -2.07 -8.96 -8.62
N ILE A 103 -1.33 -8.32 -7.72
CA ILE A 103 -1.11 -6.89 -7.82
C ILE A 103 -0.28 -6.59 -9.07
N HIS A 104 0.44 -7.60 -9.52
CA HIS A 104 1.27 -7.45 -10.70
C HIS A 104 0.39 -7.47 -11.95
N SER A 105 0.99 -7.02 -13.05
CA SER A 105 0.27 -6.98 -14.32
C SER A 105 0.98 -7.87 -15.34
N GLY A 106 0.19 -8.74 -15.96
CA GLY A 106 0.72 -9.65 -16.95
C GLY A 106 0.87 -11.06 -16.39
N PRO A 107 0.78 -12.06 -17.30
CA PRO A 107 0.90 -13.46 -16.91
C PRO A 107 2.36 -13.81 -16.59
N SER A 108 2.67 -13.84 -15.30
CA SER A 108 4.02 -14.17 -14.87
C SER A 108 4.50 -15.46 -15.55
N SER A 109 3.74 -16.52 -15.34
CA SER A 109 4.08 -17.80 -15.93
C SER A 109 3.08 -18.15 -17.04
N GLY A 110 3.61 -18.60 -18.15
CA GLY A 110 2.78 -18.98 -19.29
C GLY A 110 3.54 -19.86 -20.27
N GLY A 1 -5.90 -28.89 7.18
CA GLY A 1 -4.47 -28.58 7.09
C GLY A 1 -4.19 -27.18 7.64
N SER A 2 -4.26 -26.20 6.75
CA SER A 2 -4.01 -24.82 7.14
C SER A 2 -4.61 -23.88 6.10
N SER A 3 -5.32 -22.87 6.60
CA SER A 3 -5.96 -21.90 5.73
C SER A 3 -6.04 -20.55 6.45
N GLY A 4 -5.33 -19.57 5.88
CA GLY A 4 -5.33 -18.24 6.45
C GLY A 4 -3.91 -17.66 6.47
N SER A 5 -3.76 -16.56 7.20
CA SER A 5 -2.46 -15.91 7.31
C SER A 5 -2.24 -15.42 8.74
N SER A 6 -3.19 -14.62 9.21
CA SER A 6 -3.11 -14.08 10.55
C SER A 6 -1.67 -13.68 10.88
N GLY A 7 -1.31 -12.48 10.46
CA GLY A 7 0.03 -11.97 10.70
C GLY A 7 -0.02 -10.67 11.50
N TYR A 8 1.11 -9.97 11.50
CA TYR A 8 1.21 -8.71 12.21
C TYR A 8 1.26 -7.52 11.25
N VAL A 9 1.01 -6.34 11.79
CA VAL A 9 1.02 -5.13 10.99
C VAL A 9 2.21 -4.26 11.40
N PHE A 10 2.50 -3.29 10.55
CA PHE A 10 3.61 -2.38 10.82
C PHE A 10 3.33 -0.99 10.24
N THR A 11 3.68 0.01 11.02
CA THR A 11 3.47 1.39 10.60
C THR A 11 4.63 1.87 9.73
N VAL A 12 4.34 2.87 8.91
CA VAL A 12 5.34 3.43 8.02
C VAL A 12 5.23 4.94 8.03
N GLU A 13 6.26 5.58 8.57
CA GLU A 13 6.29 7.03 8.64
C GLU A 13 7.30 7.59 7.65
N LEU A 14 6.77 8.18 6.59
CA LEU A 14 7.61 8.77 5.55
C LEU A 14 7.32 10.26 5.43
N GLU A 15 8.13 10.93 4.63
CA GLU A 15 7.97 12.36 4.43
C GLU A 15 7.70 12.65 2.95
N ARG A 16 6.56 13.30 2.71
CA ARG A 16 6.19 13.65 1.35
C ARG A 16 7.41 14.08 0.55
N GLY A 17 7.94 13.15 -0.23
CA GLY A 17 9.10 13.43 -1.05
C GLY A 17 8.74 14.35 -2.22
N PRO A 18 9.77 14.59 -3.10
CA PRO A 18 9.57 15.45 -4.25
C PRO A 18 8.75 14.74 -5.33
N SER A 19 8.49 13.46 -5.09
CA SER A 19 7.72 12.66 -6.03
C SER A 19 6.31 12.43 -5.49
N GLY A 20 6.16 12.69 -4.21
CA GLY A 20 4.86 12.52 -3.55
C GLY A 20 4.79 11.16 -2.85
N LEU A 21 5.93 10.73 -2.34
CA LEU A 21 6.00 9.46 -1.64
C LEU A 21 6.31 8.35 -2.65
N GLY A 22 5.99 8.63 -3.90
CA GLY A 22 6.23 7.67 -4.97
C GLY A 22 5.66 6.29 -4.59
N MET A 23 4.38 6.27 -4.30
CA MET A 23 3.72 5.03 -3.93
C MET A 23 2.51 4.76 -4.83
N GLY A 24 2.72 3.86 -5.78
CA GLY A 24 1.66 3.50 -6.71
C GLY A 24 0.60 2.64 -6.03
N LEU A 25 -0.22 3.30 -5.22
CA LEU A 25 -1.28 2.61 -4.51
C LEU A 25 -2.48 2.42 -5.44
N ILE A 26 -3.00 1.20 -5.45
CA ILE A 26 -4.14 0.88 -6.29
C ILE A 26 -5.17 0.11 -5.47
N ASP A 27 -6.40 0.12 -5.97
CA ASP A 27 -7.48 -0.58 -5.29
C ASP A 27 -7.32 -2.08 -5.47
N GLY A 28 -7.13 -2.77 -4.35
CA GLY A 28 -6.94 -4.21 -4.36
C GLY A 28 -7.90 -4.86 -5.37
N MET A 29 -9.03 -4.20 -5.57
CA MET A 29 -10.03 -4.71 -6.50
C MET A 29 -9.57 -4.56 -7.95
N HIS A 30 -9.13 -3.35 -8.27
CA HIS A 30 -8.66 -3.05 -9.61
C HIS A 30 -7.60 -4.08 -10.02
N THR A 31 -6.72 -4.39 -9.07
CA THR A 31 -5.66 -5.34 -9.32
C THR A 31 -6.20 -6.78 -9.20
N HIS A 32 -5.50 -7.70 -9.85
CA HIS A 32 -5.89 -9.09 -9.83
C HIS A 32 -6.09 -9.54 -8.38
N LEU A 33 -5.50 -8.79 -7.47
CA LEU A 33 -5.61 -9.10 -6.05
C LEU A 33 -7.02 -9.60 -5.75
N GLY A 34 -7.99 -8.75 -6.03
CA GLY A 34 -9.38 -9.10 -5.79
C GLY A 34 -9.77 -8.85 -4.34
N ALA A 35 -8.84 -8.27 -3.60
CA ALA A 35 -9.08 -7.96 -2.20
C ALA A 35 -9.45 -6.49 -2.06
N PRO A 36 -10.33 -6.22 -1.06
CA PRO A 36 -10.78 -4.86 -0.81
C PRO A 36 -9.69 -4.03 -0.12
N GLY A 37 -9.65 -2.76 -0.47
CA GLY A 37 -8.66 -1.85 0.09
C GLY A 37 -7.62 -1.46 -0.95
N LEU A 38 -6.64 -0.69 -0.49
CA LEU A 38 -5.57 -0.24 -1.37
C LEU A 38 -4.30 -1.02 -1.06
N TYR A 39 -3.46 -1.15 -2.07
CA TYR A 39 -2.20 -1.87 -1.92
C TYR A 39 -1.09 -1.21 -2.75
N ILE A 40 0.14 -1.44 -2.32
CA ILE A 40 1.29 -0.90 -3.01
C ILE A 40 1.46 -1.60 -4.35
N GLN A 41 1.24 -0.86 -5.42
CA GLN A 41 1.37 -1.40 -6.76
C GLN A 41 2.79 -1.22 -7.28
N THR A 42 3.37 -0.08 -6.94
CA THR A 42 4.73 0.22 -7.35
C THR A 42 5.44 1.07 -6.29
N LEU A 43 6.74 1.24 -6.48
CA LEU A 43 7.54 2.03 -5.56
C LEU A 43 8.60 2.81 -6.35
N LEU A 44 8.33 4.09 -6.53
CA LEU A 44 9.25 4.96 -7.26
C LEU A 44 10.64 4.84 -6.63
N PRO A 45 11.68 5.03 -7.49
CA PRO A 45 13.05 4.96 -7.04
C PRO A 45 13.43 6.21 -6.25
N GLY A 46 13.07 7.36 -6.81
CA GLY A 46 13.37 8.64 -6.16
C GLY A 46 12.26 9.02 -5.18
N SER A 47 11.80 8.02 -4.43
CA SER A 47 10.75 8.24 -3.46
C SER A 47 11.17 7.69 -2.09
N PRO A 48 10.43 8.13 -1.04
CA PRO A 48 10.73 7.69 0.31
C PRO A 48 10.25 6.25 0.53
N ALA A 49 9.04 5.97 0.07
CA ALA A 49 8.47 4.64 0.20
C ALA A 49 9.56 3.60 -0.04
N ALA A 50 10.22 3.73 -1.18
CA ALA A 50 11.28 2.81 -1.55
C ALA A 50 12.44 2.96 -0.57
N ALA A 51 12.91 4.19 -0.44
CA ALA A 51 14.01 4.48 0.47
C ALA A 51 13.77 3.77 1.80
N ASP A 52 12.54 3.85 2.27
CA ASP A 52 12.17 3.23 3.53
C ASP A 52 12.71 1.80 3.56
N GLY A 53 12.27 1.01 2.60
CA GLY A 53 12.70 -0.38 2.51
C GLY A 53 11.53 -1.34 2.75
N ARG A 54 11.01 -1.28 3.96
CA ARG A 54 9.89 -2.13 4.34
C ARG A 54 8.84 -2.14 3.23
N LEU A 55 8.31 -0.95 2.95
CA LEU A 55 7.29 -0.81 1.92
C LEU A 55 7.66 -1.68 0.72
N SER A 56 6.82 -2.68 0.48
CA SER A 56 7.04 -3.60 -0.63
C SER A 56 5.81 -3.61 -1.54
N LEU A 57 6.02 -4.16 -2.73
CA LEU A 57 4.94 -4.25 -3.70
C LEU A 57 3.90 -5.27 -3.22
N GLY A 58 2.64 -4.93 -3.44
CA GLY A 58 1.55 -5.80 -3.03
C GLY A 58 1.04 -5.42 -1.63
N ASP A 59 1.91 -4.79 -0.87
CA ASP A 59 1.56 -4.38 0.48
C ASP A 59 0.14 -3.83 0.48
N ARG A 60 -0.49 -3.92 1.65
CA ARG A 60 -1.86 -3.44 1.81
C ARG A 60 -1.93 -2.38 2.91
N ILE A 61 -2.37 -1.19 2.51
CA ILE A 61 -2.49 -0.09 3.45
C ILE A 61 -3.76 -0.27 4.28
N LEU A 62 -3.71 0.25 5.50
CA LEU A 62 -4.85 0.15 6.40
C LEU A 62 -5.25 1.55 6.85
N GLU A 63 -4.25 2.34 7.19
CA GLU A 63 -4.48 3.70 7.64
C GLU A 63 -3.55 4.67 6.91
N VAL A 64 -3.93 5.95 6.94
CA VAL A 64 -3.13 6.98 6.29
C VAL A 64 -3.18 8.25 7.13
N ASN A 65 -2.08 8.51 7.81
CA ASN A 65 -1.98 9.71 8.65
C ASN A 65 -2.85 9.51 9.89
N GLY A 66 -3.08 8.25 10.24
CA GLY A 66 -3.88 7.92 11.39
C GLY A 66 -5.37 8.01 11.06
N SER A 67 -5.68 7.85 9.78
CA SER A 67 -7.06 7.93 9.32
C SER A 67 -7.51 6.55 8.81
N SER A 68 -8.53 6.02 9.46
CA SER A 68 -9.06 4.72 9.08
C SER A 68 -9.45 4.72 7.61
N LEU A 69 -8.78 3.87 6.84
CA LEU A 69 -9.04 3.76 5.42
C LEU A 69 -9.79 2.46 5.14
N LEU A 70 -10.95 2.34 5.75
CA LEU A 70 -11.78 1.16 5.58
C LEU A 70 -12.93 1.47 4.62
N GLY A 71 -13.68 2.50 4.98
CA GLY A 71 -14.81 2.91 4.16
C GLY A 71 -14.53 4.24 3.46
N LEU A 72 -13.28 4.40 3.06
CA LEU A 72 -12.86 5.61 2.38
C LEU A 72 -12.69 5.32 0.90
N GLY A 73 -13.24 6.21 0.08
CA GLY A 73 -13.15 6.07 -1.36
C GLY A 73 -11.73 6.26 -1.85
N TYR A 74 -11.46 5.72 -3.03
CA TYR A 74 -10.13 5.82 -3.63
C TYR A 74 -9.73 7.28 -3.80
N LEU A 75 -10.73 8.12 -4.02
CA LEU A 75 -10.49 9.55 -4.21
C LEU A 75 -10.27 10.21 -2.84
N ARG A 76 -10.81 9.57 -1.82
CA ARG A 76 -10.68 10.08 -0.47
C ARG A 76 -9.32 9.69 0.12
N ALA A 77 -8.93 8.46 -0.15
CA ALA A 77 -7.66 7.94 0.33
C ALA A 77 -6.52 8.69 -0.35
N VAL A 78 -6.59 8.75 -1.68
CA VAL A 78 -5.58 9.43 -2.46
C VAL A 78 -5.39 10.84 -1.91
N ASP A 79 -6.49 11.57 -1.83
CA ASP A 79 -6.46 12.94 -1.34
C ASP A 79 -5.74 12.96 0.02
N LEU A 80 -6.24 12.12 0.92
CA LEU A 80 -5.65 12.04 2.25
C LEU A 80 -4.13 12.03 2.15
N ILE A 81 -3.63 11.12 1.32
CA ILE A 81 -2.20 10.99 1.12
C ILE A 81 -1.67 12.26 0.44
N ARG A 82 -2.44 12.72 -0.54
CA ARG A 82 -2.06 13.92 -1.27
C ARG A 82 -1.84 15.09 -0.31
N HIS A 83 -2.87 15.35 0.49
CA HIS A 83 -2.80 16.44 1.46
C HIS A 83 -2.31 15.90 2.80
N GLY A 84 -1.40 14.93 2.71
CA GLY A 84 -0.84 14.32 3.91
C GLY A 84 -0.62 15.38 5.00
N GLY A 85 0.60 15.92 5.01
CA GLY A 85 0.96 16.93 5.99
C GLY A 85 2.42 16.78 6.41
N LYS A 86 3.30 16.82 5.42
CA LYS A 86 4.73 16.69 5.67
C LYS A 86 5.03 15.27 6.14
N LYS A 87 4.46 14.92 7.29
CA LYS A 87 4.68 13.61 7.86
C LYS A 87 3.52 12.69 7.43
N MET A 88 3.86 11.74 6.58
CA MET A 88 2.86 10.79 6.09
C MET A 88 3.02 9.43 6.77
N ARG A 89 1.97 9.01 7.43
CA ARG A 89 1.98 7.73 8.13
C ARG A 89 1.00 6.75 7.47
N PHE A 90 1.46 5.53 7.29
CA PHE A 90 0.64 4.50 6.67
C PHE A 90 0.70 3.20 7.47
N LEU A 91 -0.46 2.61 7.66
CA LEU A 91 -0.56 1.36 8.40
C LEU A 91 -0.71 0.20 7.42
N VAL A 92 0.42 -0.34 7.00
CA VAL A 92 0.42 -1.45 6.07
C VAL A 92 0.73 -2.75 6.83
N ALA A 93 0.13 -3.82 6.35
CA ALA A 93 0.33 -5.13 6.97
C ALA A 93 1.40 -5.90 6.20
N LYS A 94 1.72 -7.08 6.71
CA LYS A 94 2.73 -7.92 6.08
C LYS A 94 2.08 -8.70 4.93
N SER A 95 2.44 -8.30 3.72
CA SER A 95 1.92 -8.96 2.53
C SER A 95 2.77 -10.18 2.18
N ASP A 96 2.41 -10.83 1.09
CA ASP A 96 3.13 -12.00 0.64
C ASP A 96 3.65 -11.75 -0.78
N VAL A 97 4.37 -12.75 -1.30
CA VAL A 97 4.93 -12.65 -2.64
C VAL A 97 3.79 -12.70 -3.66
N GLU A 98 3.08 -13.82 -3.66
CA GLU A 98 1.98 -14.01 -4.58
C GLU A 98 1.09 -12.75 -4.61
N THR A 99 0.78 -12.26 -3.43
CA THR A 99 -0.06 -11.07 -3.31
C THR A 99 0.45 -9.97 -4.25
N ALA A 100 1.76 -9.79 -4.24
CA ALA A 100 2.37 -8.78 -5.09
C ALA A 100 2.08 -9.10 -6.56
N LYS A 101 2.46 -10.31 -6.95
CA LYS A 101 2.24 -10.75 -8.32
C LYS A 101 0.87 -10.26 -8.80
N LYS A 102 -0.17 -10.77 -8.16
CA LYS A 102 -1.52 -10.39 -8.50
C LYS A 102 -1.58 -8.89 -8.75
N ILE A 103 -1.01 -8.14 -7.80
CA ILE A 103 -0.99 -6.69 -7.91
C ILE A 103 -0.17 -6.28 -9.13
N HIS A 104 0.94 -6.98 -9.31
CA HIS A 104 1.82 -6.70 -10.43
C HIS A 104 1.06 -6.88 -11.75
N SER A 105 1.68 -6.42 -12.82
CA SER A 105 1.07 -6.52 -14.14
C SER A 105 1.50 -7.83 -14.83
N GLY A 106 0.55 -8.74 -14.93
CA GLY A 106 0.81 -10.03 -15.55
C GLY A 106 0.64 -9.94 -17.08
N PRO A 107 1.14 -11.01 -17.77
CA PRO A 107 1.03 -11.07 -19.21
C PRO A 107 -0.39 -11.39 -19.65
N SER A 108 -0.79 -10.76 -20.75
CA SER A 108 -2.13 -10.97 -21.29
C SER A 108 -2.05 -11.65 -22.65
N SER A 109 -2.70 -12.79 -22.76
CA SER A 109 -2.71 -13.54 -24.00
C SER A 109 -3.32 -12.69 -25.12
N GLY A 110 -2.44 -12.08 -25.90
CA GLY A 110 -2.87 -11.25 -27.01
C GLY A 110 -2.14 -11.62 -28.30
N GLY A 1 -11.12 -22.49 16.31
CA GLY A 1 -9.91 -23.28 16.49
C GLY A 1 -8.87 -22.95 15.41
N SER A 2 -8.12 -23.97 15.01
CA SER A 2 -7.10 -23.80 13.99
C SER A 2 -6.15 -22.67 14.39
N SER A 3 -5.02 -23.07 14.95
CA SER A 3 -4.01 -22.10 15.39
C SER A 3 -3.52 -21.30 14.18
N GLY A 4 -3.15 -20.05 14.45
CA GLY A 4 -2.66 -19.18 13.41
C GLY A 4 -1.13 -19.11 13.41
N SER A 5 -0.60 -18.17 12.64
CA SER A 5 0.84 -18.01 12.56
C SER A 5 1.27 -16.74 13.31
N SER A 6 0.71 -15.62 12.87
CA SER A 6 1.03 -14.35 13.50
C SER A 6 0.27 -13.22 12.80
N GLY A 7 0.48 -13.12 11.50
CA GLY A 7 -0.18 -12.10 10.71
C GLY A 7 -0.24 -10.77 11.47
N TYR A 8 0.83 -10.01 11.36
CA TYR A 8 0.92 -8.72 12.02
C TYR A 8 1.02 -7.59 11.01
N VAL A 9 0.92 -6.36 11.53
CA VAL A 9 1.00 -5.18 10.67
C VAL A 9 2.16 -4.30 11.14
N PHE A 10 2.54 -3.37 10.28
CA PHE A 10 3.63 -2.46 10.59
C PHE A 10 3.38 -1.08 9.97
N THR A 11 3.77 -0.06 10.72
CA THR A 11 3.59 1.31 10.26
C THR A 11 4.82 1.75 9.46
N VAL A 12 4.59 2.71 8.57
CA VAL A 12 5.66 3.23 7.74
C VAL A 12 5.66 4.76 7.82
N GLU A 13 6.70 5.30 8.44
CA GLU A 13 6.83 6.73 8.57
C GLU A 13 7.76 7.30 7.50
N LEU A 14 7.19 8.19 6.70
CA LEU A 14 7.96 8.81 5.62
C LEU A 14 7.69 10.32 5.62
N GLU A 15 8.53 11.03 4.88
CA GLU A 15 8.40 12.48 4.78
C GLU A 15 8.10 12.89 3.33
N ARG A 16 6.90 13.41 3.14
CA ARG A 16 6.48 13.84 1.82
C ARG A 16 7.61 14.63 1.13
N GLY A 17 8.22 13.98 0.16
CA GLY A 17 9.32 14.59 -0.57
C GLY A 17 8.79 15.68 -1.50
N PRO A 18 9.74 16.25 -2.31
CA PRO A 18 9.39 17.30 -3.24
C PRO A 18 8.64 16.73 -4.45
N SER A 19 8.78 15.44 -4.64
CA SER A 19 8.13 14.76 -5.75
C SER A 19 6.74 14.28 -5.32
N GLY A 20 6.58 14.13 -4.02
CA GLY A 20 5.30 13.67 -3.47
C GLY A 20 5.34 12.18 -3.17
N LEU A 21 6.39 11.77 -2.46
CA LEU A 21 6.56 10.37 -2.11
C LEU A 21 7.00 9.59 -3.34
N GLY A 22 6.45 8.38 -3.46
CA GLY A 22 6.78 7.53 -4.58
C GLY A 22 6.20 6.12 -4.40
N MET A 23 4.87 6.06 -4.38
CA MET A 23 4.18 4.79 -4.20
C MET A 23 2.98 4.70 -5.13
N GLY A 24 2.94 3.61 -5.89
CA GLY A 24 1.85 3.38 -6.82
C GLY A 24 0.78 2.47 -6.20
N LEU A 25 -0.15 3.11 -5.51
CA LEU A 25 -1.23 2.37 -4.87
C LEU A 25 -2.30 2.02 -5.91
N ILE A 26 -2.75 0.78 -5.86
CA ILE A 26 -3.77 0.32 -6.79
C ILE A 26 -4.99 -0.17 -6.01
N ASP A 27 -6.13 -0.11 -6.67
CA ASP A 27 -7.38 -0.54 -6.04
C ASP A 27 -7.36 -2.07 -5.89
N GLY A 28 -7.41 -2.50 -4.64
CA GLY A 28 -7.41 -3.93 -4.34
C GLY A 28 -8.38 -4.68 -5.26
N MET A 29 -9.44 -3.99 -5.64
CA MET A 29 -10.44 -4.58 -6.51
C MET A 29 -9.90 -4.74 -7.93
N HIS A 30 -9.10 -3.77 -8.34
CA HIS A 30 -8.51 -3.80 -9.67
C HIS A 30 -7.60 -5.02 -9.80
N THR A 31 -6.91 -5.34 -8.72
CA THR A 31 -6.01 -6.48 -8.70
C THR A 31 -6.79 -7.77 -8.50
N HIS A 32 -6.20 -8.86 -8.97
CA HIS A 32 -6.83 -10.16 -8.84
C HIS A 32 -7.38 -10.34 -7.43
N LEU A 33 -6.76 -9.62 -6.50
CA LEU A 33 -7.18 -9.69 -5.10
C LEU A 33 -8.70 -9.53 -5.03
N GLY A 34 -9.21 -8.65 -5.88
CA GLY A 34 -10.65 -8.39 -5.91
C GLY A 34 -11.17 -8.02 -4.54
N ALA A 35 -10.30 -7.40 -3.75
CA ALA A 35 -10.67 -6.99 -2.41
C ALA A 35 -10.52 -5.46 -2.29
N PRO A 36 -11.32 -4.88 -1.36
CA PRO A 36 -11.29 -3.44 -1.14
C PRO A 36 -10.03 -3.03 -0.37
N GLY A 37 -9.59 -1.81 -0.63
CA GLY A 37 -8.41 -1.29 0.03
C GLY A 37 -7.35 -0.88 -0.99
N LEU A 38 -6.34 -0.16 -0.50
CA LEU A 38 -5.27 0.30 -1.35
C LEU A 38 -4.00 -0.50 -1.05
N TYR A 39 -3.39 -1.01 -2.11
CA TYR A 39 -2.18 -1.80 -1.96
C TYR A 39 -1.07 -1.25 -2.86
N ILE A 40 0.17 -1.43 -2.38
CA ILE A 40 1.32 -0.96 -3.12
C ILE A 40 1.48 -1.79 -4.40
N GLN A 41 1.46 -1.09 -5.53
CA GLN A 41 1.60 -1.75 -6.82
C GLN A 41 2.99 -1.47 -7.41
N THR A 42 3.53 -0.31 -7.05
CA THR A 42 4.84 0.08 -7.54
C THR A 42 5.53 0.99 -6.53
N LEU A 43 6.80 1.24 -6.78
CA LEU A 43 7.59 2.10 -5.90
C LEU A 43 8.58 2.91 -6.73
N LEU A 44 8.49 4.23 -6.59
CA LEU A 44 9.36 5.12 -7.32
C LEU A 44 10.80 4.95 -6.82
N PRO A 45 11.77 5.38 -7.67
CA PRO A 45 13.17 5.28 -7.32
C PRO A 45 13.57 6.34 -6.30
N GLY A 46 13.84 7.54 -6.80
CA GLY A 46 14.23 8.64 -5.94
C GLY A 46 13.05 9.11 -5.08
N SER A 47 12.52 8.18 -4.31
CA SER A 47 11.39 8.49 -3.44
C SER A 47 11.68 8.01 -2.01
N PRO A 48 10.86 8.52 -1.06
CA PRO A 48 11.01 8.15 0.33
C PRO A 48 10.52 6.73 0.60
N ALA A 49 9.45 6.37 -0.11
CA ALA A 49 8.86 5.05 0.04
C ALA A 49 9.94 4.00 -0.21
N ALA A 50 10.44 3.99 -1.44
CA ALA A 50 11.47 3.04 -1.82
C ALA A 50 12.66 3.15 -0.86
N ALA A 51 12.92 4.39 -0.44
CA ALA A 51 14.00 4.64 0.48
C ALA A 51 13.81 3.82 1.76
N ASP A 52 12.57 3.82 2.22
CA ASP A 52 12.22 3.09 3.43
C ASP A 52 12.74 1.65 3.30
N GLY A 53 12.31 1.00 2.24
CA GLY A 53 12.71 -0.38 2.00
C GLY A 53 11.56 -1.34 2.26
N ARG A 54 11.11 -1.35 3.51
CA ARG A 54 10.01 -2.22 3.91
C ARG A 54 8.92 -2.21 2.85
N LEU A 55 8.43 -1.02 2.55
CA LEU A 55 7.38 -0.86 1.57
C LEU A 55 7.65 -1.79 0.39
N SER A 56 6.88 -2.87 0.34
CA SER A 56 7.01 -3.85 -0.72
C SER A 56 5.75 -3.88 -1.58
N LEU A 57 5.91 -4.39 -2.80
CA LEU A 57 4.79 -4.47 -3.72
C LEU A 57 3.80 -5.52 -3.21
N GLY A 58 2.53 -5.11 -3.19
CA GLY A 58 1.47 -6.00 -2.73
C GLY A 58 0.96 -5.57 -1.35
N ASP A 59 1.80 -4.80 -0.65
CA ASP A 59 1.44 -4.32 0.67
C ASP A 59 0.01 -3.77 0.64
N ARG A 60 -0.56 -3.62 1.83
CA ARG A 60 -1.91 -3.12 1.95
C ARG A 60 -1.97 -2.04 3.04
N ILE A 61 -2.50 -0.89 2.65
CA ILE A 61 -2.63 0.23 3.57
C ILE A 61 -3.88 0.04 4.43
N LEU A 62 -3.72 0.32 5.71
CA LEU A 62 -4.83 0.18 6.64
C LEU A 62 -5.24 1.57 7.15
N GLU A 63 -4.24 2.43 7.27
CA GLU A 63 -4.47 3.79 7.74
C GLU A 63 -3.45 4.74 7.13
N VAL A 64 -3.89 5.99 6.96
CA VAL A 64 -3.03 7.01 6.39
C VAL A 64 -3.02 8.24 7.30
N ASN A 65 -1.91 8.43 7.99
CA ASN A 65 -1.79 9.57 8.89
C ASN A 65 -2.83 9.45 9.99
N GLY A 66 -3.42 8.28 10.09
CA GLY A 66 -4.44 8.03 11.11
C GLY A 66 -5.84 8.19 10.52
N SER A 67 -6.00 7.68 9.31
CA SER A 67 -7.28 7.76 8.63
C SER A 67 -7.73 6.36 8.20
N SER A 68 -8.65 5.81 8.97
CA SER A 68 -9.18 4.48 8.68
C SER A 68 -9.43 4.33 7.18
N LEU A 69 -8.70 3.42 6.58
CA LEU A 69 -8.83 3.17 5.15
C LEU A 69 -9.45 1.79 4.94
N LEU A 70 -10.67 1.64 5.44
CA LEU A 70 -11.39 0.37 5.30
C LEU A 70 -12.22 0.40 4.01
N GLY A 71 -13.38 1.00 4.11
CA GLY A 71 -14.27 1.10 2.97
C GLY A 71 -14.06 2.42 2.22
N LEU A 72 -12.82 2.85 2.18
CA LEU A 72 -12.48 4.09 1.50
C LEU A 72 -11.90 3.77 0.12
N GLY A 73 -12.58 4.28 -0.89
CA GLY A 73 -12.16 4.06 -2.27
C GLY A 73 -10.80 4.71 -2.53
N TYR A 74 -10.37 4.61 -3.78
CA TYR A 74 -9.09 5.18 -4.17
C TYR A 74 -9.12 6.71 -4.07
N LEU A 75 -9.94 7.31 -4.91
CA LEU A 75 -10.07 8.76 -4.92
C LEU A 75 -10.21 9.26 -3.47
N ARG A 76 -10.78 8.42 -2.64
CA ARG A 76 -10.98 8.75 -1.24
C ARG A 76 -9.66 8.67 -0.49
N ALA A 77 -8.97 7.56 -0.66
CA ALA A 77 -7.70 7.34 0.00
C ALA A 77 -6.65 8.28 -0.61
N VAL A 78 -6.50 8.17 -1.92
CA VAL A 78 -5.53 9.00 -2.63
C VAL A 78 -5.58 10.43 -2.05
N ASP A 79 -6.79 10.89 -1.79
CA ASP A 79 -6.97 12.22 -1.24
C ASP A 79 -6.29 12.31 0.12
N LEU A 80 -6.61 11.34 0.97
CA LEU A 80 -6.04 11.30 2.32
C LEU A 80 -4.55 11.64 2.23
N ILE A 81 -3.84 10.85 1.44
CA ILE A 81 -2.41 11.05 1.26
C ILE A 81 -2.16 12.43 0.65
N ARG A 82 -2.88 12.69 -0.43
CA ARG A 82 -2.75 13.96 -1.12
C ARG A 82 -2.71 15.12 -0.12
N HIS A 83 -3.75 15.17 0.70
CA HIS A 83 -3.85 16.21 1.71
C HIS A 83 -3.23 15.72 3.02
N GLY A 84 -2.18 14.92 2.89
CA GLY A 84 -1.50 14.38 4.04
C GLY A 84 -0.77 15.48 4.82
N GLY A 85 0.36 15.10 5.39
CA GLY A 85 1.16 16.04 6.17
C GLY A 85 2.65 15.81 5.93
N LYS A 86 3.45 16.78 6.36
CA LYS A 86 4.88 16.70 6.21
C LYS A 86 5.34 15.27 6.53
N LYS A 87 4.69 14.67 7.51
CA LYS A 87 5.02 13.31 7.91
C LYS A 87 3.90 12.37 7.48
N MET A 88 4.21 11.55 6.48
CA MET A 88 3.25 10.60 5.96
C MET A 88 3.34 9.27 6.69
N ARG A 89 2.23 8.89 7.33
CA ARG A 89 2.18 7.64 8.07
C ARG A 89 1.19 6.68 7.42
N PHE A 90 1.66 5.47 7.18
CA PHE A 90 0.82 4.46 6.56
C PHE A 90 0.87 3.15 7.36
N LEU A 91 -0.32 2.59 7.59
CA LEU A 91 -0.42 1.35 8.34
C LEU A 91 -0.45 0.16 7.36
N VAL A 92 0.74 -0.32 7.05
CA VAL A 92 0.86 -1.44 6.13
C VAL A 92 0.81 -2.75 6.92
N ALA A 93 0.01 -3.67 6.42
CA ALA A 93 -0.15 -4.96 7.07
C ALA A 93 0.74 -6.00 6.35
N LYS A 94 1.45 -6.77 7.15
CA LYS A 94 2.33 -7.80 6.61
C LYS A 94 1.49 -8.86 5.89
N SER A 95 1.40 -8.70 4.58
CA SER A 95 0.64 -9.64 3.78
C SER A 95 1.55 -10.72 3.22
N ASP A 96 0.96 -11.83 2.83
CA ASP A 96 1.71 -12.95 2.28
C ASP A 96 2.03 -12.66 0.82
N VAL A 97 2.94 -13.46 0.27
CA VAL A 97 3.34 -13.30 -1.12
C VAL A 97 2.11 -13.43 -2.02
N GLU A 98 1.24 -14.36 -1.66
CA GLU A 98 0.02 -14.59 -2.42
C GLU A 98 -0.69 -13.27 -2.69
N THR A 99 -0.89 -12.52 -1.61
CA THR A 99 -1.56 -11.23 -1.71
C THR A 99 -0.94 -10.39 -2.82
N ALA A 100 0.36 -10.57 -2.99
CA ALA A 100 1.10 -9.83 -4.00
C ALA A 100 0.86 -10.48 -5.38
N LYS A 101 0.87 -11.80 -5.37
CA LYS A 101 0.65 -12.55 -6.61
C LYS A 101 -0.56 -11.97 -7.34
N LYS A 102 -1.65 -11.82 -6.60
CA LYS A 102 -2.87 -11.27 -7.17
C LYS A 102 -2.62 -9.83 -7.61
N ILE A 103 -1.78 -9.15 -6.85
CA ILE A 103 -1.45 -7.76 -7.14
C ILE A 103 -0.68 -7.70 -8.45
N HIS A 104 0.11 -8.73 -8.69
CA HIS A 104 0.91 -8.79 -9.91
C HIS A 104 0.00 -9.07 -11.10
N SER A 105 0.24 -8.32 -12.18
CA SER A 105 -0.55 -8.47 -13.39
C SER A 105 0.34 -8.96 -14.53
N GLY A 106 -0.11 -10.01 -15.19
CA GLY A 106 0.63 -10.59 -16.30
C GLY A 106 0.17 -9.99 -17.63
N PRO A 107 1.15 -9.85 -18.56
CA PRO A 107 0.86 -9.29 -19.87
C PRO A 107 0.12 -10.30 -20.75
N SER A 108 -1.13 -9.97 -21.05
CA SER A 108 -1.95 -10.84 -21.88
C SER A 108 -2.59 -10.04 -23.01
N SER A 109 -3.43 -9.10 -22.64
CA SER A 109 -4.10 -8.26 -23.61
C SER A 109 -3.07 -7.57 -24.51
N GLY A 110 -3.42 -7.48 -25.79
CA GLY A 110 -2.54 -6.85 -26.76
C GLY A 110 -2.06 -7.86 -27.80
N GLY A 1 -3.95 -29.74 5.15
CA GLY A 1 -3.86 -30.22 6.52
C GLY A 1 -3.45 -29.10 7.47
N SER A 2 -4.30 -28.84 8.46
CA SER A 2 -4.04 -27.80 9.43
C SER A 2 -4.06 -26.43 8.75
N SER A 3 -5.08 -25.66 9.08
CA SER A 3 -5.23 -24.33 8.52
C SER A 3 -5.13 -23.28 9.62
N GLY A 4 -4.70 -22.09 9.22
CA GLY A 4 -4.55 -20.99 10.17
C GLY A 4 -3.98 -19.75 9.48
N SER A 5 -2.66 -19.76 9.31
CA SER A 5 -1.99 -18.64 8.68
C SER A 5 -2.20 -17.36 9.49
N SER A 6 -1.09 -16.72 9.82
CA SER A 6 -1.14 -15.49 10.59
C SER A 6 0.02 -14.57 10.19
N GLY A 7 -0.17 -13.29 10.45
CA GLY A 7 0.84 -12.30 10.12
C GLY A 7 0.71 -11.06 11.01
N TYR A 8 1.62 -10.12 10.80
CA TYR A 8 1.62 -8.90 11.58
C TYR A 8 1.62 -7.67 10.66
N VAL A 9 1.40 -6.51 11.27
CA VAL A 9 1.38 -5.27 10.54
C VAL A 9 2.49 -4.35 11.05
N PHE A 10 2.79 -3.34 10.25
CA PHE A 10 3.82 -2.38 10.61
C PHE A 10 3.48 -0.98 10.09
N THR A 11 3.97 0.03 10.80
CA THR A 11 3.73 1.41 10.43
C THR A 11 4.85 1.90 9.49
N VAL A 12 4.51 2.92 8.72
CA VAL A 12 5.47 3.50 7.79
C VAL A 12 5.31 5.02 7.78
N GLU A 13 6.35 5.69 8.23
CA GLU A 13 6.34 7.15 8.28
C GLU A 13 7.27 7.72 7.21
N LEU A 14 6.66 8.20 6.14
CA LEU A 14 7.42 8.78 5.04
C LEU A 14 7.23 10.29 5.04
N GLU A 15 8.19 10.97 4.42
CA GLU A 15 8.15 12.42 4.35
C GLU A 15 7.87 12.87 2.90
N ARG A 16 6.67 13.37 2.71
CA ARG A 16 6.27 13.85 1.38
C ARG A 16 7.42 14.58 0.71
N GLY A 17 7.93 13.95 -0.35
CA GLY A 17 9.04 14.54 -1.10
C GLY A 17 8.53 15.52 -2.15
N PRO A 18 9.47 15.93 -3.05
CA PRO A 18 9.13 16.86 -4.11
C PRO A 18 8.32 16.18 -5.21
N SER A 19 8.26 14.86 -5.12
CA SER A 19 7.53 14.07 -6.10
C SER A 19 6.35 13.37 -5.43
N GLY A 20 6.38 13.37 -4.10
CA GLY A 20 5.32 12.74 -3.32
C GLY A 20 5.89 11.72 -2.35
N LEU A 21 5.50 10.46 -2.54
CA LEU A 21 5.97 9.39 -1.68
C LEU A 21 6.28 8.17 -2.54
N GLY A 22 6.33 8.39 -3.85
CA GLY A 22 6.62 7.31 -4.78
C GLY A 22 5.96 6.00 -4.32
N MET A 23 4.64 6.02 -4.31
CA MET A 23 3.89 4.84 -3.91
C MET A 23 2.70 4.61 -4.85
N GLY A 24 2.87 3.66 -5.75
CA GLY A 24 1.83 3.32 -6.70
C GLY A 24 0.75 2.45 -6.05
N LEU A 25 -0.05 3.08 -5.21
CA LEU A 25 -1.12 2.38 -4.53
C LEU A 25 -2.29 2.18 -5.49
N ILE A 26 -2.77 0.93 -5.54
CA ILE A 26 -3.89 0.60 -6.41
C ILE A 26 -4.97 -0.09 -5.59
N ASP A 27 -6.19 0.04 -6.06
CA ASP A 27 -7.33 -0.56 -5.39
C ASP A 27 -7.32 -2.07 -5.62
N GLY A 28 -7.33 -2.81 -4.53
CA GLY A 28 -7.32 -4.26 -4.59
C GLY A 28 -8.24 -4.76 -5.72
N MET A 29 -9.25 -3.97 -6.01
CA MET A 29 -10.20 -4.31 -7.05
C MET A 29 -9.53 -4.30 -8.42
N HIS A 30 -8.81 -3.22 -8.69
CA HIS A 30 -8.12 -3.08 -9.95
C HIS A 30 -7.28 -4.32 -10.23
N THR A 31 -6.65 -4.82 -9.18
CA THR A 31 -5.82 -6.00 -9.29
C THR A 31 -6.68 -7.27 -9.30
N HIS A 32 -6.01 -8.41 -9.38
CA HIS A 32 -6.69 -9.69 -9.39
C HIS A 32 -7.24 -9.99 -7.99
N LEU A 33 -6.69 -9.29 -7.02
CA LEU A 33 -7.11 -9.47 -5.63
C LEU A 33 -8.64 -9.41 -5.56
N GLY A 34 -9.22 -8.72 -6.53
CA GLY A 34 -10.67 -8.60 -6.60
C GLY A 34 -11.24 -8.28 -5.21
N ALA A 35 -10.45 -7.57 -4.42
CA ALA A 35 -10.86 -7.21 -3.08
C ALA A 35 -10.66 -5.70 -2.88
N PRO A 36 -11.50 -5.12 -1.99
CA PRO A 36 -11.42 -3.70 -1.70
C PRO A 36 -10.21 -3.37 -0.83
N GLY A 37 -9.78 -2.13 -0.91
CA GLY A 37 -8.63 -1.68 -0.15
C GLY A 37 -7.49 -1.22 -1.06
N LEU A 38 -6.57 -0.47 -0.48
CA LEU A 38 -5.44 0.03 -1.22
C LEU A 38 -4.23 -0.88 -1.00
N TYR A 39 -3.46 -1.08 -2.06
CA TYR A 39 -2.28 -1.92 -1.99
C TYR A 39 -1.17 -1.39 -2.88
N ILE A 40 0.05 -1.43 -2.35
CA ILE A 40 1.21 -0.95 -3.08
C ILE A 40 1.33 -1.72 -4.40
N GLN A 41 1.55 -0.97 -5.47
CA GLN A 41 1.69 -1.57 -6.79
C GLN A 41 3.10 -1.32 -7.34
N THR A 42 3.60 -0.13 -7.06
CA THR A 42 4.93 0.24 -7.52
C THR A 42 5.63 1.12 -6.49
N LEU A 43 6.93 1.31 -6.68
CA LEU A 43 7.72 2.12 -5.78
C LEU A 43 8.79 2.87 -6.57
N LEU A 44 8.80 4.18 -6.40
CA LEU A 44 9.77 5.01 -7.09
C LEU A 44 11.14 4.85 -6.43
N PRO A 45 12.20 5.13 -7.22
CA PRO A 45 13.57 5.03 -6.73
C PRO A 45 13.90 6.19 -5.80
N GLY A 46 13.63 7.40 -6.30
CA GLY A 46 13.90 8.60 -5.53
C GLY A 46 12.70 8.98 -4.66
N SER A 47 12.12 7.97 -4.03
CA SER A 47 10.97 8.19 -3.18
C SER A 47 11.29 7.77 -1.74
N PRO A 48 10.45 8.26 -0.80
CA PRO A 48 10.64 7.95 0.61
C PRO A 48 10.18 6.52 0.92
N ALA A 49 9.03 6.17 0.37
CA ALA A 49 8.48 4.84 0.57
C ALA A 49 9.54 3.79 0.24
N ALA A 50 10.39 4.14 -0.72
CA ALA A 50 11.45 3.24 -1.14
C ALA A 50 12.62 3.34 -0.14
N ALA A 51 12.99 4.57 0.16
CA ALA A 51 14.09 4.80 1.09
C ALA A 51 13.90 3.91 2.32
N ASP A 52 12.66 3.85 2.77
CA ASP A 52 12.33 3.04 3.94
C ASP A 52 12.77 1.59 3.70
N GLY A 53 12.37 1.08 2.54
CA GLY A 53 12.71 -0.30 2.17
C GLY A 53 11.56 -1.25 2.49
N ARG A 54 11.13 -1.21 3.74
CA ARG A 54 10.04 -2.06 4.18
C ARG A 54 8.93 -2.11 3.13
N LEU A 55 8.43 -0.93 2.80
CA LEU A 55 7.37 -0.81 1.81
C LEU A 55 7.68 -1.74 0.63
N SER A 56 6.85 -2.77 0.50
CA SER A 56 7.02 -3.73 -0.57
C SER A 56 5.82 -3.69 -1.51
N LEU A 57 6.00 -4.28 -2.68
CA LEU A 57 4.94 -4.31 -3.68
C LEU A 57 3.90 -5.37 -3.28
N GLY A 58 2.64 -4.96 -3.29
CA GLY A 58 1.56 -5.85 -2.94
C GLY A 58 1.01 -5.53 -1.56
N ASP A 59 1.84 -4.88 -0.76
CA ASP A 59 1.45 -4.50 0.59
C ASP A 59 0.04 -3.89 0.55
N ARG A 60 -0.61 -3.90 1.71
CA ARG A 60 -1.94 -3.35 1.82
C ARG A 60 -1.99 -2.29 2.93
N ILE A 61 -2.41 -1.10 2.54
CA ILE A 61 -2.51 0.00 3.49
C ILE A 61 -3.73 -0.21 4.38
N LEU A 62 -3.65 0.36 5.57
CA LEU A 62 -4.74 0.24 6.53
C LEU A 62 -5.10 1.63 7.05
N GLU A 63 -4.08 2.40 7.36
CA GLU A 63 -4.28 3.75 7.86
C GLU A 63 -3.38 4.74 7.12
N VAL A 64 -3.74 6.01 7.22
CA VAL A 64 -2.97 7.06 6.56
C VAL A 64 -2.96 8.30 7.45
N ASN A 65 -1.81 8.50 8.10
CA ASN A 65 -1.65 9.64 8.98
C ASN A 65 -2.51 9.45 10.23
N GLY A 66 -3.00 8.24 10.38
CA GLY A 66 -3.84 7.90 11.53
C GLY A 66 -5.32 7.93 11.15
N SER A 67 -5.57 7.76 9.85
CA SER A 67 -6.93 7.76 9.34
C SER A 67 -7.34 6.35 8.93
N SER A 68 -8.36 5.83 9.60
CA SER A 68 -8.85 4.50 9.31
C SER A 68 -9.31 4.42 7.85
N LEU A 69 -8.65 3.53 7.12
CA LEU A 69 -8.98 3.35 5.71
C LEU A 69 -9.72 2.01 5.54
N LEU A 70 -10.86 1.92 6.20
CA LEU A 70 -11.67 0.72 6.13
C LEU A 70 -12.79 0.92 5.11
N GLY A 71 -13.59 1.95 5.35
CA GLY A 71 -14.69 2.27 4.47
C GLY A 71 -14.44 3.57 3.71
N LEU A 72 -13.16 3.91 3.59
CA LEU A 72 -12.77 5.12 2.89
C LEU A 72 -12.58 4.82 1.41
N GLY A 73 -13.26 5.60 0.59
CA GLY A 73 -13.18 5.42 -0.85
C GLY A 73 -11.75 5.68 -1.35
N TYR A 74 -11.45 5.09 -2.51
CA TYR A 74 -10.13 5.25 -3.10
C TYR A 74 -9.77 6.73 -3.26
N LEU A 75 -10.73 7.48 -3.76
CA LEU A 75 -10.53 8.91 -3.97
C LEU A 75 -10.35 9.60 -2.61
N ARG A 76 -10.92 8.98 -1.59
CA ARG A 76 -10.83 9.52 -0.24
C ARG A 76 -9.47 9.19 0.37
N ALA A 77 -9.05 7.94 0.19
CA ALA A 77 -7.77 7.49 0.72
C ALA A 77 -6.65 8.21 -0.02
N VAL A 78 -6.76 8.21 -1.35
CA VAL A 78 -5.75 8.86 -2.18
C VAL A 78 -5.67 10.34 -1.81
N ASP A 79 -6.84 10.95 -1.66
CA ASP A 79 -6.91 12.36 -1.31
C ASP A 79 -6.14 12.60 -0.01
N LEU A 80 -6.42 11.76 0.97
CA LEU A 80 -5.76 11.86 2.26
C LEU A 80 -4.24 11.95 2.05
N ILE A 81 -3.72 10.97 1.34
CA ILE A 81 -2.30 10.93 1.06
C ILE A 81 -1.91 12.14 0.20
N ARG A 82 -2.76 12.43 -0.77
CA ARG A 82 -2.53 13.55 -1.66
C ARG A 82 -2.33 14.84 -0.85
N HIS A 83 -3.34 15.16 -0.06
CA HIS A 83 -3.29 16.36 0.76
C HIS A 83 -2.71 16.01 2.14
N GLY A 84 -1.77 15.08 2.13
CA GLY A 84 -1.13 14.66 3.36
C GLY A 84 -0.37 15.80 4.01
N GLY A 85 0.79 15.47 4.56
CA GLY A 85 1.62 16.47 5.22
C GLY A 85 3.10 16.06 5.19
N LYS A 86 3.94 16.97 5.65
CA LYS A 86 5.37 16.73 5.68
C LYS A 86 5.62 15.31 6.22
N LYS A 87 4.81 14.93 7.19
CA LYS A 87 4.93 13.62 7.80
C LYS A 87 3.72 12.77 7.42
N MET A 88 4.00 11.71 6.66
CA MET A 88 2.94 10.81 6.22
C MET A 88 3.12 9.42 6.83
N ARG A 89 2.12 9.00 7.58
CA ARG A 89 2.16 7.69 8.22
C ARG A 89 1.16 6.74 7.55
N PHE A 90 1.57 5.49 7.42
CA PHE A 90 0.72 4.48 6.80
C PHE A 90 0.80 3.16 7.57
N LEU A 91 -0.36 2.54 7.73
CA LEU A 91 -0.43 1.28 8.44
C LEU A 91 -0.61 0.14 7.43
N VAL A 92 0.53 -0.41 7.01
CA VAL A 92 0.52 -1.49 6.05
C VAL A 92 0.72 -2.82 6.79
N ALA A 93 -0.08 -3.81 6.40
CA ALA A 93 -0.01 -5.12 7.01
C ALA A 93 0.97 -5.99 6.22
N LYS A 94 1.67 -6.85 6.94
CA LYS A 94 2.64 -7.73 6.33
C LYS A 94 1.90 -8.91 5.69
N SER A 95 1.66 -8.78 4.39
CA SER A 95 0.96 -9.82 3.65
C SER A 95 1.98 -10.80 3.06
N ASP A 96 1.45 -11.76 2.31
CA ASP A 96 2.31 -12.76 1.68
C ASP A 96 2.50 -12.40 0.20
N VAL A 97 3.42 -13.11 -0.43
CA VAL A 97 3.71 -12.88 -1.83
C VAL A 97 2.42 -13.01 -2.65
N GLU A 98 1.71 -14.10 -2.40
CA GLU A 98 0.47 -14.36 -3.10
C GLU A 98 -0.34 -13.06 -3.25
N THR A 99 -0.60 -12.43 -2.12
CA THR A 99 -1.35 -11.19 -2.10
C THR A 99 -0.78 -10.21 -3.12
N ALA A 100 0.54 -10.21 -3.22
CA ALA A 100 1.23 -9.33 -4.15
C ALA A 100 1.10 -9.89 -5.57
N LYS A 101 1.16 -11.21 -5.66
CA LYS A 101 1.06 -11.89 -6.94
C LYS A 101 -0.15 -11.34 -7.69
N LYS A 102 -1.24 -11.18 -6.96
CA LYS A 102 -2.47 -10.67 -7.55
C LYS A 102 -2.24 -9.24 -8.06
N ILE A 103 -1.40 -8.53 -7.32
CA ILE A 103 -1.08 -7.15 -7.68
C ILE A 103 -0.12 -7.14 -8.87
N HIS A 104 0.56 -8.27 -9.04
CA HIS A 104 1.51 -8.41 -10.13
C HIS A 104 0.78 -8.88 -11.38
N SER A 105 1.44 -8.67 -12.52
CA SER A 105 0.86 -9.07 -13.79
C SER A 105 1.71 -10.19 -14.41
N GLY A 106 1.24 -11.42 -14.21
CA GLY A 106 1.93 -12.58 -14.75
C GLY A 106 3.16 -12.92 -13.89
N PRO A 107 2.94 -13.81 -12.89
CA PRO A 107 4.01 -14.22 -12.01
C PRO A 107 4.95 -15.20 -12.72
N SER A 108 6.24 -14.99 -12.49
CA SER A 108 7.26 -15.84 -13.10
C SER A 108 7.08 -17.29 -12.60
N SER A 109 6.64 -18.14 -13.52
CA SER A 109 6.44 -19.54 -13.19
C SER A 109 7.78 -20.28 -13.17
N GLY A 110 8.23 -20.59 -11.96
CA GLY A 110 9.49 -21.29 -11.81
C GLY A 110 9.26 -22.70 -11.26
N GLY A 1 -12.30 -26.37 6.49
CA GLY A 1 -12.04 -25.07 5.90
C GLY A 1 -11.31 -24.16 6.89
N SER A 2 -10.69 -23.12 6.33
CA SER A 2 -9.96 -22.17 7.15
C SER A 2 -9.33 -21.10 6.26
N SER A 3 -9.49 -19.85 6.67
CA SER A 3 -8.95 -18.73 5.93
C SER A 3 -8.92 -17.47 6.81
N GLY A 4 -7.72 -16.94 6.97
CA GLY A 4 -7.54 -15.74 7.78
C GLY A 4 -6.37 -14.91 7.28
N SER A 5 -5.46 -14.60 8.19
CA SER A 5 -4.30 -13.81 7.86
C SER A 5 -3.11 -14.23 8.72
N SER A 6 -3.27 -14.02 10.02
CA SER A 6 -2.22 -14.37 10.97
C SER A 6 -0.91 -13.70 10.57
N GLY A 7 -0.64 -12.56 11.20
CA GLY A 7 0.57 -11.81 10.93
C GLY A 7 0.67 -10.58 11.82
N TYR A 8 1.57 -9.68 11.44
CA TYR A 8 1.78 -8.46 12.20
C TYR A 8 1.76 -7.23 11.28
N VAL A 9 1.35 -6.12 11.86
CA VAL A 9 1.29 -4.87 11.10
C VAL A 9 2.52 -4.03 11.42
N PHE A 10 2.80 -3.08 10.53
CA PHE A 10 3.94 -2.20 10.70
C PHE A 10 3.64 -0.82 10.13
N THR A 11 4.09 0.20 10.86
CA THR A 11 3.88 1.57 10.44
C THR A 11 5.01 2.03 9.52
N VAL A 12 4.75 3.10 8.79
CA VAL A 12 5.72 3.63 7.86
C VAL A 12 5.63 5.16 7.86
N GLU A 13 6.68 5.79 8.36
CA GLU A 13 6.72 7.24 8.42
C GLU A 13 7.66 7.79 7.34
N LEU A 14 7.06 8.29 6.28
CA LEU A 14 7.82 8.85 5.17
C LEU A 14 7.72 10.37 5.20
N GLU A 15 8.58 11.01 4.43
CA GLU A 15 8.61 12.46 4.36
C GLU A 15 8.26 12.92 2.95
N ARG A 16 7.06 13.45 2.80
CA ARG A 16 6.61 13.94 1.51
C ARG A 16 7.76 14.60 0.75
N GLY A 17 8.22 13.92 -0.28
CA GLY A 17 9.32 14.43 -1.09
C GLY A 17 8.80 15.41 -2.14
N PRO A 18 9.70 15.76 -3.09
CA PRO A 18 9.36 16.69 -4.16
C PRO A 18 8.47 16.01 -5.21
N SER A 19 8.32 14.70 -5.05
CA SER A 19 7.51 13.92 -5.97
C SER A 19 6.20 13.52 -5.29
N GLY A 20 6.16 13.72 -3.98
CA GLY A 20 4.97 13.37 -3.20
C GLY A 20 5.03 11.91 -2.75
N LEU A 21 6.18 11.54 -2.20
CA LEU A 21 6.36 10.18 -1.71
C LEU A 21 6.70 9.28 -2.89
N GLY A 22 6.02 8.14 -2.94
CA GLY A 22 6.24 7.17 -4.00
C GLY A 22 5.67 5.81 -3.64
N MET A 23 4.38 5.64 -3.92
CA MET A 23 3.71 4.39 -3.61
C MET A 23 2.59 4.12 -4.62
N GLY A 24 2.89 3.24 -5.57
CA GLY A 24 1.93 2.88 -6.59
C GLY A 24 0.75 2.09 -5.99
N LEU A 25 0.02 2.78 -5.12
CA LEU A 25 -1.13 2.16 -4.48
C LEU A 25 -2.27 2.02 -5.49
N ILE A 26 -2.84 0.83 -5.52
CA ILE A 26 -3.94 0.55 -6.45
C ILE A 26 -5.06 -0.16 -5.68
N ASP A 27 -6.24 -0.16 -6.31
CA ASP A 27 -7.39 -0.79 -5.70
C ASP A 27 -7.30 -2.31 -5.90
N GLY A 28 -7.24 -3.01 -4.78
CA GLY A 28 -7.15 -4.46 -4.80
C GLY A 28 -8.07 -5.04 -5.88
N MET A 29 -9.14 -4.31 -6.17
CA MET A 29 -10.10 -4.74 -7.17
C MET A 29 -9.50 -4.64 -8.58
N HIS A 30 -8.83 -3.52 -8.83
CA HIS A 30 -8.20 -3.30 -10.12
C HIS A 30 -7.16 -4.38 -10.38
N THR A 31 -6.43 -4.72 -9.33
CA THR A 31 -5.39 -5.73 -9.43
C THR A 31 -6.01 -7.13 -9.40
N HIS A 32 -5.31 -8.06 -10.02
CA HIS A 32 -5.77 -9.44 -10.09
C HIS A 32 -6.39 -9.83 -8.74
N LEU A 33 -5.87 -9.20 -7.69
CA LEU A 33 -6.36 -9.47 -6.35
C LEU A 33 -7.88 -9.59 -6.37
N GLY A 34 -8.52 -8.48 -6.76
CA GLY A 34 -9.97 -8.45 -6.82
C GLY A 34 -10.58 -8.15 -5.45
N ALA A 35 -9.72 -8.20 -4.44
CA ALA A 35 -10.16 -7.94 -3.08
C ALA A 35 -10.21 -6.43 -2.84
N PRO A 36 -11.15 -6.01 -1.95
CA PRO A 36 -11.30 -4.61 -1.62
C PRO A 36 -10.17 -4.12 -0.71
N GLY A 37 -9.79 -2.87 -0.91
CA GLY A 37 -8.73 -2.29 -0.12
C GLY A 37 -7.59 -1.78 -1.01
N LEU A 38 -6.81 -0.86 -0.46
CA LEU A 38 -5.69 -0.29 -1.19
C LEU A 38 -4.44 -1.14 -0.95
N TYR A 39 -3.70 -1.37 -2.03
CA TYR A 39 -2.48 -2.16 -1.95
C TYR A 39 -1.37 -1.54 -2.80
N ILE A 40 -0.14 -1.80 -2.37
CA ILE A 40 1.01 -1.27 -3.08
C ILE A 40 1.19 -2.03 -4.39
N GLN A 41 1.38 -1.27 -5.46
CA GLN A 41 1.56 -1.85 -6.77
C GLN A 41 2.99 -1.63 -7.27
N THR A 42 3.51 -0.44 -6.96
CA THR A 42 4.86 -0.08 -7.36
C THR A 42 5.48 0.86 -6.33
N LEU A 43 6.81 0.77 -6.23
CA LEU A 43 7.53 1.61 -5.30
C LEU A 43 8.48 2.54 -6.07
N LEU A 44 8.05 3.79 -6.20
CA LEU A 44 8.83 4.77 -6.92
C LEU A 44 10.31 4.64 -6.52
N PRO A 45 11.20 5.09 -7.44
CA PRO A 45 12.63 5.02 -7.18
C PRO A 45 13.06 6.10 -6.19
N GLY A 46 13.18 7.32 -6.69
CA GLY A 46 13.59 8.44 -5.86
C GLY A 46 12.45 8.87 -4.94
N SER A 47 11.97 7.92 -4.16
CA SER A 47 10.88 8.21 -3.23
C SER A 47 11.24 7.70 -1.83
N PRO A 48 10.53 8.26 -0.81
CA PRO A 48 10.76 7.87 0.57
C PRO A 48 10.18 6.49 0.87
N ALA A 49 9.01 6.25 0.30
CA ALA A 49 8.33 4.99 0.49
C ALA A 49 9.27 3.84 0.09
N ALA A 50 9.77 3.93 -1.13
CA ALA A 50 10.68 2.92 -1.64
C ALA A 50 11.89 2.80 -0.70
N ALA A 51 12.59 3.91 -0.56
CA ALA A 51 13.76 3.94 0.30
C ALA A 51 13.44 3.24 1.62
N ASP A 52 12.21 3.43 2.07
CA ASP A 52 11.76 2.81 3.30
C ASP A 52 12.18 1.34 3.33
N GLY A 53 12.20 0.75 2.15
CA GLY A 53 12.58 -0.65 2.03
C GLY A 53 11.44 -1.58 2.46
N ARG A 54 10.97 -1.33 3.68
CA ARG A 54 9.89 -2.14 4.24
C ARG A 54 8.72 -2.19 3.25
N LEU A 55 8.34 -1.02 2.75
CA LEU A 55 7.25 -0.92 1.81
C LEU A 55 7.52 -1.85 0.61
N SER A 56 6.80 -2.97 0.60
CA SER A 56 6.96 -3.93 -0.48
C SER A 56 5.77 -3.85 -1.44
N LEU A 57 5.95 -4.47 -2.59
CA LEU A 57 4.90 -4.47 -3.60
C LEU A 57 3.82 -5.49 -3.22
N GLY A 58 2.59 -5.02 -3.21
CA GLY A 58 1.46 -5.87 -2.86
C GLY A 58 0.94 -5.55 -1.45
N ASP A 59 1.79 -4.87 -0.69
CA ASP A 59 1.42 -4.49 0.67
C ASP A 59 0.03 -3.86 0.66
N ARG A 60 -0.60 -3.87 1.83
CA ARG A 60 -1.93 -3.30 1.97
C ARG A 60 -1.94 -2.23 3.06
N ILE A 61 -2.46 -1.06 2.69
CA ILE A 61 -2.53 0.05 3.62
C ILE A 61 -3.73 -0.14 4.54
N LEU A 62 -3.64 0.46 5.73
CA LEU A 62 -4.72 0.37 6.69
C LEU A 62 -5.10 1.78 7.16
N GLU A 63 -4.07 2.55 7.49
CA GLU A 63 -4.27 3.91 7.94
C GLU A 63 -3.34 4.88 7.21
N VAL A 64 -3.71 6.14 7.25
CA VAL A 64 -2.92 7.17 6.58
C VAL A 64 -2.89 8.42 7.46
N ASN A 65 -1.75 8.63 8.11
CA ASN A 65 -1.58 9.78 8.97
C ASN A 65 -2.60 9.71 10.12
N GLY A 66 -2.96 8.49 10.47
CA GLY A 66 -3.93 8.28 11.54
C GLY A 66 -5.36 8.46 11.03
N SER A 67 -5.60 7.92 9.84
CA SER A 67 -6.92 8.02 9.24
C SER A 67 -7.36 6.65 8.70
N SER A 68 -8.25 6.02 9.44
CA SER A 68 -8.75 4.71 9.05
C SER A 68 -9.18 4.73 7.58
N LEU A 69 -8.47 3.93 6.79
CA LEU A 69 -8.77 3.85 5.37
C LEU A 69 -9.72 2.67 5.12
N LEU A 70 -10.67 2.51 6.03
CA LEU A 70 -11.64 1.44 5.92
C LEU A 70 -12.95 1.99 5.38
N GLY A 71 -13.17 1.75 4.09
CA GLY A 71 -14.38 2.23 3.44
C GLY A 71 -14.09 3.48 2.60
N LEU A 72 -12.97 4.10 2.89
CA LEU A 72 -12.56 5.30 2.18
C LEU A 72 -12.27 4.95 0.72
N GLY A 73 -13.06 5.54 -0.17
CA GLY A 73 -12.89 5.29 -1.59
C GLY A 73 -11.49 5.70 -2.06
N TYR A 74 -10.98 4.95 -3.02
CA TYR A 74 -9.65 5.21 -3.56
C TYR A 74 -9.39 6.71 -3.65
N LEU A 75 -10.37 7.41 -4.22
CA LEU A 75 -10.26 8.86 -4.37
C LEU A 75 -10.04 9.50 -3.00
N ARG A 76 -10.98 9.24 -2.10
CA ARG A 76 -10.89 9.78 -0.75
C ARG A 76 -9.54 9.45 -0.13
N ALA A 77 -9.08 8.23 -0.37
CA ALA A 77 -7.81 7.78 0.16
C ALA A 77 -6.69 8.61 -0.45
N VAL A 78 -6.80 8.84 -1.76
CA VAL A 78 -5.81 9.61 -2.47
C VAL A 78 -5.77 11.03 -1.91
N ASP A 79 -6.96 11.58 -1.72
CA ASP A 79 -7.08 12.93 -1.19
C ASP A 79 -6.38 13.00 0.17
N LEU A 80 -6.49 11.91 0.92
CA LEU A 80 -5.88 11.83 2.23
C LEU A 80 -4.36 11.96 2.09
N ILE A 81 -3.79 11.08 1.28
CA ILE A 81 -2.36 11.09 1.06
C ILE A 81 -1.98 12.32 0.25
N ARG A 82 -3.00 13.03 -0.20
CA ARG A 82 -2.80 14.23 -0.99
C ARG A 82 -2.67 15.45 -0.07
N HIS A 83 -3.63 15.58 0.83
CA HIS A 83 -3.63 16.70 1.76
C HIS A 83 -2.94 16.28 3.05
N GLY A 84 -2.01 15.34 2.91
CA GLY A 84 -1.27 14.86 4.07
C GLY A 84 -0.49 15.99 4.75
N GLY A 85 0.72 15.66 5.17
CA GLY A 85 1.57 16.63 5.82
C GLY A 85 3.04 16.38 5.49
N LYS A 86 3.90 16.96 6.32
CA LYS A 86 5.34 16.81 6.13
C LYS A 86 5.75 15.38 6.49
N LYS A 87 4.99 14.79 7.40
CA LYS A 87 5.26 13.43 7.83
C LYS A 87 4.07 12.54 7.48
N MET A 88 4.29 11.69 6.49
CA MET A 88 3.25 10.77 6.05
C MET A 88 3.37 9.41 6.75
N ARG A 89 2.33 9.06 7.48
CA ARG A 89 2.32 7.80 8.21
C ARG A 89 1.29 6.85 7.58
N PHE A 90 1.76 5.63 7.32
CA PHE A 90 0.90 4.62 6.72
C PHE A 90 0.96 3.32 7.52
N LEU A 91 -0.23 2.79 7.80
CA LEU A 91 -0.33 1.55 8.55
C LEU A 91 -0.60 0.39 7.58
N VAL A 92 0.47 -0.20 7.11
CA VAL A 92 0.37 -1.32 6.18
C VAL A 92 0.61 -2.63 6.93
N ALA A 93 0.09 -3.70 6.37
CA ALA A 93 0.25 -5.02 6.97
C ALA A 93 1.11 -5.90 6.05
N LYS A 94 1.90 -6.75 6.69
CA LYS A 94 2.77 -7.64 5.95
C LYS A 94 1.94 -8.77 5.34
N SER A 95 1.57 -8.57 4.08
CA SER A 95 0.78 -9.55 3.37
C SER A 95 1.67 -10.71 2.88
N ASP A 96 1.03 -11.72 2.33
CA ASP A 96 1.75 -12.88 1.84
C ASP A 96 2.12 -12.65 0.37
N VAL A 97 2.92 -13.57 -0.15
CA VAL A 97 3.35 -13.48 -1.54
C VAL A 97 2.14 -13.57 -2.46
N GLU A 98 1.32 -14.58 -2.20
CA GLU A 98 0.12 -14.78 -3.00
C GLU A 98 -0.60 -13.44 -3.24
N THR A 99 -1.17 -12.92 -2.17
CA THR A 99 -1.90 -11.66 -2.25
C THR A 99 -1.11 -10.67 -3.12
N ALA A 100 0.19 -10.63 -2.92
CA ALA A 100 1.05 -9.75 -3.67
C ALA A 100 1.04 -10.16 -5.15
N LYS A 101 1.30 -11.44 -5.37
CA LYS A 101 1.31 -11.97 -6.72
C LYS A 101 0.11 -11.42 -7.50
N LYS A 102 -1.05 -11.51 -6.87
CA LYS A 102 -2.27 -11.02 -7.49
C LYS A 102 -2.04 -9.63 -8.06
N ILE A 103 -1.28 -8.84 -7.31
CA ILE A 103 -0.97 -7.49 -7.73
C ILE A 103 0.02 -7.53 -8.91
N HIS A 104 0.88 -8.53 -8.87
CA HIS A 104 1.87 -8.70 -9.91
C HIS A 104 1.21 -9.28 -11.16
N SER A 105 0.85 -10.55 -11.05
CA SER A 105 0.21 -11.24 -12.16
C SER A 105 -0.29 -12.62 -11.71
N GLY A 106 -1.55 -12.64 -11.29
CA GLY A 106 -2.16 -13.87 -10.84
C GLY A 106 -1.72 -15.06 -11.71
N PRO A 107 -1.19 -16.10 -11.02
CA PRO A 107 -0.73 -17.30 -11.72
C PRO A 107 -1.92 -18.15 -12.17
N SER A 108 -1.66 -18.95 -13.21
CA SER A 108 -2.70 -19.82 -13.74
C SER A 108 -2.65 -21.18 -13.05
N SER A 109 -3.33 -21.26 -11.93
CA SER A 109 -3.37 -22.50 -11.16
C SER A 109 -4.46 -23.43 -11.72
N GLY A 110 -4.16 -24.72 -11.68
CA GLY A 110 -5.10 -25.71 -12.18
C GLY A 110 -5.14 -26.93 -11.25
N GLY A 1 -18.59 -21.47 8.95
CA GLY A 1 -17.28 -20.83 8.81
C GLY A 1 -16.91 -20.06 10.08
N SER A 2 -15.62 -19.89 10.28
CA SER A 2 -15.12 -19.18 11.44
C SER A 2 -13.99 -18.23 11.03
N SER A 3 -14.10 -17.00 11.50
CA SER A 3 -13.09 -15.99 11.19
C SER A 3 -11.71 -16.49 11.62
N GLY A 4 -10.69 -15.79 11.13
CA GLY A 4 -9.32 -16.14 11.45
C GLY A 4 -8.40 -14.94 11.31
N SER A 5 -7.14 -15.13 11.72
CA SER A 5 -6.16 -14.08 11.63
C SER A 5 -4.75 -14.67 11.60
N SER A 6 -3.94 -14.15 10.70
CA SER A 6 -2.57 -14.63 10.56
C SER A 6 -1.68 -13.52 9.99
N GLY A 7 -0.51 -13.36 10.60
CA GLY A 7 0.43 -12.34 10.16
C GLY A 7 0.37 -11.11 11.08
N TYR A 8 1.22 -10.15 10.78
CA TYR A 8 1.28 -8.93 11.55
C TYR A 8 1.35 -7.70 10.64
N VAL A 9 1.14 -6.54 11.26
CA VAL A 9 1.17 -5.30 10.51
C VAL A 9 2.28 -4.40 11.06
N PHE A 10 2.63 -3.39 10.28
CA PHE A 10 3.68 -2.47 10.69
C PHE A 10 3.41 -1.07 10.15
N THR A 11 3.82 -0.07 10.93
CA THR A 11 3.63 1.31 10.54
C THR A 11 4.80 1.80 9.68
N VAL A 12 4.52 2.80 8.87
CA VAL A 12 5.53 3.36 7.99
C VAL A 12 5.48 4.89 8.07
N GLU A 13 6.56 5.46 8.59
CA GLU A 13 6.65 6.90 8.72
C GLU A 13 7.66 7.47 7.73
N LEU A 14 7.13 8.09 6.68
CA LEU A 14 7.98 8.68 5.66
C LEU A 14 7.78 10.20 5.64
N GLU A 15 8.63 10.87 4.88
CA GLU A 15 8.56 12.31 4.78
C GLU A 15 8.30 12.73 3.33
N ARG A 16 7.15 13.35 3.12
CA ARG A 16 6.77 13.79 1.79
C ARG A 16 8.00 14.32 1.04
N GLY A 17 8.24 13.73 -0.12
CA GLY A 17 9.38 14.13 -0.94
C GLY A 17 8.92 15.01 -2.10
N PRO A 18 9.91 15.34 -2.99
CA PRO A 18 9.61 16.18 -4.14
C PRO A 18 8.87 15.38 -5.21
N SER A 19 8.62 14.12 -4.92
CA SER A 19 7.93 13.24 -5.84
C SER A 19 6.51 12.95 -5.32
N GLY A 20 6.33 13.20 -4.04
CA GLY A 20 5.04 12.97 -3.40
C GLY A 20 4.93 11.53 -2.90
N LEU A 21 5.98 11.10 -2.21
CA LEU A 21 6.01 9.76 -1.66
C LEU A 21 6.41 8.78 -2.77
N GLY A 22 5.68 8.85 -3.87
CA GLY A 22 5.95 7.97 -5.01
C GLY A 22 5.51 6.55 -4.71
N MET A 23 4.25 6.42 -4.29
CA MET A 23 3.70 5.11 -3.97
C MET A 23 2.55 4.76 -4.93
N GLY A 24 2.87 3.90 -5.89
CA GLY A 24 1.89 3.48 -6.86
C GLY A 24 0.80 2.63 -6.21
N LEU A 25 0.00 3.29 -5.39
CA LEU A 25 -1.09 2.62 -4.70
C LEU A 25 -2.24 2.37 -5.68
N ILE A 26 -2.74 1.15 -5.66
CA ILE A 26 -3.84 0.78 -6.53
C ILE A 26 -4.95 0.13 -5.70
N ASP A 27 -6.15 0.13 -6.28
CA ASP A 27 -7.30 -0.44 -5.60
C ASP A 27 -7.21 -1.97 -5.65
N GLY A 28 -7.42 -2.58 -4.49
CA GLY A 28 -7.36 -4.03 -4.39
C GLY A 28 -8.40 -4.68 -5.31
N MET A 29 -9.34 -3.87 -5.76
CA MET A 29 -10.39 -4.35 -6.64
C MET A 29 -9.89 -4.45 -8.08
N HIS A 30 -9.14 -3.44 -8.49
CA HIS A 30 -8.59 -3.40 -9.83
C HIS A 30 -7.56 -4.53 -10.01
N THR A 31 -6.85 -4.81 -8.92
CA THR A 31 -5.85 -5.85 -8.94
C THR A 31 -6.50 -7.23 -8.79
N HIS A 32 -5.81 -8.23 -9.31
CA HIS A 32 -6.32 -9.60 -9.23
C HIS A 32 -6.93 -9.84 -7.86
N LEU A 33 -6.30 -9.27 -6.85
CA LEU A 33 -6.77 -9.42 -5.48
C LEU A 33 -8.29 -9.33 -5.46
N GLY A 34 -8.80 -8.30 -6.13
CA GLY A 34 -10.24 -8.09 -6.20
C GLY A 34 -10.81 -7.77 -4.81
N ALA A 35 -9.91 -7.55 -3.87
CA ALA A 35 -10.31 -7.25 -2.51
C ALA A 35 -10.35 -5.73 -2.33
N PRO A 36 -11.20 -5.29 -1.35
CA PRO A 36 -11.33 -3.87 -1.07
C PRO A 36 -10.12 -3.33 -0.30
N GLY A 37 -9.75 -2.10 -0.62
CA GLY A 37 -8.61 -1.47 0.04
C GLY A 37 -7.54 -1.11 -1.00
N LEU A 38 -6.54 -0.38 -0.51
CA LEU A 38 -5.44 0.04 -1.37
C LEU A 38 -4.22 -0.83 -1.09
N TYR A 39 -3.42 -1.03 -2.14
CA TYR A 39 -2.21 -1.84 -2.01
C TYR A 39 -1.07 -1.24 -2.82
N ILE A 40 0.13 -1.39 -2.30
CA ILE A 40 1.32 -0.88 -2.96
C ILE A 40 1.54 -1.64 -4.27
N GLN A 41 1.57 -0.88 -5.36
CA GLN A 41 1.78 -1.48 -6.67
C GLN A 41 3.22 -1.27 -7.13
N THR A 42 3.76 -0.11 -6.79
CA THR A 42 5.13 0.22 -7.15
C THR A 42 5.76 1.12 -6.09
N LEU A 43 7.03 1.44 -6.30
CA LEU A 43 7.76 2.28 -5.38
C LEU A 43 8.72 3.18 -6.16
N LEU A 44 8.31 4.43 -6.32
CA LEU A 44 9.12 5.39 -7.05
C LEU A 44 10.57 5.28 -6.58
N PRO A 45 11.50 5.43 -7.56
CA PRO A 45 12.93 5.36 -7.26
C PRO A 45 13.41 6.63 -6.56
N GLY A 46 14.46 6.46 -5.77
CA GLY A 46 15.03 7.58 -5.04
C GLY A 46 13.96 8.30 -4.21
N SER A 47 12.86 7.59 -3.98
CA SER A 47 11.76 8.15 -3.22
C SER A 47 11.84 7.67 -1.77
N PRO A 48 10.96 8.27 -0.92
CA PRO A 48 10.93 7.92 0.49
C PRO A 48 10.24 6.56 0.69
N ALA A 49 9.14 6.38 -0.03
CA ALA A 49 8.39 5.14 0.06
C ALA A 49 9.26 3.98 -0.42
N ALA A 50 10.34 4.34 -1.11
CA ALA A 50 11.26 3.34 -1.63
C ALA A 50 12.53 3.33 -0.78
N ALA A 51 13.01 4.52 -0.47
CA ALA A 51 14.21 4.66 0.34
C ALA A 51 14.03 3.88 1.64
N ASP A 52 12.80 3.89 2.14
CA ASP A 52 12.49 3.20 3.38
C ASP A 52 12.97 1.75 3.28
N GLY A 53 12.44 1.05 2.30
CA GLY A 53 12.81 -0.34 2.08
C GLY A 53 11.65 -1.28 2.44
N ARG A 54 11.25 -1.21 3.70
CA ARG A 54 10.16 -2.04 4.18
C ARG A 54 9.05 -2.11 3.14
N LEU A 55 8.51 -0.96 2.82
CA LEU A 55 7.43 -0.88 1.83
C LEU A 55 7.73 -1.84 0.67
N SER A 56 6.94 -2.89 0.60
CA SER A 56 7.11 -3.89 -0.44
C SER A 56 5.90 -3.87 -1.38
N LEU A 57 6.13 -4.38 -2.59
CA LEU A 57 5.07 -4.43 -3.59
C LEU A 57 4.00 -5.43 -3.16
N GLY A 58 2.76 -4.99 -3.21
CA GLY A 58 1.65 -5.84 -2.83
C GLY A 58 1.08 -5.42 -1.48
N ASP A 59 1.94 -4.80 -0.68
CA ASP A 59 1.54 -4.34 0.64
C ASP A 59 0.13 -3.74 0.56
N ARG A 60 -0.58 -3.83 1.68
CA ARG A 60 -1.93 -3.29 1.75
C ARG A 60 -2.02 -2.24 2.86
N ILE A 61 -2.35 -1.03 2.44
CA ILE A 61 -2.48 0.08 3.38
C ILE A 61 -3.78 -0.08 4.17
N LEU A 62 -3.74 0.37 5.42
CA LEU A 62 -4.90 0.29 6.28
C LEU A 62 -5.27 1.69 6.77
N GLU A 63 -4.25 2.45 7.14
CA GLU A 63 -4.45 3.80 7.61
C GLU A 63 -3.48 4.76 6.91
N VAL A 64 -3.88 6.02 6.89
CA VAL A 64 -3.06 7.06 6.26
C VAL A 64 -3.10 8.32 7.11
N ASN A 65 -1.96 8.63 7.71
CA ASN A 65 -1.85 9.81 8.54
C ASN A 65 -2.81 9.69 9.73
N GLY A 66 -3.24 8.46 9.98
CA GLY A 66 -4.16 8.19 11.07
C GLY A 66 -5.61 8.28 10.60
N SER A 67 -5.86 7.68 9.44
CA SER A 67 -7.19 7.69 8.87
C SER A 67 -7.57 6.28 8.40
N SER A 68 -8.55 5.71 9.08
CA SER A 68 -9.01 4.37 8.75
C SER A 68 -9.41 4.31 7.27
N LEU A 69 -8.75 3.41 6.56
CA LEU A 69 -9.02 3.23 5.14
C LEU A 69 -9.83 1.95 4.93
N LEU A 70 -11.00 1.93 5.54
CA LEU A 70 -11.89 0.78 5.43
C LEU A 70 -12.95 1.05 4.36
N GLY A 71 -13.14 0.05 3.51
CA GLY A 71 -14.11 0.17 2.43
C GLY A 71 -14.10 1.58 1.84
N LEU A 72 -12.94 2.21 1.91
CA LEU A 72 -12.79 3.56 1.38
C LEU A 72 -12.32 3.48 -0.08
N GLY A 73 -13.13 4.06 -0.95
CA GLY A 73 -12.82 4.07 -2.37
C GLY A 73 -11.39 4.57 -2.62
N TYR A 74 -11.05 4.67 -3.89
CA TYR A 74 -9.72 5.13 -4.28
C TYR A 74 -9.54 6.61 -3.93
N LEU A 75 -10.30 7.44 -4.61
CA LEU A 75 -10.23 8.87 -4.39
C LEU A 75 -10.23 9.15 -2.89
N ARG A 76 -11.10 8.45 -2.18
CA ARG A 76 -11.21 8.62 -0.75
C ARG A 76 -9.84 8.42 -0.08
N ALA A 77 -9.19 7.33 -0.48
CA ALA A 77 -7.87 7.01 0.07
C ALA A 77 -6.85 8.01 -0.47
N VAL A 78 -7.06 8.42 -1.71
CA VAL A 78 -6.18 9.37 -2.36
C VAL A 78 -6.28 10.72 -1.65
N ASP A 79 -7.51 11.08 -1.30
CA ASP A 79 -7.76 12.34 -0.62
C ASP A 79 -7.04 12.34 0.73
N LEU A 80 -6.88 11.15 1.28
CA LEU A 80 -6.21 11.00 2.56
C LEU A 80 -4.73 11.37 2.40
N ILE A 81 -4.08 10.68 1.48
CA ILE A 81 -2.67 10.94 1.23
C ILE A 81 -2.52 12.28 0.53
N ARG A 82 -3.64 12.79 0.05
CA ARG A 82 -3.64 14.08 -0.64
C ARG A 82 -3.40 15.21 0.34
N HIS A 83 -4.13 15.16 1.45
CA HIS A 83 -4.01 16.18 2.48
C HIS A 83 -2.95 15.75 3.51
N GLY A 84 -1.95 15.04 3.02
CA GLY A 84 -0.88 14.56 3.88
C GLY A 84 0.49 14.98 3.33
N GLY A 85 1.06 15.98 3.99
CA GLY A 85 2.36 16.48 3.58
C GLY A 85 3.33 16.52 4.77
N LYS A 86 4.61 16.65 4.45
CA LYS A 86 5.63 16.71 5.47
C LYS A 86 5.74 15.34 6.15
N LYS A 87 4.79 15.07 7.02
CA LYS A 87 4.76 13.81 7.75
C LYS A 87 3.58 12.98 7.27
N MET A 88 3.89 11.81 6.74
CA MET A 88 2.86 10.91 6.24
C MET A 88 2.99 9.52 6.87
N ARG A 89 1.94 9.12 7.56
CA ARG A 89 1.92 7.82 8.22
C ARG A 89 1.03 6.84 7.43
N PHE A 90 1.47 5.59 7.42
CA PHE A 90 0.72 4.56 6.71
C PHE A 90 0.77 3.24 7.48
N LEU A 91 -0.39 2.60 7.57
CA LEU A 91 -0.50 1.33 8.27
C LEU A 91 -0.65 0.20 7.24
N VAL A 92 0.49 -0.38 6.89
CA VAL A 92 0.50 -1.47 5.91
C VAL A 92 0.71 -2.79 6.66
N ALA A 93 -0.17 -3.75 6.35
CA ALA A 93 -0.10 -5.05 6.97
C ALA A 93 0.91 -5.92 6.22
N LYS A 94 1.56 -6.81 6.96
CA LYS A 94 2.55 -7.69 6.38
C LYS A 94 1.84 -8.84 5.67
N SER A 95 1.74 -8.72 4.35
CA SER A 95 1.08 -9.75 3.56
C SER A 95 2.14 -10.67 2.93
N ASP A 96 1.65 -11.78 2.39
CA ASP A 96 2.54 -12.75 1.76
C ASP A 96 2.77 -12.34 0.30
N VAL A 97 3.57 -13.15 -0.39
CA VAL A 97 3.87 -12.88 -1.78
C VAL A 97 2.61 -13.09 -2.62
N GLU A 98 1.86 -14.12 -2.28
CA GLU A 98 0.64 -14.44 -2.99
C GLU A 98 -0.19 -13.17 -3.22
N THR A 99 -0.25 -12.35 -2.17
CA THR A 99 -1.00 -11.10 -2.24
C THR A 99 -0.46 -10.23 -3.37
N ALA A 100 0.86 -10.16 -3.44
CA ALA A 100 1.51 -9.35 -4.46
C ALA A 100 1.25 -9.97 -5.84
N LYS A 101 1.35 -11.29 -5.88
CA LYS A 101 1.12 -12.02 -7.12
C LYS A 101 -0.17 -11.53 -7.76
N LYS A 102 -1.21 -11.42 -6.93
CA LYS A 102 -2.50 -10.97 -7.41
C LYS A 102 -2.40 -9.50 -7.84
N ILE A 103 -1.54 -8.77 -7.15
CA ILE A 103 -1.34 -7.37 -7.45
C ILE A 103 -0.63 -7.23 -8.80
N HIS A 104 0.24 -8.19 -9.06
CA HIS A 104 0.98 -8.19 -10.32
C HIS A 104 0.14 -8.83 -11.42
N SER A 105 0.63 -8.71 -12.64
CA SER A 105 -0.06 -9.26 -13.79
C SER A 105 0.94 -9.61 -14.89
N GLY A 106 1.35 -10.87 -14.90
CA GLY A 106 2.31 -11.34 -15.90
C GLY A 106 2.76 -12.76 -15.58
N PRO A 107 2.52 -13.67 -16.57
CA PRO A 107 2.91 -15.07 -16.41
C PRO A 107 4.41 -15.24 -16.57
N SER A 108 5.00 -15.91 -15.58
CA SER A 108 6.43 -16.16 -15.60
C SER A 108 6.72 -17.57 -16.12
N SER A 109 7.94 -17.74 -16.63
CA SER A 109 8.34 -19.04 -17.15
C SER A 109 9.06 -19.85 -16.08
N GLY A 110 8.56 -21.05 -15.85
CA GLY A 110 9.14 -21.94 -14.85
C GLY A 110 8.17 -23.05 -14.47
N GLY A 1 -0.99 -27.44 0.90
CA GLY A 1 0.03 -27.41 1.94
C GLY A 1 0.15 -26.02 2.55
N SER A 2 0.34 -26.00 3.86
CA SER A 2 0.47 -24.74 4.59
C SER A 2 1.11 -24.99 5.95
N SER A 3 1.83 -23.98 6.42
CA SER A 3 2.50 -24.07 7.70
C SER A 3 2.62 -22.69 8.34
N GLY A 4 2.67 -22.67 9.66
CA GLY A 4 2.79 -21.42 10.39
C GLY A 4 1.55 -20.56 10.21
N SER A 5 1.17 -19.87 11.27
CA SER A 5 -0.01 -19.01 11.24
C SER A 5 0.23 -17.78 12.13
N SER A 6 0.77 -16.74 11.52
CA SER A 6 1.04 -15.52 12.24
C SER A 6 0.80 -14.31 11.32
N GLY A 7 0.72 -13.14 11.95
CA GLY A 7 0.51 -11.91 11.20
C GLY A 7 0.74 -10.69 12.09
N TYR A 8 1.54 -9.76 11.57
CA TYR A 8 1.86 -8.55 12.29
C TYR A 8 1.84 -7.33 11.36
N VAL A 9 1.39 -6.22 11.90
CA VAL A 9 1.32 -4.99 11.13
C VAL A 9 2.52 -4.10 11.48
N PHE A 10 2.77 -3.12 10.62
CA PHE A 10 3.87 -2.21 10.82
C PHE A 10 3.56 -0.83 10.26
N THR A 11 4.01 0.19 10.98
CA THR A 11 3.78 1.57 10.57
C THR A 11 4.93 2.06 9.69
N VAL A 12 4.61 3.01 8.83
CA VAL A 12 5.61 3.57 7.93
C VAL A 12 5.45 5.10 7.89
N GLU A 13 6.50 5.78 8.31
CA GLU A 13 6.49 7.23 8.33
C GLU A 13 7.42 7.79 7.25
N LEU A 14 6.81 8.24 6.16
CA LEU A 14 7.57 8.80 5.06
C LEU A 14 7.42 10.32 5.05
N GLU A 15 8.36 10.97 4.38
CA GLU A 15 8.35 12.42 4.29
C GLU A 15 8.09 12.86 2.86
N ARG A 16 6.92 13.45 2.65
CA ARG A 16 6.54 13.93 1.33
C ARG A 16 7.74 14.53 0.61
N GLY A 17 8.14 13.87 -0.46
CA GLY A 17 9.28 14.31 -1.25
C GLY A 17 8.85 15.34 -2.31
N PRO A 18 9.76 15.59 -3.28
CA PRO A 18 9.48 16.55 -4.34
C PRO A 18 8.51 15.95 -5.36
N SER A 19 8.34 14.63 -5.28
CA SER A 19 7.44 13.94 -6.19
C SER A 19 6.25 13.38 -5.41
N GLY A 20 6.42 13.25 -4.11
CA GLY A 20 5.38 12.74 -3.25
C GLY A 20 5.93 11.72 -2.25
N LEU A 21 5.61 10.46 -2.50
CA LEU A 21 6.07 9.39 -1.63
C LEU A 21 6.44 8.17 -2.49
N GLY A 22 6.57 8.42 -3.77
CA GLY A 22 6.92 7.35 -4.71
C GLY A 22 6.22 6.04 -4.32
N MET A 23 4.91 6.12 -4.23
CA MET A 23 4.12 4.95 -3.88
C MET A 23 2.84 4.88 -4.72
N GLY A 24 2.71 3.80 -5.47
CA GLY A 24 1.55 3.60 -6.32
C GLY A 24 0.53 2.68 -5.64
N LEU A 25 -0.32 3.29 -4.81
CA LEU A 25 -1.33 2.55 -4.10
C LEU A 25 -2.58 2.41 -4.99
N ILE A 26 -2.94 1.18 -5.26
CA ILE A 26 -4.10 0.90 -6.09
C ILE A 26 -5.07 -0.01 -5.33
N ASP A 27 -6.32 0.00 -5.78
CA ASP A 27 -7.34 -0.81 -5.15
C ASP A 27 -7.21 -2.26 -5.63
N GLY A 28 -7.74 -3.17 -4.82
CA GLY A 28 -7.68 -4.59 -5.15
C GLY A 28 -8.81 -4.98 -6.09
N MET A 29 -9.31 -3.98 -6.81
CA MET A 29 -10.40 -4.21 -7.76
C MET A 29 -9.85 -4.49 -9.16
N HIS A 30 -9.00 -3.59 -9.61
CA HIS A 30 -8.40 -3.73 -10.94
C HIS A 30 -7.37 -4.87 -10.92
N THR A 31 -6.74 -5.04 -9.76
CA THR A 31 -5.74 -6.07 -9.61
C THR A 31 -6.42 -7.44 -9.38
N HIS A 32 -5.75 -8.47 -9.85
CA HIS A 32 -6.26 -9.83 -9.70
C HIS A 32 -6.87 -9.99 -8.31
N LEU A 33 -6.34 -9.25 -7.37
CA LEU A 33 -6.81 -9.30 -6.00
C LEU A 33 -8.34 -9.43 -6.00
N GLY A 34 -8.96 -8.78 -6.98
CA GLY A 34 -10.40 -8.82 -7.11
C GLY A 34 -11.08 -8.59 -5.76
N ALA A 35 -10.35 -7.94 -4.87
CA ALA A 35 -10.87 -7.65 -3.55
C ALA A 35 -10.73 -6.15 -3.26
N PRO A 36 -11.65 -5.64 -2.40
CA PRO A 36 -11.63 -4.24 -2.03
C PRO A 36 -10.50 -3.93 -1.07
N GLY A 37 -9.81 -2.84 -1.35
CA GLY A 37 -8.70 -2.42 -0.51
C GLY A 37 -7.54 -1.88 -1.35
N LEU A 38 -6.73 -1.04 -0.72
CA LEU A 38 -5.59 -0.45 -1.41
C LEU A 38 -4.35 -1.31 -1.14
N TYR A 39 -3.39 -1.22 -2.06
CA TYR A 39 -2.16 -1.96 -1.94
C TYR A 39 -1.05 -1.34 -2.78
N ILE A 40 0.17 -1.46 -2.28
CA ILE A 40 1.33 -0.92 -2.98
C ILE A 40 1.50 -1.64 -4.32
N GLN A 41 1.36 -0.88 -5.39
CA GLN A 41 1.49 -1.42 -6.73
C GLN A 41 2.87 -1.09 -7.31
N THR A 42 3.35 0.10 -6.96
CA THR A 42 4.64 0.55 -7.44
C THR A 42 5.33 1.40 -6.37
N LEU A 43 6.65 1.51 -6.51
CA LEU A 43 7.44 2.28 -5.56
C LEU A 43 8.60 2.95 -6.31
N LEU A 44 8.57 4.27 -6.30
CA LEU A 44 9.61 5.05 -6.96
C LEU A 44 10.95 4.81 -6.26
N PRO A 45 12.04 4.94 -7.05
CA PRO A 45 13.38 4.74 -6.51
C PRO A 45 13.81 5.94 -5.67
N GLY A 46 13.72 7.11 -6.27
CA GLY A 46 14.09 8.34 -5.58
C GLY A 46 12.93 8.87 -4.74
N SER A 47 12.39 8.00 -3.91
CA SER A 47 11.28 8.37 -3.05
C SER A 47 11.56 7.95 -1.61
N PRO A 48 10.67 8.40 -0.68
CA PRO A 48 10.82 8.08 0.72
C PRO A 48 10.42 6.64 1.00
N ALA A 49 9.23 6.29 0.54
CA ALA A 49 8.70 4.94 0.73
C ALA A 49 9.80 3.93 0.41
N ALA A 50 10.35 4.05 -0.79
CA ALA A 50 11.41 3.15 -1.23
C ALA A 50 12.56 3.22 -0.23
N ALA A 51 12.90 4.44 0.16
CA ALA A 51 13.99 4.64 1.10
C ALA A 51 13.76 3.77 2.33
N ASP A 52 12.49 3.56 2.65
CA ASP A 52 12.13 2.75 3.80
C ASP A 52 12.53 1.29 3.53
N GLY A 53 12.21 0.84 2.34
CA GLY A 53 12.53 -0.53 1.94
C GLY A 53 11.40 -1.49 2.33
N ARG A 54 10.97 -1.37 3.58
CA ARG A 54 9.91 -2.23 4.09
C ARG A 54 8.76 -2.29 3.07
N LEU A 55 8.26 -1.12 2.72
CA LEU A 55 7.16 -1.03 1.77
C LEU A 55 7.49 -1.90 0.54
N SER A 56 6.67 -2.92 0.35
CA SER A 56 6.86 -3.83 -0.77
C SER A 56 5.60 -3.85 -1.64
N LEU A 57 5.78 -4.30 -2.87
CA LEU A 57 4.67 -4.37 -3.80
C LEU A 57 3.72 -5.49 -3.38
N GLY A 58 2.46 -5.14 -3.21
CA GLY A 58 1.45 -6.11 -2.80
C GLY A 58 0.98 -5.84 -1.37
N ASP A 59 1.66 -4.90 -0.73
CA ASP A 59 1.32 -4.54 0.64
C ASP A 59 -0.10 -3.98 0.69
N ARG A 60 -0.61 -3.86 1.89
CA ARG A 60 -1.96 -3.34 2.09
C ARG A 60 -1.96 -2.25 3.17
N ILE A 61 -2.45 -1.08 2.78
CA ILE A 61 -2.51 0.04 3.70
C ILE A 61 -3.74 -0.10 4.60
N LEU A 62 -3.60 0.37 5.82
CA LEU A 62 -4.69 0.30 6.78
C LEU A 62 -5.05 1.71 7.24
N GLU A 63 -4.01 2.49 7.53
CA GLU A 63 -4.20 3.86 7.98
C GLU A 63 -3.28 4.80 7.21
N VAL A 64 -3.62 6.08 7.26
CA VAL A 64 -2.83 7.10 6.58
C VAL A 64 -2.79 8.36 7.43
N ASN A 65 -1.60 8.63 7.97
CA ASN A 65 -1.41 9.81 8.80
C ASN A 65 -2.25 9.66 10.07
N GLY A 66 -2.71 8.45 10.30
CA GLY A 66 -3.53 8.17 11.47
C GLY A 66 -5.02 8.32 11.15
N SER A 67 -5.38 7.94 9.94
CA SER A 67 -6.76 8.02 9.49
C SER A 67 -7.25 6.67 9.00
N SER A 68 -8.19 6.10 9.74
CA SER A 68 -8.75 4.81 9.38
C SER A 68 -9.04 4.76 7.88
N LEU A 69 -8.37 3.84 7.20
CA LEU A 69 -8.55 3.69 5.77
C LEU A 69 -9.20 2.33 5.49
N LEU A 70 -10.40 2.16 6.03
CA LEU A 70 -11.13 0.92 5.84
C LEU A 70 -12.20 1.12 4.77
N GLY A 71 -13.34 1.65 5.21
CA GLY A 71 -14.45 1.90 4.30
C GLY A 71 -14.31 3.27 3.63
N LEU A 72 -13.09 3.58 3.23
CA LEU A 72 -12.81 4.85 2.59
C LEU A 72 -12.62 4.62 1.09
N GLY A 73 -13.33 5.42 0.31
CA GLY A 73 -13.25 5.31 -1.14
C GLY A 73 -11.85 5.68 -1.65
N TYR A 74 -11.49 5.07 -2.75
CA TYR A 74 -10.18 5.32 -3.35
C TYR A 74 -9.95 6.82 -3.55
N LEU A 75 -11.05 7.56 -3.57
CA LEU A 75 -10.97 9.00 -3.75
C LEU A 75 -10.77 9.67 -2.39
N ARG A 76 -11.20 8.97 -1.35
CA ARG A 76 -11.07 9.48 0.00
C ARG A 76 -9.68 9.15 0.56
N ALA A 77 -9.22 7.95 0.25
CA ALA A 77 -7.91 7.51 0.71
C ALA A 77 -6.83 8.29 -0.04
N VAL A 78 -7.01 8.43 -1.34
CA VAL A 78 -6.07 9.14 -2.17
C VAL A 78 -5.93 10.57 -1.67
N ASP A 79 -7.08 11.20 -1.44
CA ASP A 79 -7.10 12.57 -0.96
C ASP A 79 -6.30 12.67 0.34
N LEU A 80 -6.53 11.70 1.21
CA LEU A 80 -5.83 11.66 2.49
C LEU A 80 -4.33 11.82 2.24
N ILE A 81 -3.78 10.88 1.49
CA ILE A 81 -2.36 10.91 1.19
C ILE A 81 -2.05 12.15 0.35
N ARG A 82 -2.85 12.36 -0.68
CA ARG A 82 -2.67 13.50 -1.55
C ARG A 82 -2.52 14.79 -0.73
N HIS A 83 -3.51 15.01 0.11
CA HIS A 83 -3.51 16.20 0.97
C HIS A 83 -2.82 15.87 2.29
N GLY A 84 -1.81 15.03 2.21
CA GLY A 84 -1.07 14.63 3.40
C GLY A 84 -0.34 15.82 4.02
N GLY A 85 0.86 15.55 4.52
CA GLY A 85 1.65 16.59 5.14
C GLY A 85 3.14 16.22 5.13
N LYS A 86 3.94 17.13 5.66
CA LYS A 86 5.38 16.92 5.72
C LYS A 86 5.65 15.51 6.25
N LYS A 87 4.85 15.10 7.20
CA LYS A 87 4.99 13.78 7.80
C LYS A 87 3.80 12.91 7.40
N MET A 88 4.09 11.88 6.61
CA MET A 88 3.05 10.96 6.16
C MET A 88 3.24 9.58 6.77
N ARG A 89 2.21 9.15 7.50
CA ARG A 89 2.26 7.85 8.14
C ARG A 89 1.29 6.88 7.44
N PHE A 90 1.67 5.62 7.44
CA PHE A 90 0.85 4.59 6.81
C PHE A 90 0.92 3.28 7.60
N LEU A 91 -0.25 2.75 7.92
CA LEU A 91 -0.34 1.51 8.66
C LEU A 91 -0.58 0.36 7.69
N VAL A 92 0.51 -0.21 7.19
CA VAL A 92 0.42 -1.31 6.26
C VAL A 92 0.73 -2.62 6.99
N ALA A 93 0.23 -3.71 6.43
CA ALA A 93 0.45 -5.02 7.01
C ALA A 93 1.34 -5.84 6.09
N LYS A 94 2.00 -6.83 6.68
CA LYS A 94 2.88 -7.70 5.92
C LYS A 94 2.05 -8.72 5.15
N SER A 95 1.80 -8.40 3.88
CA SER A 95 1.02 -9.28 3.04
C SER A 95 1.88 -10.45 2.55
N ASP A 96 1.22 -11.43 1.95
CA ASP A 96 1.92 -12.59 1.43
C ASP A 96 2.38 -12.32 0.00
N VAL A 97 3.02 -13.32 -0.58
CA VAL A 97 3.51 -13.21 -1.94
C VAL A 97 2.33 -13.31 -2.92
N GLU A 98 1.49 -14.30 -2.67
CA GLU A 98 0.32 -14.52 -3.51
C GLU A 98 -0.38 -13.20 -3.80
N THR A 99 -0.59 -12.44 -2.73
CA THR A 99 -1.26 -11.15 -2.84
C THR A 99 -0.58 -10.30 -3.92
N ALA A 100 0.72 -10.14 -3.76
CA ALA A 100 1.51 -9.35 -4.70
C ALA A 100 1.24 -9.86 -6.12
N LYS A 101 1.45 -11.17 -6.30
CA LYS A 101 1.25 -11.79 -7.59
C LYS A 101 0.00 -11.19 -8.25
N LYS A 102 -1.12 -11.28 -7.52
CA LYS A 102 -2.38 -10.76 -8.02
C LYS A 102 -2.20 -9.29 -8.42
N ILE A 103 -1.49 -8.56 -7.56
CA ILE A 103 -1.24 -7.15 -7.82
C ILE A 103 -0.38 -7.02 -9.07
N HIS A 104 0.60 -7.91 -9.19
CA HIS A 104 1.49 -7.89 -10.33
C HIS A 104 0.69 -8.00 -11.62
N SER A 105 1.09 -7.21 -12.61
CA SER A 105 0.41 -7.21 -13.89
C SER A 105 1.02 -8.28 -14.80
N GLY A 106 2.26 -8.05 -15.19
CA GLY A 106 2.96 -8.98 -16.07
C GLY A 106 4.41 -9.15 -15.61
N PRO A 107 4.61 -10.09 -14.65
CA PRO A 107 5.93 -10.37 -14.13
C PRO A 107 6.76 -11.18 -15.13
N SER A 108 6.11 -12.17 -15.71
CA SER A 108 6.77 -13.02 -16.69
C SER A 108 5.73 -13.84 -17.47
N SER A 109 4.94 -14.59 -16.72
CA SER A 109 3.90 -15.42 -17.32
C SER A 109 2.72 -14.54 -17.76
N GLY A 110 2.10 -14.94 -18.86
CA GLY A 110 0.97 -14.21 -19.38
C GLY A 110 -0.36 -14.85 -18.96
N GLY A 1 -0.63 -29.33 3.31
CA GLY A 1 0.16 -28.58 4.29
C GLY A 1 -0.58 -27.32 4.73
N SER A 2 -0.82 -26.44 3.78
CA SER A 2 -1.52 -25.20 4.07
C SER A 2 -0.57 -24.23 4.78
N SER A 3 -0.06 -24.69 5.91
CA SER A 3 0.85 -23.87 6.70
C SER A 3 0.14 -22.58 7.16
N GLY A 4 0.40 -22.23 8.41
CA GLY A 4 -0.20 -21.03 8.98
C GLY A 4 0.83 -20.23 9.77
N SER A 5 0.45 -18.99 10.09
CA SER A 5 1.33 -18.11 10.84
C SER A 5 0.59 -16.82 11.20
N SER A 6 1.05 -16.19 12.28
CA SER A 6 0.45 -14.96 12.74
C SER A 6 1.13 -13.76 12.08
N GLY A 7 0.31 -12.87 11.55
CA GLY A 7 0.83 -11.68 10.89
C GLY A 7 0.82 -10.48 11.85
N TYR A 8 1.72 -9.54 11.58
CA TYR A 8 1.83 -8.35 12.40
C TYR A 8 1.83 -7.09 11.53
N VAL A 9 1.21 -6.05 12.07
CA VAL A 9 1.13 -4.78 11.36
C VAL A 9 2.31 -3.90 11.78
N PHE A 10 2.65 -2.97 10.90
CA PHE A 10 3.75 -2.05 11.17
C PHE A 10 3.52 -0.70 10.47
N THR A 11 3.83 0.36 11.20
CA THR A 11 3.66 1.70 10.68
C THR A 11 4.90 2.13 9.89
N VAL A 12 4.69 3.06 8.97
CA VAL A 12 5.77 3.55 8.14
C VAL A 12 5.72 5.08 8.10
N GLU A 13 6.72 5.70 8.70
CA GLU A 13 6.80 7.14 8.74
C GLU A 13 7.83 7.65 7.72
N LEU A 14 7.33 8.41 6.76
CA LEU A 14 8.20 8.96 5.73
C LEU A 14 7.96 10.46 5.61
N GLU A 15 8.72 11.09 4.73
CA GLU A 15 8.60 12.52 4.52
C GLU A 15 8.11 12.81 3.10
N ARG A 16 6.88 13.31 3.01
CA ARG A 16 6.29 13.63 1.73
C ARG A 16 7.34 14.23 0.80
N GLY A 17 7.63 13.49 -0.27
CA GLY A 17 8.61 13.94 -1.24
C GLY A 17 8.05 15.07 -2.11
N PRO A 18 8.83 15.43 -3.16
CA PRO A 18 8.42 16.48 -4.07
C PRO A 18 7.33 15.98 -5.02
N SER A 19 7.20 14.67 -5.09
CA SER A 19 6.19 14.06 -5.95
C SER A 19 5.25 13.19 -5.11
N GLY A 20 5.10 13.57 -3.86
CA GLY A 20 4.24 12.84 -2.95
C GLY A 20 4.86 11.50 -2.55
N LEU A 21 6.16 11.55 -2.27
CA LEU A 21 6.88 10.36 -1.87
C LEU A 21 7.28 9.58 -3.13
N GLY A 22 6.31 8.86 -3.66
CA GLY A 22 6.55 8.06 -4.85
C GLY A 22 6.04 6.63 -4.67
N MET A 23 4.72 6.51 -4.56
CA MET A 23 4.10 5.21 -4.37
C MET A 23 2.87 5.05 -5.26
N GLY A 24 2.82 3.94 -5.97
CA GLY A 24 1.71 3.66 -6.87
C GLY A 24 0.68 2.74 -6.20
N LEU A 25 -0.21 3.37 -5.43
CA LEU A 25 -1.24 2.63 -4.73
C LEU A 25 -2.41 2.38 -5.67
N ILE A 26 -2.95 1.17 -5.61
CA ILE A 26 -4.07 0.79 -6.46
C ILE A 26 -5.00 -0.14 -5.67
N ASP A 27 -6.28 -0.03 -5.99
CA ASP A 27 -7.28 -0.85 -5.32
C ASP A 27 -7.22 -2.27 -5.87
N GLY A 28 -7.71 -3.21 -5.07
CA GLY A 28 -7.71 -4.60 -5.47
C GLY A 28 -8.90 -4.91 -6.39
N MET A 29 -9.17 -3.98 -7.28
CA MET A 29 -10.28 -4.13 -8.22
C MET A 29 -9.76 -4.52 -9.61
N HIS A 30 -8.81 -3.74 -10.09
CA HIS A 30 -8.23 -3.99 -11.41
C HIS A 30 -7.20 -5.12 -11.30
N THR A 31 -6.61 -5.24 -10.13
CA THR A 31 -5.62 -6.27 -9.88
C THR A 31 -6.29 -7.62 -9.64
N HIS A 32 -5.54 -8.68 -9.89
CA HIS A 32 -6.05 -10.02 -9.71
C HIS A 32 -6.69 -10.14 -8.33
N LEU A 33 -6.27 -9.26 -7.44
CA LEU A 33 -6.79 -9.25 -6.08
C LEU A 33 -8.29 -9.57 -6.11
N GLY A 34 -9.01 -8.77 -6.89
CA GLY A 34 -10.44 -8.95 -7.01
C GLY A 34 -11.17 -8.58 -5.71
N ALA A 35 -10.51 -7.74 -4.93
CA ALA A 35 -11.06 -7.31 -3.65
C ALA A 35 -10.80 -5.80 -3.48
N PRO A 36 -11.81 -5.11 -2.88
CA PRO A 36 -11.70 -3.69 -2.64
C PRO A 36 -10.75 -3.39 -1.48
N GLY A 37 -9.94 -2.36 -1.68
CA GLY A 37 -8.97 -1.96 -0.66
C GLY A 37 -7.84 -1.14 -1.27
N LEU A 38 -6.72 -1.13 -0.57
CA LEU A 38 -5.55 -0.38 -1.02
C LEU A 38 -4.32 -1.27 -0.93
N TYR A 39 -3.43 -1.11 -1.90
CA TYR A 39 -2.20 -1.88 -1.94
C TYR A 39 -1.16 -1.22 -2.84
N ILE A 40 0.10 -1.37 -2.44
CA ILE A 40 1.20 -0.79 -3.19
C ILE A 40 1.33 -1.51 -4.53
N GLN A 41 1.51 -0.71 -5.57
CA GLN A 41 1.65 -1.27 -6.91
C GLN A 41 3.09 -1.10 -7.41
N THR A 42 3.71 -0.01 -6.97
CA THR A 42 5.08 0.27 -7.36
C THR A 42 5.77 1.11 -6.28
N LEU A 43 7.09 0.96 -6.21
CA LEU A 43 7.88 1.69 -5.24
C LEU A 43 8.92 2.54 -5.96
N LEU A 44 8.54 3.77 -6.25
CA LEU A 44 9.43 4.69 -6.93
C LEU A 44 10.85 4.53 -6.40
N PRO A 45 11.84 4.78 -7.29
CA PRO A 45 13.24 4.66 -6.91
C PRO A 45 13.67 5.84 -6.03
N GLY A 46 13.60 7.03 -6.61
CA GLY A 46 13.98 8.24 -5.90
C GLY A 46 12.83 8.74 -5.02
N SER A 47 12.32 7.82 -4.20
CA SER A 47 11.23 8.16 -3.30
C SER A 47 11.56 7.71 -1.88
N PRO A 48 10.87 8.35 -0.90
CA PRO A 48 11.09 8.03 0.50
C PRO A 48 10.44 6.69 0.87
N ALA A 49 9.30 6.44 0.23
CA ALA A 49 8.57 5.20 0.48
C ALA A 49 9.49 4.01 0.21
N ALA A 50 10.04 3.99 -1.00
CA ALA A 50 10.94 2.91 -1.40
C ALA A 50 12.16 2.89 -0.48
N ALA A 51 12.74 4.07 -0.29
CA ALA A 51 13.91 4.20 0.57
C ALA A 51 13.68 3.42 1.86
N ASP A 52 12.44 3.48 2.34
CA ASP A 52 12.07 2.78 3.56
C ASP A 52 12.60 1.35 3.50
N GLY A 53 12.27 0.68 2.40
CA GLY A 53 12.70 -0.70 2.21
C GLY A 53 11.60 -1.68 2.62
N ARG A 54 10.98 -1.39 3.76
CA ARG A 54 9.92 -2.23 4.27
C ARG A 54 8.74 -2.25 3.30
N LEU A 55 8.41 -1.06 2.80
CA LEU A 55 7.31 -0.93 1.85
C LEU A 55 7.56 -1.84 0.66
N SER A 56 6.84 -2.96 0.64
CA SER A 56 6.96 -3.92 -0.43
C SER A 56 5.80 -3.78 -1.41
N LEU A 57 5.97 -4.38 -2.58
CA LEU A 57 4.93 -4.33 -3.60
C LEU A 57 3.84 -5.34 -3.27
N GLY A 58 2.61 -4.84 -3.20
CA GLY A 58 1.47 -5.69 -2.89
C GLY A 58 0.96 -5.43 -1.47
N ASP A 59 1.78 -4.71 -0.71
CA ASP A 59 1.42 -4.39 0.67
C ASP A 59 -0.03 -3.89 0.71
N ARG A 60 -0.52 -3.72 1.92
CA ARG A 60 -1.87 -3.25 2.12
C ARG A 60 -1.91 -2.13 3.16
N ILE A 61 -2.32 -0.95 2.71
CA ILE A 61 -2.40 0.21 3.59
C ILE A 61 -3.62 0.06 4.51
N LEU A 62 -3.41 0.38 5.77
CA LEU A 62 -4.48 0.29 6.76
C LEU A 62 -4.84 1.69 7.24
N GLU A 63 -3.82 2.54 7.32
CA GLU A 63 -4.03 3.91 7.75
C GLU A 63 -3.08 4.86 7.01
N VAL A 64 -3.43 6.13 7.02
CA VAL A 64 -2.63 7.14 6.35
C VAL A 64 -2.63 8.42 7.19
N ASN A 65 -1.49 8.69 7.79
CA ASN A 65 -1.34 9.87 8.62
C ASN A 65 -2.06 9.65 9.95
N GLY A 66 -3.35 9.34 9.86
CA GLY A 66 -4.15 9.11 11.04
C GLY A 66 -5.63 8.97 10.68
N SER A 67 -5.87 8.29 9.57
CA SER A 67 -7.23 8.08 9.10
C SER A 67 -7.43 6.62 8.70
N SER A 68 -8.23 5.93 9.49
CA SER A 68 -8.51 4.52 9.23
C SER A 68 -9.09 4.36 7.82
N LEU A 69 -8.38 3.56 7.03
CA LEU A 69 -8.81 3.31 5.66
C LEU A 69 -9.56 1.97 5.61
N LEU A 70 -10.49 1.82 6.53
CA LEU A 70 -11.28 0.60 6.59
C LEU A 70 -12.66 0.85 5.97
N GLY A 71 -12.65 0.99 4.66
CA GLY A 71 -13.89 1.24 3.93
C GLY A 71 -13.83 2.57 3.19
N LEU A 72 -12.89 3.41 3.62
CA LEU A 72 -12.72 4.72 3.00
C LEU A 72 -12.52 4.55 1.50
N GLY A 73 -13.43 5.12 0.73
CA GLY A 73 -13.36 5.04 -0.71
C GLY A 73 -11.96 5.43 -1.22
N TYR A 74 -11.48 4.66 -2.18
CA TYR A 74 -10.17 4.91 -2.75
C TYR A 74 -9.91 6.42 -2.87
N LEU A 75 -10.86 7.11 -3.49
CA LEU A 75 -10.75 8.54 -3.68
C LEU A 75 -10.48 9.21 -2.32
N ARG A 76 -11.29 8.84 -1.35
CA ARG A 76 -11.16 9.39 -0.01
C ARG A 76 -9.73 9.20 0.50
N ALA A 77 -9.27 7.96 0.42
CA ALA A 77 -7.93 7.62 0.87
C ALA A 77 -6.92 8.45 0.09
N VAL A 78 -7.07 8.45 -1.22
CA VAL A 78 -6.18 9.19 -2.10
C VAL A 78 -6.01 10.60 -1.53
N ASP A 79 -7.11 11.18 -1.08
CA ASP A 79 -7.09 12.52 -0.52
C ASP A 79 -6.11 12.57 0.64
N LEU A 80 -6.35 11.68 1.61
CA LEU A 80 -5.51 11.61 2.79
C LEU A 80 -4.04 11.82 2.37
N ILE A 81 -3.54 10.88 1.59
CA ILE A 81 -2.17 10.95 1.12
C ILE A 81 -1.98 12.24 0.33
N ARG A 82 -2.84 12.44 -0.66
CA ARG A 82 -2.77 13.62 -1.48
C ARG A 82 -2.54 14.88 -0.62
N HIS A 83 -3.44 15.06 0.34
CA HIS A 83 -3.34 16.20 1.24
C HIS A 83 -2.62 15.79 2.51
N GLY A 84 -1.64 14.92 2.35
CA GLY A 84 -0.86 14.43 3.48
C GLY A 84 -0.16 15.59 4.20
N GLY A 85 1.03 15.30 4.68
CA GLY A 85 1.82 16.30 5.38
C GLY A 85 3.31 15.96 5.35
N LYS A 86 4.11 16.94 5.78
CA LYS A 86 5.55 16.75 5.80
C LYS A 86 5.87 15.34 6.29
N LYS A 87 5.09 14.89 7.26
CA LYS A 87 5.28 13.57 7.82
C LYS A 87 4.14 12.64 7.37
N MET A 88 4.48 11.71 6.50
CA MET A 88 3.49 10.78 5.98
C MET A 88 3.60 9.42 6.70
N ARG A 89 2.51 9.04 7.35
CA ARG A 89 2.47 7.78 8.08
C ARG A 89 1.49 6.82 7.39
N PHE A 90 1.88 5.55 7.37
CA PHE A 90 1.05 4.53 6.76
C PHE A 90 1.08 3.24 7.59
N LEU A 91 -0.10 2.69 7.80
CA LEU A 91 -0.23 1.45 8.56
C LEU A 91 -0.30 0.27 7.60
N VAL A 92 0.87 -0.28 7.30
CA VAL A 92 0.96 -1.42 6.41
C VAL A 92 0.83 -2.71 7.22
N ALA A 93 0.29 -3.73 6.56
CA ALA A 93 0.11 -5.03 7.21
C ALA A 93 0.91 -6.09 6.45
N LYS A 94 1.46 -7.02 7.22
CA LYS A 94 2.26 -8.09 6.64
C LYS A 94 1.36 -8.98 5.79
N SER A 95 1.35 -8.68 4.49
CA SER A 95 0.54 -9.46 3.56
C SER A 95 1.31 -10.67 3.08
N ASP A 96 0.60 -11.56 2.40
CA ASP A 96 1.21 -12.77 1.87
C ASP A 96 1.80 -12.49 0.49
N VAL A 97 2.50 -13.48 -0.04
CA VAL A 97 3.12 -13.35 -1.35
C VAL A 97 2.03 -13.27 -2.42
N GLU A 98 1.10 -14.21 -2.35
CA GLU A 98 0.00 -14.27 -3.29
C GLU A 98 -0.56 -12.85 -3.54
N THR A 99 -0.94 -12.21 -2.45
CA THR A 99 -1.49 -10.86 -2.53
C THR A 99 -0.74 -10.04 -3.59
N ALA A 100 0.56 -9.93 -3.38
CA ALA A 100 1.40 -9.17 -4.31
C ALA A 100 1.21 -9.73 -5.72
N LYS A 101 1.40 -11.04 -5.83
CA LYS A 101 1.26 -11.70 -7.12
C LYS A 101 -0.01 -11.20 -7.81
N LYS A 102 -1.08 -11.17 -7.05
CA LYS A 102 -2.36 -10.72 -7.57
C LYS A 102 -2.22 -9.28 -8.07
N ILE A 103 -1.44 -8.50 -7.34
CA ILE A 103 -1.20 -7.11 -7.70
C ILE A 103 -0.35 -7.05 -8.97
N HIS A 104 0.51 -8.06 -9.12
CA HIS A 104 1.38 -8.13 -10.27
C HIS A 104 0.54 -8.22 -11.54
N SER A 105 1.12 -7.74 -12.64
CA SER A 105 0.44 -7.76 -13.92
C SER A 105 0.97 -8.91 -14.78
N GLY A 106 0.28 -10.04 -14.67
CA GLY A 106 0.67 -11.22 -15.43
C GLY A 106 1.20 -12.32 -14.50
N PRO A 107 1.13 -13.58 -15.00
CA PRO A 107 1.59 -14.72 -14.23
C PRO A 107 3.12 -14.77 -14.21
N SER A 108 3.63 -15.53 -13.25
CA SER A 108 5.07 -15.67 -13.10
C SER A 108 5.39 -17.03 -12.46
N SER A 109 6.68 -17.37 -12.49
CA SER A 109 7.14 -18.63 -11.92
C SER A 109 7.76 -18.39 -10.55
N GLY A 110 6.91 -18.41 -9.54
CA GLY A 110 7.35 -18.20 -8.18
C GLY A 110 6.51 -17.12 -7.48
N GLY A 1 -15.59 -20.99 10.16
CA GLY A 1 -15.48 -20.44 11.49
C GLY A 1 -14.45 -21.21 12.33
N SER A 2 -14.23 -20.73 13.54
CA SER A 2 -13.29 -21.36 14.44
C SER A 2 -11.87 -21.25 13.88
N SER A 3 -10.91 -21.09 14.78
CA SER A 3 -9.52 -20.97 14.38
C SER A 3 -9.32 -19.72 13.53
N GLY A 4 -8.32 -18.94 13.92
CA GLY A 4 -8.01 -17.70 13.21
C GLY A 4 -6.62 -17.19 13.58
N SER A 5 -5.71 -17.31 12.62
CA SER A 5 -4.35 -16.85 12.83
C SER A 5 -4.07 -15.61 11.99
N SER A 6 -2.95 -14.97 12.28
CA SER A 6 -2.56 -13.76 11.57
C SER A 6 -1.10 -13.43 11.88
N GLY A 7 -0.58 -12.47 11.11
CA GLY A 7 0.80 -12.04 11.29
C GLY A 7 0.88 -10.79 12.16
N TYR A 8 1.84 -9.95 11.85
CA TYR A 8 2.03 -8.71 12.59
C TYR A 8 2.01 -7.50 11.67
N VAL A 9 1.42 -6.42 12.16
CA VAL A 9 1.32 -5.20 11.38
C VAL A 9 2.49 -4.28 11.74
N PHE A 10 2.84 -3.43 10.79
CA PHE A 10 3.94 -2.49 10.99
C PHE A 10 3.63 -1.14 10.34
N THR A 11 3.99 -0.09 11.07
CA THR A 11 3.75 1.27 10.60
C THR A 11 4.90 1.71 9.68
N VAL A 12 4.63 2.75 8.92
CA VAL A 12 5.62 3.29 8.00
C VAL A 12 5.51 4.82 7.96
N GLU A 13 6.54 5.46 8.50
CA GLU A 13 6.57 6.92 8.54
C GLU A 13 7.51 7.45 7.45
N LEU A 14 6.92 8.19 6.52
CA LEU A 14 7.68 8.78 5.43
C LEU A 14 7.38 10.27 5.35
N GLU A 15 8.16 10.95 4.51
CA GLU A 15 7.99 12.38 4.33
C GLU A 15 7.60 12.68 2.88
N ARG A 16 6.48 13.37 2.72
CA ARG A 16 6.00 13.73 1.40
C ARG A 16 7.05 14.55 0.66
N GLY A 17 7.67 13.91 -0.33
CA GLY A 17 8.70 14.58 -1.12
C GLY A 17 8.09 15.66 -2.02
N PRO A 18 8.97 16.28 -2.85
CA PRO A 18 8.53 17.33 -3.74
C PRO A 18 7.77 16.74 -4.94
N SER A 19 7.78 15.42 -5.03
CA SER A 19 7.09 14.74 -6.10
C SER A 19 5.78 14.14 -5.59
N GLY A 20 5.69 14.01 -4.27
CA GLY A 20 4.50 13.46 -3.65
C GLY A 20 4.68 11.98 -3.32
N LEU A 21 5.83 11.68 -2.73
CA LEU A 21 6.15 10.30 -2.37
C LEU A 21 6.45 9.50 -3.64
N GLY A 22 6.28 8.19 -3.52
CA GLY A 22 6.54 7.31 -4.64
C GLY A 22 5.93 5.92 -4.40
N MET A 23 4.63 5.93 -4.12
CA MET A 23 3.91 4.68 -3.87
C MET A 23 2.85 4.45 -4.94
N GLY A 24 3.17 3.57 -5.87
CA GLY A 24 2.23 3.25 -6.95
C GLY A 24 1.09 2.38 -6.43
N LEU A 25 0.24 2.99 -5.62
CA LEU A 25 -0.90 2.29 -5.06
C LEU A 25 -1.97 2.11 -6.15
N ILE A 26 -2.78 1.08 -5.95
CA ILE A 26 -3.84 0.78 -6.90
C ILE A 26 -5.02 0.14 -6.17
N ASP A 27 -6.20 0.29 -6.74
CA ASP A 27 -7.40 -0.28 -6.16
C ASP A 27 -7.41 -1.79 -6.37
N GLY A 28 -7.44 -2.51 -5.25
CA GLY A 28 -7.45 -3.96 -5.30
C GLY A 28 -8.30 -4.47 -6.46
N MET A 29 -9.30 -3.68 -6.81
CA MET A 29 -10.19 -4.04 -7.90
C MET A 29 -9.43 -4.08 -9.23
N HIS A 30 -8.68 -3.03 -9.48
CA HIS A 30 -7.91 -2.93 -10.71
C HIS A 30 -6.98 -4.14 -10.82
N THR A 31 -6.52 -4.61 -9.66
CA THR A 31 -5.64 -5.76 -9.62
C THR A 31 -6.45 -7.06 -9.61
N HIS A 32 -5.73 -8.17 -9.75
CA HIS A 32 -6.37 -9.48 -9.75
C HIS A 32 -7.01 -9.74 -8.39
N LEU A 33 -6.60 -8.95 -7.42
CA LEU A 33 -7.13 -9.09 -6.06
C LEU A 33 -8.66 -9.10 -6.13
N GLY A 34 -9.19 -8.43 -7.12
CA GLY A 34 -10.63 -8.36 -7.31
C GLY A 34 -11.33 -8.05 -5.99
N ALA A 35 -10.60 -7.41 -5.09
CA ALA A 35 -11.14 -7.05 -3.79
C ALA A 35 -10.91 -5.56 -3.54
N PRO A 36 -11.89 -4.94 -2.84
CA PRO A 36 -11.82 -3.52 -2.52
C PRO A 36 -10.80 -3.26 -1.41
N GLY A 37 -9.99 -2.24 -1.64
CA GLY A 37 -8.96 -1.87 -0.67
C GLY A 37 -7.79 -1.17 -1.36
N LEU A 38 -6.83 -0.75 -0.54
CA LEU A 38 -5.66 -0.06 -1.05
C LEU A 38 -4.42 -0.92 -0.78
N TYR A 39 -3.53 -0.93 -1.77
CA TYR A 39 -2.30 -1.69 -1.66
C TYR A 39 -1.17 -1.05 -2.47
N ILE A 40 0.03 -1.57 -2.25
CA ILE A 40 1.20 -1.06 -2.96
C ILE A 40 1.43 -1.89 -4.22
N GLN A 41 1.61 -1.18 -5.33
CA GLN A 41 1.84 -1.85 -6.60
C GLN A 41 3.30 -1.65 -7.03
N THR A 42 3.82 -0.47 -6.76
CA THR A 42 5.19 -0.15 -7.12
C THR A 42 5.79 0.82 -6.09
N LEU A 43 7.08 1.10 -6.28
CA LEU A 43 7.79 2.00 -5.39
C LEU A 43 8.73 2.88 -6.20
N LEU A 44 8.27 4.08 -6.51
CA LEU A 44 9.06 5.02 -7.28
C LEU A 44 10.50 5.02 -6.75
N PRO A 45 11.46 5.13 -7.71
CA PRO A 45 12.87 5.15 -7.35
C PRO A 45 13.27 6.48 -6.74
N GLY A 46 14.24 6.43 -5.84
CA GLY A 46 14.72 7.62 -5.18
C GLY A 46 13.60 8.30 -4.37
N SER A 47 12.51 7.56 -4.21
CA SER A 47 11.37 8.07 -3.47
C SER A 47 11.47 7.65 -2.00
N PRO A 48 10.57 8.24 -1.18
CA PRO A 48 10.55 7.95 0.25
C PRO A 48 9.93 6.57 0.51
N ALA A 49 8.89 6.26 -0.25
CA ALA A 49 8.22 4.99 -0.12
C ALA A 49 9.20 3.86 -0.42
N ALA A 50 10.29 4.22 -1.07
CA ALA A 50 11.31 3.25 -1.43
C ALA A 50 12.49 3.37 -0.45
N ALA A 51 12.86 4.62 -0.18
CA ALA A 51 13.96 4.88 0.73
C ALA A 51 13.80 4.02 1.98
N ASP A 52 12.55 3.86 2.40
CA ASP A 52 12.25 3.07 3.58
C ASP A 52 12.74 1.64 3.36
N GLY A 53 12.23 1.03 2.30
CA GLY A 53 12.60 -0.35 1.97
C GLY A 53 11.47 -1.31 2.31
N ARG A 54 11.11 -1.33 3.59
CA ARG A 54 10.05 -2.21 4.06
C ARG A 54 8.90 -2.23 3.05
N LEU A 55 8.39 -1.05 2.75
CA LEU A 55 7.29 -0.92 1.80
C LEU A 55 7.52 -1.88 0.63
N SER A 56 6.63 -2.86 0.52
CA SER A 56 6.73 -3.84 -0.54
C SER A 56 5.49 -3.75 -1.44
N LEU A 57 5.48 -4.61 -2.45
CA LEU A 57 4.37 -4.65 -3.39
C LEU A 57 3.31 -5.63 -2.87
N GLY A 58 2.07 -5.14 -2.85
CA GLY A 58 0.96 -5.95 -2.39
C GLY A 58 0.51 -5.53 -1.00
N ASP A 59 1.39 -4.80 -0.32
CA ASP A 59 1.10 -4.31 1.01
C ASP A 59 -0.32 -3.76 1.06
N ARG A 60 -0.82 -3.57 2.27
CA ARG A 60 -2.16 -3.05 2.45
C ARG A 60 -2.16 -1.95 3.53
N ILE A 61 -2.58 -0.76 3.11
CA ILE A 61 -2.63 0.37 4.02
C ILE A 61 -3.86 0.23 4.93
N LEU A 62 -3.60 0.37 6.23
CA LEU A 62 -4.67 0.26 7.21
C LEU A 62 -4.99 1.66 7.75
N GLU A 63 -3.93 2.44 7.92
CA GLU A 63 -4.08 3.79 8.45
C GLU A 63 -3.23 4.77 7.63
N VAL A 64 -3.58 6.05 7.76
CA VAL A 64 -2.85 7.08 7.04
C VAL A 64 -2.79 8.34 7.91
N ASN A 65 -1.58 8.67 8.32
CA ASN A 65 -1.37 9.85 9.15
C ASN A 65 -2.22 9.73 10.42
N GLY A 66 -2.38 8.50 10.86
CA GLY A 66 -3.17 8.23 12.06
C GLY A 66 -4.66 8.39 11.77
N SER A 67 -5.03 8.17 10.52
CA SER A 67 -6.41 8.29 10.11
C SER A 67 -6.91 6.95 9.55
N SER A 68 -7.70 6.27 10.36
CA SER A 68 -8.24 4.97 9.95
C SER A 68 -8.61 5.01 8.46
N LEU A 69 -7.96 4.13 7.71
CA LEU A 69 -8.21 4.06 6.28
C LEU A 69 -9.25 2.97 6.01
N LEU A 70 -10.30 2.97 6.84
CA LEU A 70 -11.37 2.01 6.70
C LEU A 70 -12.57 2.66 6.02
N GLY A 71 -12.88 2.17 4.83
CA GLY A 71 -14.00 2.70 4.07
C GLY A 71 -13.52 3.56 2.90
N LEU A 72 -12.74 4.58 3.25
CA LEU A 72 -12.20 5.48 2.25
C LEU A 72 -11.81 4.68 1.01
N GLY A 73 -12.51 4.95 -0.08
CA GLY A 73 -12.24 4.27 -1.33
C GLY A 73 -10.81 4.52 -1.80
N TYR A 74 -10.66 4.65 -3.11
CA TYR A 74 -9.34 4.90 -3.70
C TYR A 74 -9.11 6.39 -3.89
N LEU A 75 -10.20 7.15 -3.88
CA LEU A 75 -10.12 8.58 -4.06
C LEU A 75 -9.94 9.25 -2.69
N ARG A 76 -10.61 8.69 -1.70
CA ARG A 76 -10.53 9.21 -0.34
C ARG A 76 -9.16 8.90 0.27
N ALA A 77 -8.86 7.61 0.33
CA ALA A 77 -7.60 7.17 0.88
C ALA A 77 -6.45 7.90 0.19
N VAL A 78 -6.49 7.90 -1.13
CA VAL A 78 -5.47 8.56 -1.92
C VAL A 78 -5.47 10.06 -1.59
N ASP A 79 -6.66 10.61 -1.49
CA ASP A 79 -6.81 12.02 -1.17
C ASP A 79 -6.12 12.33 0.16
N LEU A 80 -6.27 11.39 1.09
CA LEU A 80 -5.66 11.54 2.40
C LEU A 80 -4.14 11.68 2.24
N ILE A 81 -3.55 10.68 1.61
CA ILE A 81 -2.12 10.69 1.40
C ILE A 81 -1.75 11.84 0.47
N ARG A 82 -2.63 12.10 -0.49
CA ARG A 82 -2.41 13.16 -1.45
C ARG A 82 -2.39 14.51 -0.73
N HIS A 83 -3.42 14.75 0.06
CA HIS A 83 -3.53 16.00 0.80
C HIS A 83 -2.87 15.83 2.17
N GLY A 84 -1.79 15.06 2.19
CA GLY A 84 -1.07 14.82 3.43
C GLY A 84 -0.53 16.12 4.00
N GLY A 85 0.64 16.02 4.61
CA GLY A 85 1.29 17.19 5.21
C GLY A 85 2.74 16.88 5.60
N LYS A 86 3.53 16.55 4.59
CA LYS A 86 4.93 16.24 4.81
C LYS A 86 5.03 14.89 5.52
N LYS A 87 4.78 14.92 6.82
CA LYS A 87 4.85 13.71 7.63
C LYS A 87 3.73 12.77 7.22
N MET A 88 4.11 11.70 6.53
CA MET A 88 3.15 10.72 6.07
C MET A 88 3.36 9.37 6.77
N ARG A 89 2.32 8.93 7.46
CA ARG A 89 2.38 7.67 8.18
C ARG A 89 1.36 6.69 7.62
N PHE A 90 1.74 5.43 7.59
CA PHE A 90 0.86 4.39 7.08
C PHE A 90 1.02 3.10 7.89
N LEU A 91 -0.12 2.47 8.15
CA LEU A 91 -0.14 1.23 8.92
C LEU A 91 -0.20 0.04 7.95
N VAL A 92 0.97 -0.42 7.56
CA VAL A 92 1.05 -1.55 6.65
C VAL A 92 1.03 -2.85 7.44
N ALA A 93 0.51 -3.89 6.81
CA ALA A 93 0.43 -5.20 7.45
C ALA A 93 1.20 -6.21 6.61
N LYS A 94 1.83 -7.15 7.31
CA LYS A 94 2.60 -8.19 6.64
C LYS A 94 1.65 -9.12 5.88
N SER A 95 1.51 -8.85 4.59
CA SER A 95 0.65 -9.64 3.75
C SER A 95 1.43 -10.82 3.16
N ASP A 96 0.70 -11.69 2.47
CA ASP A 96 1.31 -12.85 1.84
C ASP A 96 1.73 -12.49 0.41
N VAL A 97 2.54 -13.37 -0.16
CA VAL A 97 3.02 -13.17 -1.52
C VAL A 97 1.83 -13.15 -2.48
N GLU A 98 1.00 -14.17 -2.35
CA GLU A 98 -0.17 -14.29 -3.20
C GLU A 98 -0.84 -12.92 -3.38
N THR A 99 -1.22 -12.34 -2.25
CA THR A 99 -1.87 -11.04 -2.27
C THR A 99 -1.20 -10.12 -3.28
N ALA A 100 0.13 -10.14 -3.27
CA ALA A 100 0.90 -9.32 -4.18
C ALA A 100 0.82 -9.91 -5.59
N LYS A 101 0.88 -11.23 -5.65
CA LYS A 101 0.81 -11.93 -6.92
C LYS A 101 -0.36 -11.37 -7.74
N LYS A 102 -1.45 -11.08 -7.03
CA LYS A 102 -2.63 -10.55 -7.68
C LYS A 102 -2.39 -9.09 -8.06
N ILE A 103 -1.60 -8.41 -7.23
CA ILE A 103 -1.29 -7.02 -7.47
C ILE A 103 -0.29 -6.91 -8.62
N HIS A 104 0.55 -7.95 -8.73
CA HIS A 104 1.55 -7.99 -9.79
C HIS A 104 1.73 -9.42 -10.27
N SER A 105 1.17 -9.69 -11.45
CA SER A 105 1.25 -11.02 -12.03
C SER A 105 1.89 -10.93 -13.43
N GLY A 106 2.19 -12.11 -13.97
CA GLY A 106 2.81 -12.18 -15.29
C GLY A 106 3.81 -11.04 -15.49
N PRO A 107 5.05 -11.27 -14.98
CA PRO A 107 6.10 -10.27 -15.10
C PRO A 107 6.66 -10.24 -16.51
N SER A 108 6.66 -9.05 -17.09
CA SER A 108 7.16 -8.87 -18.45
C SER A 108 8.50 -8.13 -18.41
N SER A 109 9.18 -8.15 -19.55
CA SER A 109 10.47 -7.48 -19.66
C SER A 109 10.35 -6.24 -20.53
N GLY A 110 10.42 -5.09 -19.87
CA GLY A 110 10.32 -3.81 -20.57
C GLY A 110 11.14 -2.73 -19.86
N GLY A 1 -8.74 -28.31 7.80
CA GLY A 1 -8.63 -26.89 8.08
C GLY A 1 -9.72 -26.11 7.35
N SER A 2 -10.63 -25.54 8.15
CA SER A 2 -11.72 -24.77 7.59
C SER A 2 -11.21 -23.41 7.09
N SER A 3 -10.62 -22.67 8.01
CA SER A 3 -10.07 -21.36 7.68
C SER A 3 -9.09 -20.92 8.76
N GLY A 4 -8.39 -19.83 8.45
CA GLY A 4 -7.41 -19.29 9.39
C GLY A 4 -6.74 -18.04 8.82
N SER A 5 -6.09 -17.30 9.70
CA SER A 5 -5.41 -16.08 9.30
C SER A 5 -4.71 -15.45 10.51
N SER A 6 -3.63 -14.72 10.22
CA SER A 6 -2.87 -14.07 11.26
C SER A 6 -1.64 -13.39 10.66
N GLY A 7 -1.23 -12.29 11.29
CA GLY A 7 -0.07 -11.56 10.83
C GLY A 7 0.11 -10.27 11.64
N TYR A 8 1.34 -9.76 11.61
CA TYR A 8 1.67 -8.55 12.34
C TYR A 8 1.70 -7.35 11.40
N VAL A 9 1.15 -6.24 11.88
CA VAL A 9 1.12 -5.02 11.10
C VAL A 9 2.35 -4.17 11.43
N PHE A 10 2.68 -3.28 10.51
CA PHE A 10 3.82 -2.41 10.70
C PHE A 10 3.55 -1.01 10.14
N THR A 11 3.99 0.00 10.89
CA THR A 11 3.80 1.37 10.49
C THR A 11 4.90 1.81 9.51
N VAL A 12 4.63 2.90 8.81
CA VAL A 12 5.57 3.43 7.85
C VAL A 12 5.54 4.95 7.90
N GLU A 13 6.65 5.53 8.35
CA GLU A 13 6.76 6.97 8.45
C GLU A 13 7.63 7.51 7.32
N LEU A 14 6.96 8.08 6.33
CA LEU A 14 7.65 8.64 5.18
C LEU A 14 7.56 10.17 5.23
N GLU A 15 8.48 10.81 4.54
CA GLU A 15 8.52 12.26 4.50
C GLU A 15 8.17 12.76 3.09
N ARG A 16 7.01 13.38 2.98
CA ARG A 16 6.55 13.90 1.71
C ARG A 16 7.72 14.52 0.94
N GLY A 17 8.14 13.81 -0.10
CA GLY A 17 9.25 14.28 -0.92
C GLY A 17 8.79 15.40 -1.85
N PRO A 18 9.70 15.78 -2.78
CA PRO A 18 9.41 16.84 -3.74
C PRO A 18 8.45 16.34 -4.82
N SER A 19 8.17 15.05 -4.77
CA SER A 19 7.27 14.45 -5.75
C SER A 19 5.99 13.97 -5.05
N GLY A 20 6.00 14.08 -3.74
CA GLY A 20 4.85 13.66 -2.94
C GLY A 20 4.92 12.17 -2.62
N LEU A 21 6.09 11.76 -2.14
CA LEU A 21 6.30 10.37 -1.78
C LEU A 21 6.66 9.57 -3.04
N GLY A 22 6.07 8.39 -3.14
CA GLY A 22 6.32 7.53 -4.29
C GLY A 22 5.73 6.14 -4.07
N MET A 23 4.42 6.06 -4.19
CA MET A 23 3.72 4.80 -4.00
C MET A 23 2.53 4.68 -4.96
N GLY A 24 2.55 3.62 -5.75
CA GLY A 24 1.49 3.39 -6.71
C GLY A 24 0.42 2.45 -6.13
N LEU A 25 -0.42 3.02 -5.29
CA LEU A 25 -1.49 2.25 -4.66
C LEU A 25 -2.54 1.88 -5.72
N ILE A 26 -3.16 0.74 -5.50
CA ILE A 26 -4.19 0.27 -6.42
C ILE A 26 -5.30 -0.43 -5.62
N ASP A 27 -6.49 -0.41 -6.20
CA ASP A 27 -7.64 -1.03 -5.56
C ASP A 27 -7.55 -2.55 -5.72
N GLY A 28 -7.58 -3.24 -4.59
CA GLY A 28 -7.50 -4.69 -4.59
C GLY A 28 -8.47 -5.29 -5.60
N MET A 29 -9.50 -4.51 -5.93
CA MET A 29 -10.50 -4.95 -6.88
C MET A 29 -9.93 -4.96 -8.31
N HIS A 30 -8.97 -4.07 -8.52
CA HIS A 30 -8.35 -3.96 -9.83
C HIS A 30 -7.33 -5.10 -10.02
N THR A 31 -6.64 -5.41 -8.93
CA THR A 31 -5.65 -6.47 -8.96
C THR A 31 -6.32 -7.83 -8.86
N HIS A 32 -5.67 -8.84 -9.45
CA HIS A 32 -6.19 -10.19 -9.43
C HIS A 32 -6.80 -10.48 -8.05
N LEU A 33 -6.17 -9.92 -7.04
CA LEU A 33 -6.64 -10.12 -5.67
C LEU A 33 -8.17 -10.08 -5.65
N GLY A 34 -8.72 -9.28 -6.55
CA GLY A 34 -10.16 -9.14 -6.64
C GLY A 34 -10.78 -8.95 -5.26
N ALA A 35 -9.98 -8.44 -4.34
CA ALA A 35 -10.43 -8.21 -2.98
C ALA A 35 -10.50 -6.70 -2.73
N PRO A 36 -11.37 -6.33 -1.75
CA PRO A 36 -11.54 -4.92 -1.40
C PRO A 36 -10.35 -4.42 -0.58
N GLY A 37 -10.00 -3.17 -0.82
CA GLY A 37 -8.89 -2.55 -0.12
C GLY A 37 -7.86 -1.99 -1.09
N LEU A 38 -6.88 -1.28 -0.55
CA LEU A 38 -5.84 -0.69 -1.36
C LEU A 38 -4.51 -1.37 -1.04
N TYR A 39 -3.68 -1.49 -2.07
CA TYR A 39 -2.38 -2.11 -1.91
C TYR A 39 -1.33 -1.41 -2.79
N ILE A 40 -0.07 -1.65 -2.44
CA ILE A 40 1.03 -1.06 -3.19
C ILE A 40 1.21 -1.80 -4.52
N GLN A 41 1.14 -1.04 -5.59
CA GLN A 41 1.29 -1.60 -6.92
C GLN A 41 2.68 -1.29 -7.49
N THR A 42 3.19 -0.13 -7.08
CA THR A 42 4.50 0.30 -7.53
C THR A 42 5.14 1.23 -6.50
N LEU A 43 6.45 1.45 -6.68
CA LEU A 43 7.18 2.31 -5.78
C LEU A 43 8.22 3.11 -6.57
N LEU A 44 8.13 4.42 -6.44
CA LEU A 44 9.05 5.31 -7.14
C LEU A 44 10.47 5.09 -6.61
N PRO A 45 11.46 5.48 -7.45
CA PRO A 45 12.86 5.33 -7.07
C PRO A 45 13.27 6.37 -6.03
N GLY A 46 13.34 7.61 -6.47
CA GLY A 46 13.72 8.70 -5.58
C GLY A 46 12.54 9.12 -4.71
N SER A 47 12.02 8.16 -3.96
CA SER A 47 10.91 8.41 -3.08
C SER A 47 11.22 7.89 -1.67
N PRO A 48 10.42 8.39 -0.68
CA PRO A 48 10.60 7.98 0.70
C PRO A 48 10.06 6.56 0.93
N ALA A 49 8.92 6.30 0.32
CA ALA A 49 8.30 4.99 0.45
C ALA A 49 9.25 3.92 -0.08
N ALA A 50 10.14 4.34 -0.96
CA ALA A 50 11.10 3.43 -1.55
C ALA A 50 12.40 3.48 -0.75
N ALA A 51 12.68 4.66 -0.21
CA ALA A 51 13.89 4.86 0.59
C ALA A 51 13.83 3.95 1.81
N ASP A 52 12.62 3.71 2.28
CA ASP A 52 12.42 2.86 3.45
C ASP A 52 12.80 1.42 3.09
N GLY A 53 12.12 0.88 2.09
CA GLY A 53 12.37 -0.48 1.65
C GLY A 53 11.24 -1.41 2.06
N ARG A 54 10.92 -1.39 3.35
CA ARG A 54 9.86 -2.23 3.88
C ARG A 54 8.70 -2.30 2.89
N LEU A 55 8.28 -1.13 2.42
CA LEU A 55 7.18 -1.04 1.47
C LEU A 55 7.55 -1.85 0.22
N SER A 56 6.79 -2.93 0.03
CA SER A 56 7.02 -3.80 -1.12
C SER A 56 5.69 -4.11 -1.80
N LEU A 57 5.70 -4.02 -3.13
CA LEU A 57 4.50 -4.30 -3.91
C LEU A 57 3.77 -5.50 -3.30
N GLY A 58 2.47 -5.33 -3.15
CA GLY A 58 1.65 -6.40 -2.60
C GLY A 58 1.20 -6.05 -1.18
N ASP A 59 1.72 -4.93 -0.68
CA ASP A 59 1.37 -4.48 0.66
C ASP A 59 -0.04 -3.90 0.65
N ARG A 60 -0.65 -3.88 1.83
CA ARG A 60 -2.00 -3.36 1.97
C ARG A 60 -2.03 -2.29 3.06
N ILE A 61 -2.43 -1.09 2.65
CA ILE A 61 -2.52 0.02 3.58
C ILE A 61 -3.80 -0.11 4.41
N LEU A 62 -3.71 0.35 5.65
CA LEU A 62 -4.84 0.28 6.56
C LEU A 62 -5.23 1.70 6.98
N GLU A 63 -4.23 2.47 7.37
CA GLU A 63 -4.46 3.84 7.79
C GLU A 63 -3.51 4.79 7.06
N VAL A 64 -3.84 6.07 7.10
CA VAL A 64 -3.03 7.09 6.45
C VAL A 64 -3.05 8.36 7.29
N ASN A 65 -1.93 8.61 7.95
CA ASN A 65 -1.79 9.79 8.78
C ASN A 65 -2.82 9.72 9.92
N GLY A 66 -3.20 8.50 10.25
CA GLY A 66 -4.16 8.28 11.31
C GLY A 66 -5.59 8.47 10.81
N SER A 67 -5.78 8.17 9.53
CA SER A 67 -7.09 8.32 8.92
C SER A 67 -7.56 6.96 8.39
N SER A 68 -8.49 6.36 9.13
CA SER A 68 -9.03 5.06 8.75
C SER A 68 -9.41 5.07 7.27
N LEU A 69 -8.79 4.17 6.53
CA LEU A 69 -9.05 4.06 5.11
C LEU A 69 -9.91 2.84 4.84
N LEU A 70 -10.93 2.67 5.67
CA LEU A 70 -11.84 1.55 5.54
C LEU A 70 -13.16 2.03 4.95
N GLY A 71 -13.20 2.13 3.63
CA GLY A 71 -14.38 2.58 2.94
C GLY A 71 -14.11 3.85 2.13
N LEU A 72 -13.00 4.49 2.47
CA LEU A 72 -12.61 5.71 1.78
C LEU A 72 -12.24 5.39 0.34
N GLY A 73 -12.90 6.07 -0.59
CA GLY A 73 -12.66 5.87 -2.00
C GLY A 73 -11.17 6.03 -2.32
N TYR A 74 -10.79 5.48 -3.47
CA TYR A 74 -9.40 5.56 -3.91
C TYR A 74 -8.93 7.01 -3.95
N LEU A 75 -9.74 7.86 -4.57
CA LEU A 75 -9.42 9.27 -4.68
C LEU A 75 -9.32 9.88 -3.29
N ARG A 76 -10.38 9.67 -2.51
CA ARG A 76 -10.42 10.20 -1.16
C ARG A 76 -9.14 9.84 -0.40
N ALA A 77 -8.66 8.63 -0.67
CA ALA A 77 -7.45 8.15 -0.02
C ALA A 77 -6.24 8.88 -0.62
N VAL A 78 -6.19 8.90 -1.93
CA VAL A 78 -5.10 9.56 -2.64
C VAL A 78 -4.93 10.98 -2.10
N ASP A 79 -6.05 11.67 -1.99
CA ASP A 79 -6.05 13.04 -1.50
C ASP A 79 -5.44 13.05 -0.09
N LEU A 80 -5.95 12.18 0.75
CA LEU A 80 -5.48 12.08 2.13
C LEU A 80 -3.95 12.08 2.13
N ILE A 81 -3.38 11.21 1.31
CA ILE A 81 -1.93 11.11 1.22
C ILE A 81 -1.38 12.38 0.56
N ARG A 82 -2.08 12.84 -0.46
CA ARG A 82 -1.66 14.05 -1.17
C ARG A 82 -1.45 15.19 -0.18
N HIS A 83 -2.48 15.46 0.60
CA HIS A 83 -2.42 16.53 1.59
C HIS A 83 -1.97 15.96 2.94
N GLY A 84 -1.08 14.98 2.85
CA GLY A 84 -0.56 14.34 4.05
C GLY A 84 -0.36 15.37 5.17
N GLY A 85 0.84 15.91 5.22
CA GLY A 85 1.17 16.90 6.24
C GLY A 85 2.64 16.78 6.68
N LYS A 86 3.51 16.83 5.69
CA LYS A 86 4.94 16.73 5.95
C LYS A 86 5.27 15.29 6.35
N LYS A 87 4.71 14.88 7.48
CA LYS A 87 4.95 13.53 7.98
C LYS A 87 3.78 12.63 7.56
N MET A 88 4.08 11.70 6.67
CA MET A 88 3.07 10.77 6.19
C MET A 88 3.20 9.41 6.89
N ARG A 89 2.14 9.02 7.58
CA ARG A 89 2.12 7.76 8.29
C ARG A 89 1.14 6.79 7.62
N PHE A 90 1.60 5.57 7.43
CA PHE A 90 0.77 4.55 6.81
C PHE A 90 0.80 3.25 7.62
N LEU A 91 -0.38 2.69 7.83
CA LEU A 91 -0.50 1.45 8.58
C LEU A 91 -0.76 0.29 7.61
N VAL A 92 0.34 -0.30 7.15
CA VAL A 92 0.25 -1.41 6.22
C VAL A 92 0.52 -2.72 6.97
N ALA A 93 0.02 -3.81 6.42
CA ALA A 93 0.20 -5.11 7.02
C ALA A 93 1.17 -5.94 6.17
N LYS A 94 1.78 -6.92 6.81
CA LYS A 94 2.72 -7.79 6.12
C LYS A 94 1.96 -8.89 5.37
N SER A 95 1.73 -8.64 4.10
CA SER A 95 1.01 -9.59 3.26
C SER A 95 1.93 -10.76 2.90
N ASP A 96 1.38 -11.71 2.15
CA ASP A 96 2.13 -12.87 1.74
C ASP A 96 2.54 -12.71 0.27
N VAL A 97 3.54 -13.47 -0.12
CA VAL A 97 4.05 -13.42 -1.48
C VAL A 97 2.88 -13.59 -2.45
N GLU A 98 2.19 -14.71 -2.31
CA GLU A 98 1.05 -15.00 -3.17
C GLU A 98 0.20 -13.75 -3.36
N THR A 99 -0.27 -13.21 -2.24
CA THR A 99 -1.10 -12.01 -2.27
C THR A 99 -0.51 -10.98 -3.23
N ALA A 100 0.81 -10.95 -3.27
CA ALA A 100 1.52 -10.01 -4.13
C ALA A 100 1.40 -10.48 -5.59
N LYS A 101 1.54 -11.78 -5.78
CA LYS A 101 1.44 -12.37 -7.11
C LYS A 101 0.22 -11.79 -7.82
N LYS A 102 -0.92 -11.86 -7.14
CA LYS A 102 -2.15 -11.35 -7.71
C LYS A 102 -1.97 -9.88 -8.08
N ILE A 103 -1.27 -9.16 -7.21
CA ILE A 103 -1.02 -7.74 -7.44
C ILE A 103 -0.16 -7.58 -8.69
N HIS A 104 0.47 -8.68 -9.09
CA HIS A 104 1.33 -8.68 -10.27
C HIS A 104 0.62 -9.41 -11.42
N SER A 105 0.17 -8.63 -12.38
CA SER A 105 -0.52 -9.18 -13.53
C SER A 105 0.17 -10.47 -13.98
N GLY A 106 1.49 -10.42 -13.99
CA GLY A 106 2.28 -11.57 -14.40
C GLY A 106 2.87 -11.38 -15.80
N PRO A 107 4.18 -11.01 -15.81
CA PRO A 107 4.87 -10.79 -17.08
C PRO A 107 5.19 -12.12 -17.77
N SER A 108 4.14 -12.85 -18.10
CA SER A 108 4.30 -14.13 -18.77
C SER A 108 5.07 -15.09 -17.87
N SER A 109 4.40 -16.18 -17.51
CA SER A 109 5.00 -17.18 -16.65
C SER A 109 5.22 -18.48 -17.43
N GLY A 110 6.30 -19.16 -17.10
CA GLY A 110 6.63 -20.41 -17.76
C GLY A 110 6.84 -21.53 -16.74
N GLY A 1 -13.62 -28.16 13.49
CA GLY A 1 -13.05 -26.98 14.11
C GLY A 1 -13.35 -25.72 13.29
N SER A 2 -12.30 -24.97 13.02
CA SER A 2 -12.44 -23.75 12.25
C SER A 2 -11.08 -23.36 11.64
N SER A 3 -11.13 -22.36 10.76
CA SER A 3 -9.93 -21.89 10.10
C SER A 3 -9.08 -21.07 11.08
N GLY A 4 -7.87 -20.76 10.65
CA GLY A 4 -6.97 -19.98 11.47
C GLY A 4 -6.49 -18.73 10.73
N SER A 5 -5.66 -17.96 11.42
CA SER A 5 -5.12 -16.74 10.85
C SER A 5 -3.93 -16.25 11.68
N SER A 6 -2.95 -15.69 10.97
CA SER A 6 -1.76 -15.18 11.63
C SER A 6 -1.15 -14.05 10.79
N GLY A 7 -0.27 -13.29 11.44
CA GLY A 7 0.39 -12.18 10.77
C GLY A 7 0.40 -10.93 11.66
N TYR A 8 1.32 -10.04 11.34
CA TYR A 8 1.45 -8.80 12.10
C TYR A 8 1.50 -7.59 11.17
N VAL A 9 1.12 -6.45 11.72
CA VAL A 9 1.11 -5.21 10.95
C VAL A 9 2.32 -4.36 11.35
N PHE A 10 2.62 -3.39 10.51
CA PHE A 10 3.75 -2.51 10.75
C PHE A 10 3.48 -1.11 10.21
N THR A 11 3.86 -0.11 11.01
CA THR A 11 3.66 1.27 10.62
C THR A 11 4.80 1.75 9.73
N VAL A 12 4.54 2.82 8.99
CA VAL A 12 5.54 3.37 8.09
C VAL A 12 5.49 4.90 8.19
N GLU A 13 6.57 5.45 8.74
CA GLU A 13 6.67 6.90 8.89
C GLU A 13 7.62 7.47 7.84
N LEU A 14 7.03 8.17 6.88
CA LEU A 14 7.83 8.78 5.82
C LEU A 14 7.57 10.29 5.80
N GLU A 15 8.32 10.97 4.95
CA GLU A 15 8.18 12.42 4.83
C GLU A 15 7.95 12.80 3.37
N ARG A 16 6.75 13.32 3.11
CA ARG A 16 6.38 13.73 1.77
C ARG A 16 7.57 14.38 1.07
N GLY A 17 8.13 13.65 0.11
CA GLY A 17 9.27 14.15 -0.64
C GLY A 17 8.82 15.09 -1.76
N PRO A 18 9.81 15.49 -2.61
CA PRO A 18 9.53 16.39 -3.71
C PRO A 18 8.81 15.65 -4.84
N SER A 19 8.56 14.37 -4.61
CA SER A 19 7.88 13.55 -5.60
C SER A 19 6.49 13.20 -5.11
N GLY A 20 6.32 13.26 -3.80
CA GLY A 20 5.04 12.95 -3.19
C GLY A 20 4.99 11.48 -2.74
N LEU A 21 6.05 11.07 -2.08
CA LEU A 21 6.14 9.70 -1.59
C LEU A 21 6.50 8.77 -2.75
N GLY A 22 5.65 8.82 -3.77
CA GLY A 22 5.86 7.99 -4.95
C GLY A 22 5.49 6.53 -4.66
N MET A 23 4.21 6.32 -4.37
CA MET A 23 3.73 4.98 -4.07
C MET A 23 2.52 4.65 -4.95
N GLY A 24 2.75 3.81 -5.94
CA GLY A 24 1.69 3.40 -6.85
C GLY A 24 0.66 2.54 -6.11
N LEU A 25 -0.13 3.19 -5.29
CA LEU A 25 -1.16 2.50 -4.52
C LEU A 25 -2.41 2.34 -5.39
N ILE A 26 -2.90 1.11 -5.46
CA ILE A 26 -4.08 0.81 -6.24
C ILE A 26 -5.12 0.12 -5.35
N ASP A 27 -6.37 0.20 -5.79
CA ASP A 27 -7.46 -0.41 -5.06
C ASP A 27 -7.40 -1.93 -5.22
N GLY A 28 -7.27 -2.61 -4.08
CA GLY A 28 -7.20 -4.06 -4.09
C GLY A 28 -8.21 -4.65 -5.07
N MET A 29 -9.31 -3.94 -5.24
CA MET A 29 -10.36 -4.38 -6.15
C MET A 29 -9.89 -4.34 -7.60
N HIS A 30 -9.20 -3.26 -7.93
CA HIS A 30 -8.69 -3.09 -9.28
C HIS A 30 -7.72 -4.22 -9.61
N THR A 31 -6.93 -4.59 -8.62
CA THR A 31 -5.95 -5.66 -8.79
C THR A 31 -6.63 -7.02 -8.64
N HIS A 32 -6.01 -8.02 -9.25
CA HIS A 32 -6.53 -9.38 -9.20
C HIS A 32 -6.99 -9.70 -7.77
N LEU A 33 -6.30 -9.09 -6.82
CA LEU A 33 -6.62 -9.30 -5.41
C LEU A 33 -8.14 -9.36 -5.24
N GLY A 34 -8.81 -8.46 -5.95
CA GLY A 34 -10.26 -8.41 -5.88
C GLY A 34 -10.73 -8.13 -4.45
N ALA A 35 -9.79 -7.71 -3.62
CA ALA A 35 -10.10 -7.40 -2.24
C ALA A 35 -10.10 -5.88 -2.05
N PRO A 36 -10.86 -5.44 -1.00
CA PRO A 36 -10.97 -4.02 -0.70
C PRO A 36 -9.69 -3.52 -0.02
N GLY A 37 -9.52 -2.20 -0.08
CA GLY A 37 -8.35 -1.58 0.51
C GLY A 37 -7.34 -1.16 -0.57
N LEU A 38 -6.33 -0.42 -0.13
CA LEU A 38 -5.30 0.04 -1.04
C LEU A 38 -4.06 -0.85 -0.90
N TYR A 39 -3.34 -1.00 -2.01
CA TYR A 39 -2.15 -1.81 -2.01
C TYR A 39 -1.07 -1.20 -2.92
N ILE A 40 0.17 -1.43 -2.54
CA ILE A 40 1.29 -0.91 -3.31
C ILE A 40 1.40 -1.69 -4.63
N GLN A 41 1.48 -0.92 -5.71
CA GLN A 41 1.58 -1.52 -7.03
C GLN A 41 2.95 -1.20 -7.65
N THR A 42 3.48 -0.06 -7.25
CA THR A 42 4.78 0.37 -7.75
C THR A 42 5.45 1.32 -6.76
N LEU A 43 6.78 1.28 -6.76
CA LEU A 43 7.55 2.13 -5.86
C LEU A 43 8.35 3.14 -6.68
N LEU A 44 8.34 4.38 -6.22
CA LEU A 44 9.06 5.44 -6.89
C LEU A 44 10.51 5.45 -6.43
N PRO A 45 11.42 5.64 -7.42
CA PRO A 45 12.85 5.66 -7.12
C PRO A 45 13.24 6.98 -6.45
N GLY A 46 14.29 6.92 -5.64
CA GLY A 46 14.77 8.09 -4.94
C GLY A 46 13.67 8.71 -4.07
N SER A 47 12.63 7.92 -3.85
CA SER A 47 11.51 8.38 -3.04
C SER A 47 11.66 7.87 -1.60
N PRO A 48 10.83 8.46 -0.69
CA PRO A 48 10.86 8.08 0.70
C PRO A 48 10.19 6.73 0.92
N ALA A 49 9.14 6.50 0.15
CA ALA A 49 8.39 5.24 0.25
C ALA A 49 9.35 4.07 -0.01
N ALA A 50 9.89 4.05 -1.21
CA ALA A 50 10.81 2.99 -1.61
C ALA A 50 12.01 2.98 -0.64
N ALA A 51 12.54 4.17 -0.40
CA ALA A 51 13.68 4.32 0.49
C ALA A 51 13.44 3.48 1.74
N ASP A 52 12.24 3.62 2.28
CA ASP A 52 11.87 2.88 3.48
C ASP A 52 12.28 1.42 3.33
N GLY A 53 12.08 0.90 2.13
CA GLY A 53 12.42 -0.48 1.84
C GLY A 53 11.27 -1.42 2.18
N ARG A 54 10.83 -1.33 3.44
CA ARG A 54 9.74 -2.17 3.91
C ARG A 54 8.58 -2.15 2.90
N LEU A 55 8.32 -0.96 2.39
CA LEU A 55 7.25 -0.78 1.42
C LEU A 55 7.60 -1.53 0.13
N SER A 56 6.94 -2.66 -0.06
CA SER A 56 7.17 -3.47 -1.24
C SER A 56 5.85 -3.75 -1.96
N LEU A 57 5.92 -3.76 -3.28
CA LEU A 57 4.74 -4.01 -4.10
C LEU A 57 3.96 -5.19 -3.50
N GLY A 58 2.65 -5.02 -3.46
CA GLY A 58 1.77 -6.05 -2.92
C GLY A 58 1.27 -5.66 -1.53
N ASP A 59 2.05 -4.82 -0.86
CA ASP A 59 1.69 -4.37 0.47
C ASP A 59 0.27 -3.80 0.46
N ARG A 60 -0.37 -3.87 1.62
CA ARG A 60 -1.73 -3.37 1.75
C ARG A 60 -1.80 -2.32 2.87
N ILE A 61 -2.26 -1.14 2.50
CA ILE A 61 -2.39 -0.06 3.48
C ILE A 61 -3.66 -0.26 4.30
N LEU A 62 -3.62 0.24 5.52
CA LEU A 62 -4.75 0.12 6.42
C LEU A 62 -5.18 1.51 6.89
N GLU A 63 -4.19 2.29 7.29
CA GLU A 63 -4.45 3.65 7.76
C GLU A 63 -3.48 4.63 7.09
N VAL A 64 -3.90 5.89 7.08
CA VAL A 64 -3.08 6.93 6.48
C VAL A 64 -3.17 8.20 7.34
N ASN A 65 -2.05 8.52 7.97
CA ASN A 65 -1.99 9.70 8.82
C ASN A 65 -2.94 9.51 10.01
N GLY A 66 -3.39 8.29 10.18
CA GLY A 66 -4.31 7.97 11.27
C GLY A 66 -5.76 8.06 10.81
N SER A 67 -5.99 7.64 9.57
CA SER A 67 -7.32 7.67 9.00
C SER A 67 -7.70 6.28 8.48
N SER A 68 -8.67 5.67 9.15
CA SER A 68 -9.13 4.35 8.77
C SER A 68 -9.48 4.33 7.27
N LEU A 69 -8.74 3.50 6.54
CA LEU A 69 -8.96 3.37 5.11
C LEU A 69 -9.94 2.22 4.84
N LEU A 70 -10.83 2.01 5.79
CA LEU A 70 -11.82 0.96 5.67
C LEU A 70 -13.11 1.52 5.07
N GLY A 71 -13.26 1.29 3.77
CA GLY A 71 -14.43 1.77 3.07
C GLY A 71 -14.08 2.94 2.14
N LEU A 72 -13.10 3.72 2.58
CA LEU A 72 -12.66 4.87 1.80
C LEU A 72 -12.36 4.42 0.37
N GLY A 73 -12.98 5.13 -0.58
CA GLY A 73 -12.79 4.82 -1.98
C GLY A 73 -11.32 4.99 -2.38
N TYR A 74 -11.11 5.10 -3.70
CA TYR A 74 -9.76 5.26 -4.22
C TYR A 74 -9.39 6.74 -4.34
N LEU A 75 -10.41 7.54 -4.64
CA LEU A 75 -10.21 8.98 -4.78
C LEU A 75 -10.13 9.62 -3.39
N ARG A 76 -10.71 8.92 -2.43
CA ARG A 76 -10.73 9.42 -1.06
C ARG A 76 -9.41 9.06 -0.37
N ALA A 77 -8.98 7.82 -0.57
CA ALA A 77 -7.75 7.34 0.03
C ALA A 77 -6.56 8.06 -0.60
N VAL A 78 -6.61 8.18 -1.92
CA VAL A 78 -5.55 8.84 -2.66
C VAL A 78 -5.46 10.30 -2.20
N ASP A 79 -6.62 10.94 -2.10
CA ASP A 79 -6.68 12.32 -1.67
C ASP A 79 -6.01 12.46 -0.29
N LEU A 80 -6.32 11.50 0.57
CA LEU A 80 -5.76 11.51 1.91
C LEU A 80 -4.24 11.64 1.83
N ILE A 81 -3.62 10.69 1.14
CA ILE A 81 -2.18 10.70 0.98
C ILE A 81 -1.77 11.91 0.15
N ARG A 82 -2.46 12.09 -0.97
CA ARG A 82 -2.18 13.20 -1.86
C ARG A 82 -2.15 14.51 -1.07
N HIS A 83 -3.22 14.76 -0.34
CA HIS A 83 -3.31 15.96 0.46
C HIS A 83 -2.79 15.69 1.87
N GLY A 84 -1.77 14.86 1.94
CA GLY A 84 -1.16 14.50 3.21
C GLY A 84 -0.44 15.69 3.82
N GLY A 85 0.70 15.40 4.43
CA GLY A 85 1.51 16.44 5.06
C GLY A 85 2.99 16.02 5.13
N LYS A 86 3.80 16.95 5.61
CA LYS A 86 5.23 16.69 5.73
C LYS A 86 5.44 15.31 6.34
N LYS A 87 4.58 14.97 7.28
CA LYS A 87 4.67 13.69 7.96
C LYS A 87 3.50 12.80 7.52
N MET A 88 3.85 11.71 6.86
CA MET A 88 2.84 10.77 6.38
C MET A 88 3.00 9.40 7.04
N ARG A 89 1.94 8.99 7.73
CA ARG A 89 1.95 7.71 8.42
C ARG A 89 1.02 6.72 7.71
N PHE A 90 1.52 5.52 7.51
CA PHE A 90 0.75 4.48 6.85
C PHE A 90 0.80 3.17 7.64
N LEU A 91 -0.36 2.55 7.77
CA LEU A 91 -0.47 1.30 8.49
C LEU A 91 -0.66 0.16 7.50
N VAL A 92 0.45 -0.41 7.07
CA VAL A 92 0.42 -1.51 6.13
C VAL A 92 0.69 -2.82 6.86
N ALA A 93 0.10 -3.90 6.34
CA ALA A 93 0.26 -5.20 6.95
C ALA A 93 1.35 -5.97 6.20
N LYS A 94 1.69 -7.13 6.74
CA LYS A 94 2.71 -7.97 6.12
C LYS A 94 2.06 -8.90 5.09
N SER A 95 2.12 -8.47 3.83
CA SER A 95 1.54 -9.25 2.76
C SER A 95 2.55 -10.31 2.29
N ASP A 96 2.10 -11.13 1.35
CA ASP A 96 2.93 -12.19 0.81
C ASP A 96 3.06 -12.00 -0.71
N VAL A 97 3.82 -12.90 -1.32
CA VAL A 97 4.03 -12.85 -2.75
C VAL A 97 2.69 -13.00 -3.46
N GLU A 98 1.97 -14.05 -3.10
CA GLU A 98 0.67 -14.31 -3.68
C GLU A 98 -0.12 -13.02 -3.85
N THR A 99 -0.21 -12.27 -2.75
CA THR A 99 -0.92 -11.00 -2.76
C THR A 99 -0.40 -10.11 -3.89
N ALA A 100 0.91 -10.12 -4.05
CA ALA A 100 1.54 -9.31 -5.08
C ALA A 100 1.23 -9.92 -6.45
N LYS A 101 1.33 -11.23 -6.52
CA LYS A 101 1.06 -11.94 -7.76
C LYS A 101 -0.20 -11.37 -8.42
N LYS A 102 -1.21 -11.17 -7.59
CA LYS A 102 -2.48 -10.63 -8.07
C LYS A 102 -2.30 -9.14 -8.40
N ILE A 103 -1.52 -8.47 -7.56
CA ILE A 103 -1.26 -7.06 -7.76
C ILE A 103 -0.50 -6.86 -9.07
N HIS A 104 0.20 -7.90 -9.47
CA HIS A 104 0.98 -7.85 -10.70
C HIS A 104 0.25 -8.65 -11.79
N SER A 105 0.71 -8.46 -13.02
CA SER A 105 0.13 -9.15 -14.15
C SER A 105 1.21 -9.89 -14.92
N GLY A 106 0.82 -11.05 -15.47
CA GLY A 106 1.74 -11.86 -16.24
C GLY A 106 1.69 -13.31 -15.78
N PRO A 107 0.93 -14.14 -16.56
CA PRO A 107 0.79 -15.55 -16.24
C PRO A 107 2.06 -16.33 -16.62
N SER A 108 2.57 -16.03 -17.80
CA SER A 108 3.76 -16.68 -18.28
C SER A 108 4.86 -16.64 -17.20
N SER A 109 5.14 -15.44 -16.73
CA SER A 109 6.15 -15.24 -15.71
C SER A 109 5.56 -15.58 -14.33
N GLY A 110 6.23 -16.50 -13.66
CA GLY A 110 5.79 -16.91 -12.33
C GLY A 110 5.66 -18.44 -12.25
N GLY A 1 -15.26 -14.51 23.45
CA GLY A 1 -14.74 -14.22 22.13
C GLY A 1 -13.25 -14.57 22.04
N SER A 2 -12.62 -14.06 20.99
CA SER A 2 -11.20 -14.31 20.77
C SER A 2 -10.73 -13.58 19.51
N SER A 3 -10.13 -12.42 19.71
CA SER A 3 -9.64 -11.62 18.61
C SER A 3 -8.19 -11.99 18.32
N GLY A 4 -7.76 -11.67 17.10
CA GLY A 4 -6.40 -11.96 16.68
C GLY A 4 -6.18 -13.47 16.51
N SER A 5 -5.39 -13.81 15.51
CA SER A 5 -5.09 -15.21 15.23
C SER A 5 -3.64 -15.35 14.77
N SER A 6 -3.30 -14.62 13.72
CA SER A 6 -1.96 -14.67 13.18
C SER A 6 -1.74 -13.51 12.20
N GLY A 7 -0.54 -12.96 12.24
CA GLY A 7 -0.20 -11.84 11.37
C GLY A 7 0.28 -10.64 12.18
N TYR A 8 1.11 -9.82 11.54
CA TYR A 8 1.65 -8.64 12.19
C TYR A 8 1.49 -7.41 11.30
N VAL A 9 1.58 -6.25 11.93
CA VAL A 9 1.44 -4.99 11.21
C VAL A 9 2.60 -4.07 11.59
N PHE A 10 2.96 -3.21 10.64
CA PHE A 10 4.05 -2.27 10.86
C PHE A 10 3.73 -0.91 10.25
N THR A 11 4.06 0.13 10.99
CA THR A 11 3.82 1.50 10.52
C THR A 11 4.97 1.97 9.66
N VAL A 12 4.68 2.97 8.83
CA VAL A 12 5.68 3.53 7.95
C VAL A 12 5.53 5.06 7.89
N GLU A 13 6.59 5.73 8.29
CA GLU A 13 6.58 7.20 8.30
C GLU A 13 7.50 7.73 7.20
N LEU A 14 6.88 8.18 6.12
CA LEU A 14 7.63 8.72 5.00
C LEU A 14 7.48 10.24 4.97
N GLU A 15 8.42 10.89 4.32
CA GLU A 15 8.40 12.34 4.21
C GLU A 15 7.90 12.76 2.83
N ARG A 16 6.67 13.23 2.79
CA ARG A 16 6.06 13.67 1.54
C ARG A 16 7.08 14.43 0.69
N GLY A 17 7.22 13.97 -0.55
CA GLY A 17 8.16 14.59 -1.46
C GLY A 17 7.45 15.56 -2.41
N PRO A 18 8.24 16.10 -3.38
CA PRO A 18 7.69 17.04 -4.35
C PRO A 18 6.85 16.31 -5.39
N SER A 19 6.97 14.99 -5.40
CA SER A 19 6.23 14.16 -6.34
C SER A 19 5.18 13.33 -5.59
N GLY A 20 5.46 13.10 -4.31
CA GLY A 20 4.56 12.32 -3.48
C GLY A 20 5.34 11.51 -2.45
N LEU A 21 5.24 10.19 -2.59
CA LEU A 21 5.92 9.29 -1.67
C LEU A 21 6.46 8.09 -2.46
N GLY A 22 6.48 8.25 -3.77
CA GLY A 22 6.98 7.19 -4.64
C GLY A 22 6.37 5.83 -4.27
N MET A 23 5.05 5.78 -4.32
CA MET A 23 4.33 4.56 -3.98
C MET A 23 3.22 4.29 -4.99
N GLY A 24 3.50 3.38 -5.91
CA GLY A 24 2.52 3.03 -6.92
C GLY A 24 1.34 2.26 -6.31
N LEU A 25 0.54 2.98 -5.55
CA LEU A 25 -0.61 2.39 -4.90
C LEU A 25 -1.73 2.20 -5.93
N ILE A 26 -2.35 1.03 -5.89
CA ILE A 26 -3.43 0.72 -6.81
C ILE A 26 -4.63 0.20 -6.02
N ASP A 27 -5.80 0.35 -6.62
CA ASP A 27 -7.03 -0.09 -5.99
C ASP A 27 -7.08 -1.63 -6.02
N GLY A 28 -7.08 -2.21 -4.83
CA GLY A 28 -7.13 -3.66 -4.70
C GLY A 28 -8.07 -4.27 -5.75
N MET A 29 -9.13 -3.54 -6.05
CA MET A 29 -10.10 -3.99 -7.03
C MET A 29 -9.47 -4.10 -8.42
N HIS A 30 -8.76 -3.04 -8.79
CA HIS A 30 -8.10 -3.00 -10.08
C HIS A 30 -7.21 -4.23 -10.25
N THR A 31 -6.53 -4.57 -9.15
CA THR A 31 -5.64 -5.72 -9.16
C THR A 31 -6.44 -7.01 -9.00
N HIS A 32 -5.90 -8.07 -9.59
CA HIS A 32 -6.55 -9.37 -9.52
C HIS A 32 -7.14 -9.58 -8.13
N LEU A 33 -6.46 -9.01 -7.14
CA LEU A 33 -6.92 -9.12 -5.77
C LEU A 33 -8.44 -8.96 -5.71
N GLY A 34 -8.95 -8.19 -6.67
CA GLY A 34 -10.38 -7.96 -6.74
C GLY A 34 -10.97 -7.69 -5.36
N ALA A 35 -10.12 -7.20 -4.48
CA ALA A 35 -10.54 -6.89 -3.11
C ALA A 35 -10.48 -5.38 -2.89
N PRO A 36 -11.35 -4.89 -1.97
CA PRO A 36 -11.41 -3.48 -1.65
C PRO A 36 -10.21 -3.07 -0.79
N GLY A 37 -9.69 -1.89 -1.10
CA GLY A 37 -8.55 -1.37 -0.35
C GLY A 37 -7.40 -1.01 -1.30
N LEU A 38 -6.45 -0.25 -0.77
CA LEU A 38 -5.29 0.16 -1.55
C LEU A 38 -4.10 -0.74 -1.21
N TYR A 39 -3.23 -0.90 -2.19
CA TYR A 39 -2.05 -1.73 -2.00
C TYR A 39 -0.89 -1.23 -2.88
N ILE A 40 0.31 -1.38 -2.35
CA ILE A 40 1.50 -0.96 -3.07
C ILE A 40 1.64 -1.79 -4.35
N GLN A 41 2.08 -1.12 -5.41
CA GLN A 41 2.25 -1.78 -6.68
C GLN A 41 3.69 -1.59 -7.18
N THR A 42 4.20 -0.39 -6.99
CA THR A 42 5.55 -0.07 -7.42
C THR A 42 6.19 0.93 -6.46
N LEU A 43 7.52 0.94 -6.46
CA LEU A 43 8.26 1.84 -5.59
C LEU A 43 9.11 2.78 -6.44
N LEU A 44 8.73 4.05 -6.42
CA LEU A 44 9.45 5.06 -7.19
C LEU A 44 10.90 5.14 -6.69
N PRO A 45 11.82 5.33 -7.66
CA PRO A 45 13.24 5.43 -7.33
C PRO A 45 13.56 6.79 -6.71
N GLY A 46 14.49 6.77 -5.76
CA GLY A 46 14.90 7.99 -5.08
C GLY A 46 13.75 8.56 -4.25
N SER A 47 12.73 7.74 -4.06
CA SER A 47 11.57 8.15 -3.29
C SER A 47 11.74 7.72 -1.82
N PRO A 48 10.78 8.20 -0.98
CA PRO A 48 10.81 7.87 0.44
C PRO A 48 10.36 6.43 0.68
N ALA A 49 9.11 6.17 0.31
CA ALA A 49 8.54 4.84 0.48
C ALA A 49 9.56 3.79 0.02
N ALA A 50 10.14 4.05 -1.14
CA ALA A 50 11.13 3.15 -1.70
C ALA A 50 12.31 3.03 -0.74
N ALA A 51 13.01 4.14 -0.56
CA ALA A 51 14.16 4.18 0.33
C ALA A 51 13.82 3.45 1.63
N ASP A 52 12.56 3.56 2.01
CA ASP A 52 12.09 2.92 3.23
C ASP A 52 12.56 1.47 3.26
N GLY A 53 12.26 0.76 2.19
CA GLY A 53 12.65 -0.63 2.07
C GLY A 53 11.52 -1.56 2.53
N ARG A 54 11.17 -1.43 3.80
CA ARG A 54 10.12 -2.25 4.38
C ARG A 54 8.92 -2.31 3.43
N LEU A 55 8.61 -1.16 2.84
CA LEU A 55 7.49 -1.06 1.92
C LEU A 55 7.72 -2.04 0.76
N SER A 56 6.92 -3.10 0.76
CA SER A 56 7.02 -4.12 -0.28
C SER A 56 5.86 -3.96 -1.28
N LEU A 57 6.02 -4.59 -2.43
CA LEU A 57 5.01 -4.52 -3.47
C LEU A 57 3.87 -5.48 -3.10
N GLY A 58 2.66 -4.94 -3.09
CA GLY A 58 1.49 -5.72 -2.77
C GLY A 58 0.95 -5.36 -1.38
N ASP A 59 1.78 -4.67 -0.63
CA ASP A 59 1.40 -4.25 0.72
C ASP A 59 -0.01 -3.68 0.69
N ARG A 60 -0.57 -3.50 1.88
CA ARG A 60 -1.91 -2.96 2.00
C ARG A 60 -1.96 -1.92 3.11
N ILE A 61 -2.62 -0.80 2.80
CA ILE A 61 -2.75 0.29 3.76
C ILE A 61 -3.97 0.04 4.63
N LEU A 62 -3.81 0.36 5.92
CA LEU A 62 -4.90 0.19 6.87
C LEU A 62 -5.25 1.54 7.48
N GLU A 63 -4.21 2.31 7.78
CA GLU A 63 -4.40 3.63 8.37
C GLU A 63 -3.44 4.64 7.73
N VAL A 64 -3.77 5.90 7.90
CA VAL A 64 -2.96 6.97 7.35
C VAL A 64 -3.07 8.21 8.24
N ASN A 65 -1.96 8.56 8.87
CA ASN A 65 -1.94 9.72 9.75
C ASN A 65 -2.86 9.47 10.95
N GLY A 66 -3.22 8.20 11.12
CA GLY A 66 -4.09 7.82 12.22
C GLY A 66 -5.56 7.91 11.81
N SER A 67 -5.78 7.91 10.51
CA SER A 67 -7.13 8.00 9.98
C SER A 67 -7.52 6.68 9.33
N SER A 68 -8.33 5.91 10.06
CA SER A 68 -8.79 4.62 9.57
C SER A 68 -9.10 4.71 8.06
N LEU A 69 -8.27 4.03 7.29
CA LEU A 69 -8.44 4.03 5.84
C LEU A 69 -8.83 2.63 5.38
N LEU A 70 -10.01 2.19 5.84
CA LEU A 70 -10.51 0.87 5.49
C LEU A 70 -11.23 0.96 4.15
N GLY A 71 -10.51 0.55 3.10
CA GLY A 71 -11.06 0.58 1.76
C GLY A 71 -12.03 1.75 1.58
N LEU A 72 -11.52 2.94 1.85
CA LEU A 72 -12.32 4.14 1.73
C LEU A 72 -12.30 4.62 0.27
N GLY A 73 -13.37 5.33 -0.10
CA GLY A 73 -13.48 5.84 -1.45
C GLY A 73 -12.10 6.17 -2.04
N TYR A 74 -11.83 5.58 -3.19
CA TYR A 74 -10.57 5.80 -3.86
C TYR A 74 -10.21 7.29 -3.91
N LEU A 75 -11.22 8.08 -4.27
CA LEU A 75 -11.04 9.51 -4.36
C LEU A 75 -10.82 10.09 -2.96
N ARG A 76 -11.30 9.35 -1.97
CA ARG A 76 -11.15 9.77 -0.59
C ARG A 76 -9.80 9.32 -0.02
N ALA A 77 -9.56 8.02 -0.12
CA ALA A 77 -8.31 7.46 0.38
C ALA A 77 -7.14 8.17 -0.30
N VAL A 78 -7.29 8.40 -1.59
CA VAL A 78 -6.26 9.06 -2.36
C VAL A 78 -6.06 10.49 -1.82
N ASP A 79 -7.18 11.17 -1.62
CA ASP A 79 -7.14 12.53 -1.10
C ASP A 79 -6.34 12.56 0.20
N LEU A 80 -6.77 11.71 1.12
CA LEU A 80 -6.10 11.63 2.42
C LEU A 80 -4.59 11.71 2.21
N ILE A 81 -4.06 10.73 1.50
CA ILE A 81 -2.63 10.67 1.22
C ILE A 81 -2.23 11.92 0.42
N ARG A 82 -2.93 12.12 -0.68
CA ARG A 82 -2.65 13.26 -1.54
C ARG A 82 -2.45 14.52 -0.70
N HIS A 83 -3.43 14.78 0.15
CA HIS A 83 -3.38 15.96 1.01
C HIS A 83 -2.72 15.58 2.34
N GLY A 84 -1.74 14.69 2.26
CA GLY A 84 -1.03 14.24 3.44
C GLY A 84 -0.36 15.42 4.15
N GLY A 85 0.93 15.24 4.44
CA GLY A 85 1.70 16.27 5.11
C GLY A 85 3.19 15.91 5.14
N LYS A 86 3.99 16.88 5.54
CA LYS A 86 5.43 16.68 5.61
C LYS A 86 5.71 15.28 6.18
N LYS A 87 4.87 14.87 7.11
CA LYS A 87 5.01 13.56 7.73
C LYS A 87 3.82 12.69 7.37
N MET A 88 4.11 11.64 6.61
CA MET A 88 3.07 10.72 6.18
C MET A 88 3.23 9.36 6.86
N ARG A 89 2.13 8.89 7.43
CA ARG A 89 2.15 7.60 8.11
C ARG A 89 1.21 6.62 7.41
N PHE A 90 1.61 5.36 7.40
CA PHE A 90 0.82 4.32 6.76
C PHE A 90 0.92 3.01 7.53
N LEU A 91 -0.24 2.48 7.91
CA LEU A 91 -0.29 1.23 8.65
C LEU A 91 -0.34 0.07 7.66
N VAL A 92 0.84 -0.45 7.33
CA VAL A 92 0.94 -1.56 6.41
C VAL A 92 0.84 -2.87 7.18
N ALA A 93 0.38 -3.90 6.48
CA ALA A 93 0.22 -5.22 7.09
C ALA A 93 1.03 -6.23 6.29
N LYS A 94 1.77 -7.06 7.02
CA LYS A 94 2.58 -8.09 6.39
C LYS A 94 1.67 -9.12 5.73
N SER A 95 1.45 -8.93 4.43
CA SER A 95 0.60 -9.83 3.68
C SER A 95 1.43 -11.01 3.15
N ASP A 96 0.76 -11.86 2.38
CA ASP A 96 1.42 -13.02 1.80
C ASP A 96 1.75 -12.73 0.34
N VAL A 97 2.76 -13.44 -0.15
CA VAL A 97 3.18 -13.27 -1.54
C VAL A 97 1.96 -13.22 -2.44
N GLU A 98 1.06 -14.18 -2.23
CA GLU A 98 -0.15 -14.25 -3.02
C GLU A 98 -0.72 -12.85 -3.25
N THR A 99 -1.08 -12.19 -2.15
CA THR A 99 -1.62 -10.85 -2.23
C THR A 99 -0.89 -10.03 -3.28
N ALA A 100 0.44 -10.08 -3.21
CA ALA A 100 1.26 -9.36 -4.15
C ALA A 100 1.10 -9.95 -5.56
N LYS A 101 1.12 -11.28 -5.61
CA LYS A 101 0.97 -11.98 -6.87
C LYS A 101 -0.21 -11.38 -7.64
N LYS A 102 -1.37 -11.40 -7.00
CA LYS A 102 -2.58 -10.87 -7.60
C LYS A 102 -2.35 -9.39 -7.97
N ILE A 103 -1.59 -8.72 -7.12
CA ILE A 103 -1.28 -7.31 -7.35
C ILE A 103 -0.42 -7.17 -8.61
N HIS A 104 0.50 -8.12 -8.76
CA HIS A 104 1.40 -8.11 -9.90
C HIS A 104 2.01 -6.71 -10.06
N SER A 105 2.77 -6.56 -11.14
CA SER A 105 3.42 -5.30 -11.42
C SER A 105 3.51 -5.08 -12.94
N GLY A 106 4.31 -5.92 -13.57
CA GLY A 106 4.49 -5.83 -15.01
C GLY A 106 4.59 -7.23 -15.63
N PRO A 107 5.38 -7.31 -16.75
CA PRO A 107 5.57 -8.57 -17.43
C PRO A 107 6.51 -9.49 -16.66
N SER A 108 6.64 -10.71 -17.15
CA SER A 108 7.50 -11.68 -16.52
C SER A 108 7.82 -12.82 -17.50
N SER A 109 9.05 -13.33 -17.38
CA SER A 109 9.49 -14.41 -18.26
C SER A 109 8.55 -15.60 -18.13
N GLY A 110 8.13 -16.11 -19.28
CA GLY A 110 7.22 -17.25 -19.31
C GLY A 110 7.05 -17.78 -20.74
N GLY A 1 -13.79 -19.80 16.63
CA GLY A 1 -12.91 -18.98 15.81
C GLY A 1 -12.90 -19.48 14.36
N SER A 2 -12.58 -18.56 13.46
CA SER A 2 -12.53 -18.88 12.04
C SER A 2 -11.14 -19.43 11.68
N SER A 3 -10.14 -18.60 11.94
CA SER A 3 -8.77 -18.99 11.65
C SER A 3 -7.86 -18.59 12.80
N GLY A 4 -7.86 -17.30 13.11
CA GLY A 4 -7.03 -16.77 14.18
C GLY A 4 -6.25 -15.54 13.71
N SER A 5 -5.14 -15.30 14.40
CA SER A 5 -4.29 -14.17 14.08
C SER A 5 -2.81 -14.59 14.14
N SER A 6 -2.10 -14.25 13.08
CA SER A 6 -0.69 -14.58 13.01
C SER A 6 0.09 -13.40 12.42
N GLY A 7 -0.22 -13.09 11.16
CA GLY A 7 0.45 -12.00 10.47
C GLY A 7 0.41 -10.73 11.31
N TYR A 8 1.50 -9.97 11.25
CA TYR A 8 1.60 -8.74 11.99
C TYR A 8 1.60 -7.53 11.05
N VAL A 9 1.46 -6.36 11.64
CA VAL A 9 1.43 -5.12 10.88
C VAL A 9 2.56 -4.20 11.36
N PHE A 10 2.89 -3.22 10.52
CA PHE A 10 3.93 -2.28 10.85
C PHE A 10 3.61 -0.89 10.29
N THR A 11 4.09 0.12 11.00
CA THR A 11 3.86 1.50 10.59
C THR A 11 5.00 1.98 9.69
N VAL A 12 4.69 3.01 8.91
CA VAL A 12 5.68 3.57 8.00
C VAL A 12 5.54 5.10 7.98
N GLU A 13 6.54 5.76 8.53
CA GLU A 13 6.55 7.21 8.58
C GLU A 13 7.62 7.78 7.64
N LEU A 14 7.15 8.46 6.62
CA LEU A 14 8.05 9.06 5.64
C LEU A 14 7.76 10.55 5.53
N GLU A 15 8.64 11.24 4.82
CA GLU A 15 8.49 12.67 4.64
C GLU A 15 8.13 12.99 3.18
N ARG A 16 6.97 13.59 3.01
CA ARG A 16 6.50 13.94 1.68
C ARG A 16 7.57 14.73 0.93
N GLY A 17 8.11 14.09 -0.10
CA GLY A 17 9.14 14.71 -0.91
C GLY A 17 8.55 15.77 -1.84
N PRO A 18 9.43 16.35 -2.69
CA PRO A 18 9.01 17.37 -3.63
C PRO A 18 8.24 16.77 -4.80
N SER A 19 8.20 15.44 -4.82
CA SER A 19 7.50 14.73 -5.87
C SER A 19 6.14 14.23 -5.34
N GLY A 20 6.07 14.09 -4.03
CA GLY A 20 4.84 13.63 -3.40
C GLY A 20 4.95 12.15 -3.00
N LEU A 21 6.02 11.84 -2.27
CA LEU A 21 6.25 10.48 -1.83
C LEU A 21 6.74 9.63 -3.01
N GLY A 22 6.25 8.40 -3.06
CA GLY A 22 6.63 7.49 -4.12
C GLY A 22 6.04 6.10 -3.88
N MET A 23 4.76 5.97 -4.17
CA MET A 23 4.08 4.70 -4.00
C MET A 23 2.93 4.54 -4.99
N GLY A 24 2.94 3.42 -5.69
CA GLY A 24 1.91 3.13 -6.68
C GLY A 24 0.79 2.27 -6.08
N LEU A 25 -0.07 2.93 -5.32
CA LEU A 25 -1.19 2.25 -4.70
C LEU A 25 -2.27 1.97 -5.74
N ILE A 26 -3.07 0.95 -5.47
CA ILE A 26 -4.15 0.58 -6.36
C ILE A 26 -5.13 -0.34 -5.62
N ASP A 27 -6.40 -0.22 -6.02
CA ASP A 27 -7.43 -1.03 -5.40
C ASP A 27 -7.28 -2.48 -5.86
N GLY A 28 -7.80 -3.39 -5.05
CA GLY A 28 -7.73 -4.81 -5.35
C GLY A 28 -8.86 -5.22 -6.29
N MET A 29 -9.17 -4.33 -7.23
CA MET A 29 -10.23 -4.59 -8.18
C MET A 29 -9.65 -4.98 -9.55
N HIS A 30 -8.74 -4.14 -10.03
CA HIS A 30 -8.11 -4.39 -11.31
C HIS A 30 -7.06 -5.50 -11.16
N THR A 31 -6.51 -5.58 -9.96
CA THR A 31 -5.50 -6.60 -9.67
C THR A 31 -6.15 -7.95 -9.40
N HIS A 32 -5.37 -9.00 -9.57
CA HIS A 32 -5.87 -10.35 -9.36
C HIS A 32 -6.60 -10.41 -8.02
N LEU A 33 -6.25 -9.48 -7.14
CA LEU A 33 -6.85 -9.43 -5.82
C LEU A 33 -8.34 -9.74 -5.94
N GLY A 34 -9.03 -8.92 -6.72
CA GLY A 34 -10.46 -9.09 -6.93
C GLY A 34 -11.25 -8.66 -5.69
N ALA A 35 -10.58 -7.92 -4.83
CA ALA A 35 -11.20 -7.44 -3.61
C ALA A 35 -10.95 -5.94 -3.46
N PRO A 36 -11.99 -5.22 -2.95
CA PRO A 36 -11.89 -3.79 -2.75
C PRO A 36 -11.02 -3.46 -1.53
N GLY A 37 -10.09 -2.54 -1.75
CA GLY A 37 -9.19 -2.12 -0.68
C GLY A 37 -8.05 -1.28 -1.23
N LEU A 38 -6.98 -1.20 -0.44
CA LEU A 38 -5.82 -0.43 -0.83
C LEU A 38 -4.56 -1.29 -0.67
N TYR A 39 -3.66 -1.16 -1.62
CA TYR A 39 -2.42 -1.92 -1.59
C TYR A 39 -1.35 -1.25 -2.47
N ILE A 40 -0.10 -1.60 -2.18
CA ILE A 40 1.01 -1.04 -2.93
C ILE A 40 1.19 -1.84 -4.23
N GLN A 41 1.48 -1.11 -5.29
CA GLN A 41 1.67 -1.73 -6.60
C GLN A 41 3.11 -1.51 -7.08
N THR A 42 3.61 -0.32 -6.82
CA THR A 42 4.97 0.02 -7.22
C THR A 42 5.59 1.00 -6.22
N LEU A 43 6.90 1.12 -6.30
CA LEU A 43 7.64 2.00 -5.41
C LEU A 43 8.43 3.01 -6.23
N LEU A 44 7.87 4.20 -6.37
CA LEU A 44 8.53 5.25 -7.13
C LEU A 44 10.03 5.23 -6.85
N PRO A 45 10.82 5.50 -7.92
CA PRO A 45 12.27 5.52 -7.79
C PRO A 45 12.75 6.77 -7.07
N GLY A 46 13.95 6.69 -6.52
CA GLY A 46 14.54 7.81 -5.81
C GLY A 46 13.50 8.48 -4.91
N SER A 47 12.52 7.69 -4.48
CA SER A 47 11.47 8.19 -3.63
C SER A 47 11.73 7.78 -2.18
N PRO A 48 10.91 8.35 -1.26
CA PRO A 48 11.04 8.04 0.16
C PRO A 48 10.48 6.66 0.48
N ALA A 49 9.27 6.42 0.02
CA ALA A 49 8.61 5.15 0.24
C ALA A 49 9.53 4.02 -0.22
N ALA A 50 9.89 4.08 -1.50
CA ALA A 50 10.76 3.07 -2.07
C ALA A 50 12.01 2.93 -1.22
N ALA A 51 12.52 4.08 -0.77
CA ALA A 51 13.71 4.10 0.06
C ALA A 51 13.42 3.38 1.38
N ASP A 52 12.18 3.53 1.83
CA ASP A 52 11.77 2.90 3.08
C ASP A 52 12.22 1.44 3.09
N GLY A 53 12.11 0.82 1.92
CA GLY A 53 12.50 -0.57 1.78
C GLY A 53 11.41 -1.52 2.30
N ARG A 54 11.02 -1.28 3.55
CA ARG A 54 9.99 -2.10 4.17
C ARG A 54 8.76 -2.18 3.26
N LEU A 55 8.34 -1.01 2.78
CA LEU A 55 7.19 -0.94 1.90
C LEU A 55 7.40 -1.86 0.70
N SER A 56 6.72 -3.00 0.73
CA SER A 56 6.83 -3.96 -0.35
C SER A 56 5.61 -3.86 -1.27
N LEU A 57 5.71 -4.53 -2.40
CA LEU A 57 4.63 -4.53 -3.38
C LEU A 57 3.56 -5.54 -2.96
N GLY A 58 2.32 -5.10 -3.00
CA GLY A 58 1.21 -5.96 -2.64
C GLY A 58 0.69 -5.61 -1.23
N ASP A 59 1.56 -5.01 -0.45
CA ASP A 59 1.20 -4.62 0.91
C ASP A 59 -0.19 -4.00 0.90
N ARG A 60 -0.81 -4.00 2.07
CA ARG A 60 -2.14 -3.43 2.22
C ARG A 60 -2.14 -2.33 3.27
N ILE A 61 -2.55 -1.14 2.84
CA ILE A 61 -2.60 0.01 3.71
C ILE A 61 -3.82 -0.11 4.63
N LEU A 62 -3.67 0.39 5.85
CA LEU A 62 -4.74 0.35 6.81
C LEU A 62 -5.08 1.78 7.27
N GLU A 63 -4.02 2.54 7.56
CA GLU A 63 -4.19 3.91 7.99
C GLU A 63 -3.28 4.84 7.19
N VAL A 64 -3.60 6.11 7.23
CA VAL A 64 -2.82 7.11 6.51
C VAL A 64 -2.77 8.41 7.33
N ASN A 65 -1.61 8.64 7.93
CA ASN A 65 -1.42 9.83 8.75
C ASN A 65 -2.18 9.68 10.06
N GLY A 66 -2.51 8.43 10.37
CA GLY A 66 -3.25 8.14 11.59
C GLY A 66 -4.75 8.38 11.41
N SER A 67 -5.20 8.12 10.19
CA SER A 67 -6.62 8.30 9.86
C SER A 67 -7.16 7.04 9.18
N SER A 68 -7.88 6.25 9.97
CA SER A 68 -8.47 5.02 9.46
C SER A 68 -8.98 5.24 8.04
N LEU A 69 -8.54 4.35 7.14
CA LEU A 69 -8.94 4.44 5.75
C LEU A 69 -9.74 3.19 5.39
N LEU A 70 -10.52 2.72 6.34
CA LEU A 70 -11.34 1.53 6.13
C LEU A 70 -12.72 1.95 5.65
N GLY A 71 -12.99 1.68 4.38
CA GLY A 71 -14.26 2.02 3.78
C GLY A 71 -14.13 3.23 2.85
N LEU A 72 -13.12 4.04 3.11
CA LEU A 72 -12.87 5.22 2.30
C LEU A 72 -12.44 4.78 0.90
N GLY A 73 -13.01 5.45 -0.09
CA GLY A 73 -12.70 5.14 -1.47
C GLY A 73 -11.24 5.52 -1.80
N TYR A 74 -10.66 4.77 -2.72
CA TYR A 74 -9.30 5.01 -3.13
C TYR A 74 -9.02 6.51 -3.30
N LEU A 75 -9.91 7.15 -4.06
CA LEU A 75 -9.78 8.58 -4.30
C LEU A 75 -9.70 9.32 -2.96
N ARG A 76 -10.72 9.11 -2.15
CA ARG A 76 -10.79 9.75 -0.85
C ARG A 76 -9.50 9.48 -0.07
N ALA A 77 -8.99 8.27 -0.22
CA ALA A 77 -7.77 7.88 0.46
C ALA A 77 -6.59 8.64 -0.15
N VAL A 78 -6.63 8.79 -1.46
CA VAL A 78 -5.57 9.49 -2.18
C VAL A 78 -5.43 10.90 -1.60
N ASP A 79 -6.55 11.61 -1.57
CA ASP A 79 -6.57 12.96 -1.06
C ASP A 79 -5.81 13.01 0.27
N LEU A 80 -6.18 12.10 1.16
CA LEU A 80 -5.55 12.02 2.46
C LEU A 80 -4.03 12.04 2.29
N ILE A 81 -3.54 11.06 1.54
CA ILE A 81 -2.11 10.96 1.29
C ILE A 81 -1.62 12.24 0.59
N ARG A 82 -2.42 12.69 -0.36
CA ARG A 82 -2.08 13.89 -1.11
C ARG A 82 -1.83 15.06 -0.15
N HIS A 83 -2.84 15.35 0.66
CA HIS A 83 -2.75 16.44 1.62
C HIS A 83 -2.23 15.90 2.95
N GLY A 84 -1.32 14.93 2.84
CA GLY A 84 -0.74 14.33 4.03
C GLY A 84 -0.54 15.36 5.13
N GLY A 85 0.65 15.93 5.16
CA GLY A 85 0.99 16.95 6.16
C GLY A 85 2.45 16.83 6.58
N LYS A 86 3.33 16.95 5.59
CA LYS A 86 4.76 16.87 5.85
C LYS A 86 5.12 15.44 6.24
N LYS A 87 4.57 15.02 7.38
CA LYS A 87 4.82 13.69 7.88
C LYS A 87 3.72 12.75 7.41
N MET A 88 4.10 11.83 6.53
CA MET A 88 3.15 10.88 5.98
C MET A 88 3.32 9.50 6.65
N ARG A 89 2.24 9.06 7.29
CA ARG A 89 2.26 7.77 7.96
C ARG A 89 1.31 6.80 7.26
N PHE A 90 1.65 5.52 7.35
CA PHE A 90 0.84 4.49 6.74
C PHE A 90 0.92 3.18 7.54
N LEU A 91 -0.25 2.65 7.85
CA LEU A 91 -0.33 1.41 8.61
C LEU A 91 -0.57 0.24 7.65
N VAL A 92 0.53 -0.37 7.22
CA VAL A 92 0.46 -1.49 6.31
C VAL A 92 0.65 -2.79 7.09
N ALA A 93 -0.14 -3.80 6.72
CA ALA A 93 -0.05 -5.09 7.37
C ALA A 93 0.86 -6.01 6.56
N LYS A 94 1.63 -6.81 7.28
CA LYS A 94 2.55 -7.74 6.64
C LYS A 94 1.76 -8.90 6.04
N SER A 95 1.47 -8.77 4.74
CA SER A 95 0.71 -9.79 4.04
C SER A 95 1.68 -10.78 3.38
N ASP A 96 1.11 -11.89 2.93
CA ASP A 96 1.90 -12.92 2.28
C ASP A 96 2.29 -12.45 0.87
N VAL A 97 3.18 -13.20 0.25
CA VAL A 97 3.63 -12.87 -1.09
C VAL A 97 2.44 -12.95 -2.06
N GLU A 98 1.60 -13.94 -1.81
CA GLU A 98 0.42 -14.15 -2.65
C GLU A 98 -0.30 -12.81 -2.87
N THR A 99 -0.75 -12.22 -1.77
CA THR A 99 -1.45 -10.96 -1.84
C THR A 99 -0.83 -10.05 -2.89
N ALA A 100 0.50 -10.09 -2.94
CA ALA A 100 1.23 -9.27 -3.91
C ALA A 100 1.16 -9.92 -5.29
N LYS A 101 1.37 -11.23 -5.30
CA LYS A 101 1.33 -11.97 -6.54
C LYS A 101 0.18 -11.46 -7.41
N LYS A 102 -0.99 -11.37 -6.79
CA LYS A 102 -2.17 -10.89 -7.48
C LYS A 102 -1.93 -9.45 -7.96
N ILE A 103 -1.40 -8.65 -7.05
CA ILE A 103 -1.12 -7.25 -7.36
C ILE A 103 -0.09 -7.18 -8.49
N HIS A 104 0.74 -8.20 -8.55
CA HIS A 104 1.77 -8.27 -9.58
C HIS A 104 1.14 -8.66 -10.91
N SER A 105 1.37 -7.82 -11.91
CA SER A 105 0.83 -8.07 -13.24
C SER A 105 1.41 -9.35 -13.81
N GLY A 106 2.73 -9.36 -13.96
CA GLY A 106 3.42 -10.51 -14.50
C GLY A 106 3.12 -10.69 -15.99
N PRO A 107 3.69 -9.77 -16.80
CA PRO A 107 3.49 -9.81 -18.25
C PRO A 107 4.33 -10.93 -18.87
N SER A 108 5.57 -11.04 -18.41
CA SER A 108 6.47 -12.05 -18.93
C SER A 108 6.76 -13.08 -17.84
N SER A 109 7.03 -14.30 -18.27
CA SER A 109 7.33 -15.39 -17.35
C SER A 109 8.84 -15.68 -17.35
N GLY A 110 9.43 -15.56 -16.18
CA GLY A 110 10.85 -15.81 -16.03
C GLY A 110 11.66 -14.83 -16.88
N GLY A 1 5.79 -23.81 4.29
CA GLY A 1 4.54 -23.35 4.89
C GLY A 1 3.39 -23.46 3.90
N SER A 2 2.29 -24.02 4.37
CA SER A 2 1.11 -24.19 3.55
C SER A 2 -0.01 -23.28 4.05
N SER A 3 -0.40 -23.49 5.29
CA SER A 3 -1.46 -22.70 5.89
C SER A 3 -0.92 -21.34 6.31
N GLY A 4 -1.80 -20.55 6.92
CA GLY A 4 -1.42 -19.22 7.38
C GLY A 4 -2.56 -18.23 7.18
N SER A 5 -2.65 -17.29 8.11
CA SER A 5 -3.70 -16.28 8.05
C SER A 5 -3.33 -15.09 8.95
N SER A 6 -3.15 -15.39 10.23
CA SER A 6 -2.80 -14.37 11.19
C SER A 6 -1.46 -13.73 10.81
N GLY A 7 -1.23 -12.53 11.34
CA GLY A 7 -0.01 -11.81 11.07
C GLY A 7 0.06 -10.53 11.89
N TYR A 8 1.22 -9.88 11.81
CA TYR A 8 1.44 -8.64 12.54
C TYR A 8 1.47 -7.44 11.59
N VAL A 9 0.86 -6.35 12.04
CA VAL A 9 0.82 -5.13 11.24
C VAL A 9 1.99 -4.22 11.65
N PHE A 10 2.33 -3.32 10.75
CA PHE A 10 3.41 -2.37 11.00
C PHE A 10 3.15 -1.05 10.31
N THR A 11 3.45 0.03 11.02
CA THR A 11 3.26 1.36 10.49
C THR A 11 4.47 1.79 9.67
N VAL A 12 4.26 2.83 8.86
CA VAL A 12 5.33 3.34 8.01
C VAL A 12 5.26 4.87 8.00
N GLU A 13 6.27 5.47 8.61
CA GLU A 13 6.33 6.93 8.67
C GLU A 13 7.43 7.45 7.74
N LEU A 14 6.99 8.06 6.64
CA LEU A 14 7.92 8.60 5.66
C LEU A 14 7.75 10.12 5.60
N GLU A 15 8.67 10.76 4.88
CA GLU A 15 8.63 12.20 4.73
C GLU A 15 8.34 12.58 3.28
N ARG A 16 7.22 13.25 3.09
CA ARG A 16 6.81 13.67 1.76
C ARG A 16 8.02 14.18 0.97
N GLY A 17 8.26 13.52 -0.16
CA GLY A 17 9.39 13.89 -1.01
C GLY A 17 8.93 14.79 -2.15
N PRO A 18 9.88 15.08 -3.08
CA PRO A 18 9.58 15.93 -4.22
C PRO A 18 8.75 15.17 -5.27
N SER A 19 8.69 13.86 -5.08
CA SER A 19 7.93 13.01 -5.99
C SER A 19 6.54 12.75 -5.43
N GLY A 20 6.39 13.07 -4.15
CA GLY A 20 5.11 12.88 -3.49
C GLY A 20 4.98 11.46 -2.93
N LEU A 21 6.09 11.00 -2.35
CA LEU A 21 6.12 9.66 -1.77
C LEU A 21 6.49 8.65 -2.85
N GLY A 22 5.90 8.83 -4.02
CA GLY A 22 6.16 7.95 -5.14
C GLY A 22 5.66 6.53 -4.83
N MET A 23 4.39 6.43 -4.49
CA MET A 23 3.79 5.15 -4.18
C MET A 23 2.63 4.84 -5.12
N GLY A 24 2.90 3.99 -6.09
CA GLY A 24 1.89 3.61 -7.07
C GLY A 24 0.80 2.76 -6.41
N LEU A 25 0.05 3.39 -5.52
CA LEU A 25 -1.02 2.71 -4.81
C LEU A 25 -2.16 2.45 -5.79
N ILE A 26 -2.82 1.31 -5.59
CA ILE A 26 -3.94 0.92 -6.44
C ILE A 26 -5.00 0.20 -5.60
N ASP A 27 -6.23 0.31 -6.05
CA ASP A 27 -7.34 -0.33 -5.35
C ASP A 27 -7.26 -1.85 -5.55
N GLY A 28 -7.27 -2.56 -4.44
CA GLY A 28 -7.20 -4.01 -4.49
C GLY A 28 -8.09 -4.57 -5.60
N MET A 29 -9.13 -3.81 -5.92
CA MET A 29 -10.05 -4.21 -6.96
C MET A 29 -9.41 -4.11 -8.34
N HIS A 30 -8.72 -3.01 -8.56
CA HIS A 30 -8.05 -2.77 -9.83
C HIS A 30 -7.00 -3.86 -10.06
N THR A 31 -6.72 -4.60 -9.00
CA THR A 31 -5.74 -5.68 -9.07
C THR A 31 -6.44 -7.04 -9.02
N HIS A 32 -5.72 -8.05 -9.50
CA HIS A 32 -6.26 -9.40 -9.51
C HIS A 32 -6.72 -9.79 -8.11
N LEU A 33 -6.19 -9.06 -7.13
CA LEU A 33 -6.54 -9.32 -5.74
C LEU A 33 -8.05 -9.50 -5.62
N GLY A 34 -8.77 -8.74 -6.43
CA GLY A 34 -10.22 -8.81 -6.42
C GLY A 34 -10.78 -8.57 -5.02
N ALA A 35 -9.98 -7.89 -4.21
CA ALA A 35 -10.38 -7.59 -2.84
C ALA A 35 -10.28 -6.09 -2.61
N PRO A 36 -11.20 -5.58 -1.74
CA PRO A 36 -11.23 -4.17 -1.42
C PRO A 36 -10.09 -3.80 -0.47
N GLY A 37 -9.38 -2.73 -0.82
CA GLY A 37 -8.28 -2.27 -0.01
C GLY A 37 -7.25 -1.52 -0.86
N LEU A 38 -6.23 -1.01 -0.19
CA LEU A 38 -5.18 -0.27 -0.87
C LEU A 38 -3.86 -1.06 -0.78
N TYR A 39 -3.11 -1.02 -1.87
CA TYR A 39 -1.84 -1.72 -1.92
C TYR A 39 -0.85 -1.00 -2.83
N ILE A 40 0.42 -1.28 -2.62
CA ILE A 40 1.48 -0.67 -3.41
C ILE A 40 1.63 -1.43 -4.73
N GLN A 41 1.46 -0.69 -5.82
CA GLN A 41 1.57 -1.28 -7.14
C GLN A 41 2.98 -1.06 -7.70
N THR A 42 3.57 0.06 -7.31
CA THR A 42 4.92 0.39 -7.75
C THR A 42 5.61 1.30 -6.73
N LEU A 43 6.92 1.42 -6.89
CA LEU A 43 7.70 2.25 -6.00
C LEU A 43 8.81 2.95 -6.79
N LEU A 44 8.90 4.26 -6.60
CA LEU A 44 9.90 5.05 -7.29
C LEU A 44 11.26 4.86 -6.61
N PRO A 45 12.34 5.10 -7.40
CA PRO A 45 13.68 4.96 -6.88
C PRO A 45 14.04 6.12 -5.96
N GLY A 46 13.91 7.32 -6.49
CA GLY A 46 14.21 8.52 -5.74
C GLY A 46 13.01 8.98 -4.91
N SER A 47 12.44 8.02 -4.18
CA SER A 47 11.29 8.31 -3.34
C SER A 47 11.53 7.79 -1.92
N PRO A 48 10.74 8.35 -0.97
CA PRO A 48 10.87 7.96 0.43
C PRO A 48 10.24 6.58 0.66
N ALA A 49 9.10 6.36 0.03
CA ALA A 49 8.41 5.09 0.17
C ALA A 49 9.37 3.95 -0.17
N ALA A 50 10.40 4.29 -0.92
CA ALA A 50 11.39 3.31 -1.33
C ALA A 50 12.56 3.34 -0.34
N ALA A 51 12.82 4.53 0.17
CA ALA A 51 13.92 4.71 1.11
C ALA A 51 13.72 3.76 2.30
N ASP A 52 12.47 3.67 2.74
CA ASP A 52 12.13 2.81 3.86
C ASP A 52 12.60 1.39 3.57
N GLY A 53 12.06 0.84 2.49
CA GLY A 53 12.41 -0.52 2.08
C GLY A 53 11.24 -1.48 2.32
N ARG A 54 10.74 -1.46 3.55
CA ARG A 54 9.62 -2.33 3.91
C ARG A 54 8.53 -2.26 2.84
N LEU A 55 8.22 -1.03 2.43
CA LEU A 55 7.21 -0.81 1.43
C LEU A 55 7.55 -1.62 0.17
N SER A 56 6.78 -2.68 -0.05
CA SER A 56 6.99 -3.53 -1.21
C SER A 56 5.65 -3.81 -1.90
N LEU A 57 5.71 -3.86 -3.21
CA LEU A 57 4.52 -4.13 -4.01
C LEU A 57 3.74 -5.28 -3.38
N GLY A 58 2.47 -5.01 -3.09
CA GLY A 58 1.61 -6.02 -2.49
C GLY A 58 1.16 -5.59 -1.09
N ASP A 59 1.84 -4.56 -0.59
CA ASP A 59 1.52 -4.04 0.73
C ASP A 59 0.03 -3.75 0.83
N ARG A 60 -0.43 -3.59 2.06
CA ARG A 60 -1.84 -3.32 2.30
C ARG A 60 -1.99 -2.15 3.28
N ILE A 61 -2.50 -1.04 2.76
CA ILE A 61 -2.70 0.14 3.58
C ILE A 61 -3.94 -0.05 4.45
N LEU A 62 -3.75 0.17 5.74
CA LEU A 62 -4.85 0.02 6.69
C LEU A 62 -5.25 1.41 7.22
N GLU A 63 -4.25 2.28 7.30
CA GLU A 63 -4.49 3.63 7.79
C GLU A 63 -3.57 4.62 7.05
N VAL A 64 -3.98 5.88 7.08
CA VAL A 64 -3.21 6.93 6.43
C VAL A 64 -3.22 8.18 7.30
N ASN A 65 -2.06 8.48 7.86
CA ASN A 65 -1.91 9.63 8.73
C ASN A 65 -2.74 9.43 10.00
N GLY A 66 -3.07 8.17 10.26
CA GLY A 66 -3.86 7.83 11.42
C GLY A 66 -5.35 7.89 11.12
N SER A 67 -5.68 7.64 9.85
CA SER A 67 -7.06 7.66 9.41
C SER A 67 -7.46 6.28 8.89
N SER A 68 -8.55 5.77 9.46
CA SER A 68 -9.05 4.45 9.07
C SER A 68 -9.34 4.43 7.57
N LEU A 69 -8.83 3.39 6.92
CA LEU A 69 -9.01 3.24 5.49
C LEU A 69 -9.68 1.89 5.20
N LEU A 70 -10.80 1.67 5.86
CA LEU A 70 -11.54 0.42 5.70
C LEU A 70 -12.70 0.65 4.73
N GLY A 71 -13.67 1.44 5.19
CA GLY A 71 -14.83 1.74 4.37
C GLY A 71 -14.60 3.00 3.53
N LEU A 72 -13.34 3.41 3.48
CA LEU A 72 -12.98 4.60 2.72
C LEU A 72 -12.58 4.18 1.31
N GLY A 73 -13.34 4.67 0.34
CA GLY A 73 -13.07 4.36 -1.06
C GLY A 73 -11.63 4.71 -1.44
N TYR A 74 -11.38 4.73 -2.73
CA TYR A 74 -10.04 5.05 -3.23
C TYR A 74 -9.78 6.55 -3.13
N LEU A 75 -10.52 7.30 -3.94
CA LEU A 75 -10.36 8.75 -3.96
C LEU A 75 -10.32 9.27 -2.52
N ARG A 76 -11.23 8.75 -1.71
CA ARG A 76 -11.30 9.16 -0.31
C ARG A 76 -9.95 8.96 0.36
N ALA A 77 -9.33 7.82 0.09
CA ALA A 77 -8.04 7.51 0.66
C ALA A 77 -6.95 8.27 -0.10
N VAL A 78 -7.20 8.46 -1.39
CA VAL A 78 -6.25 9.16 -2.24
C VAL A 78 -6.16 10.62 -1.80
N ASP A 79 -7.32 11.22 -1.60
CA ASP A 79 -7.39 12.60 -1.17
C ASP A 79 -6.68 12.76 0.16
N LEU A 80 -6.76 11.72 0.98
CA LEU A 80 -6.12 11.73 2.28
C LEU A 80 -4.61 11.88 2.10
N ILE A 81 -4.05 10.99 1.31
CA ILE A 81 -2.62 11.01 1.04
C ILE A 81 -2.27 12.26 0.24
N ARG A 82 -3.25 12.73 -0.53
CA ARG A 82 -3.06 13.91 -1.34
C ARG A 82 -2.82 15.13 -0.46
N HIS A 83 -3.75 15.36 0.45
CA HIS A 83 -3.66 16.49 1.37
C HIS A 83 -2.94 16.05 2.64
N GLY A 84 -1.97 15.16 2.47
CA GLY A 84 -1.20 14.66 3.59
C GLY A 84 -0.46 15.80 4.31
N GLY A 85 0.81 15.53 4.62
CA GLY A 85 1.63 16.52 5.29
C GLY A 85 3.11 16.23 5.07
N LYS A 86 3.94 17.04 5.72
CA LYS A 86 5.39 16.88 5.60
C LYS A 86 5.73 15.39 5.60
N LYS A 87 5.14 14.67 6.54
CA LYS A 87 5.38 13.25 6.66
C LYS A 87 4.04 12.51 6.61
N MET A 88 4.01 11.44 5.82
CA MET A 88 2.80 10.65 5.68
C MET A 88 2.95 9.31 6.40
N ARG A 89 1.98 9.01 7.25
CA ARG A 89 1.97 7.77 7.99
C ARG A 89 0.99 6.77 7.38
N PHE A 90 1.42 5.52 7.32
CA PHE A 90 0.59 4.47 6.76
C PHE A 90 0.69 3.18 7.60
N LEU A 91 -0.46 2.57 7.81
CA LEU A 91 -0.51 1.34 8.59
C LEU A 91 -0.50 0.14 7.64
N VAL A 92 0.71 -0.31 7.32
CA VAL A 92 0.88 -1.45 6.44
C VAL A 92 0.87 -2.73 7.26
N ALA A 93 0.54 -3.82 6.57
CA ALA A 93 0.50 -5.13 7.23
C ALA A 93 1.45 -6.09 6.51
N LYS A 94 1.69 -7.22 7.16
CA LYS A 94 2.58 -8.22 6.59
C LYS A 94 1.82 -9.02 5.52
N SER A 95 1.99 -8.59 4.28
CA SER A 95 1.33 -9.24 3.17
C SER A 95 2.13 -10.49 2.74
N ASP A 96 1.50 -11.30 1.92
CA ASP A 96 2.13 -12.52 1.43
C ASP A 96 2.51 -12.33 -0.04
N VAL A 97 3.33 -13.26 -0.53
CA VAL A 97 3.77 -13.22 -1.90
C VAL A 97 2.55 -13.30 -2.83
N GLU A 98 1.73 -14.31 -2.59
CA GLU A 98 0.53 -14.52 -3.38
C GLU A 98 -0.20 -13.18 -3.60
N THR A 99 -0.40 -12.47 -2.50
CA THR A 99 -1.08 -11.18 -2.55
C THR A 99 -0.46 -10.30 -3.63
N ALA A 100 0.87 -10.31 -3.66
CA ALA A 100 1.60 -9.51 -4.63
C ALA A 100 1.31 -10.04 -6.04
N LYS A 101 1.34 -11.35 -6.16
CA LYS A 101 1.08 -11.99 -7.43
C LYS A 101 -0.16 -11.38 -8.07
N LYS A 102 -1.25 -11.41 -7.31
CA LYS A 102 -2.51 -10.86 -7.78
C LYS A 102 -2.31 -9.40 -8.17
N ILE A 103 -1.52 -8.71 -7.37
CA ILE A 103 -1.24 -7.31 -7.61
C ILE A 103 -0.51 -7.16 -8.94
N HIS A 104 0.36 -8.13 -9.21
CA HIS A 104 1.14 -8.12 -10.45
C HIS A 104 1.43 -9.56 -10.88
N SER A 105 0.77 -9.96 -11.96
CA SER A 105 0.96 -11.31 -12.48
C SER A 105 1.99 -11.29 -13.61
N GLY A 106 1.62 -10.62 -14.69
CA GLY A 106 2.50 -10.52 -15.84
C GLY A 106 2.28 -11.68 -16.81
N PRO A 107 2.88 -11.55 -18.01
CA PRO A 107 2.76 -12.59 -19.03
C PRO A 107 3.63 -13.80 -18.69
N SER A 108 3.27 -14.94 -19.27
CA SER A 108 4.00 -16.16 -19.04
C SER A 108 3.74 -16.66 -17.61
N SER A 109 3.79 -17.99 -17.46
CA SER A 109 3.56 -18.60 -16.17
C SER A 109 4.82 -18.50 -15.31
N GLY A 110 4.61 -18.36 -14.01
CA GLY A 110 5.71 -18.25 -13.08
C GLY A 110 5.39 -17.25 -11.96
#